data_6QYV
# 
_entry.id   6QYV 
# 
_audit_conform.dict_name       mmcif_pdbx.dic 
_audit_conform.dict_version    5.397 
_audit_conform.dict_location   http://mmcif.pdb.org/dictionaries/ascii/mmcif_pdbx.dic 
# 
loop_
_database_2.database_id 
_database_2.database_code 
_database_2.pdbx_database_accession 
_database_2.pdbx_DOI 
PDB   6QYV         pdb_00006qyv 10.2210/pdb6qyv/pdb 
WWPDB D_1292101155 ?            ?                   
BMRB  34373        ?            10.13018/BMR34373   
# 
loop_
_pdbx_audit_revision_history.ordinal 
_pdbx_audit_revision_history.data_content_type 
_pdbx_audit_revision_history.major_revision 
_pdbx_audit_revision_history.minor_revision 
_pdbx_audit_revision_history.revision_date 
1 'Structure model' 1 0 2019-09-11 
2 'Structure model' 1 1 2019-10-02 
3 'Structure model' 1 2 2024-10-16 
# 
_pdbx_audit_revision_details.ordinal             1 
_pdbx_audit_revision_details.revision_ordinal    1 
_pdbx_audit_revision_details.data_content_type   'Structure model' 
_pdbx_audit_revision_details.provider            repository 
_pdbx_audit_revision_details.type                'Initial release' 
_pdbx_audit_revision_details.description         ? 
_pdbx_audit_revision_details.details             ? 
# 
loop_
_pdbx_audit_revision_group.ordinal 
_pdbx_audit_revision_group.revision_ordinal 
_pdbx_audit_revision_group.data_content_type 
_pdbx_audit_revision_group.group 
1 2 'Structure model' 'Data collection'      
2 2 'Structure model' 'Database references'  
3 3 'Structure model' 'Data collection'      
4 3 'Structure model' 'Database references'  
5 3 'Structure model' 'Derived calculations' 
6 3 'Structure model' 'Structure summary'    
# 
loop_
_pdbx_audit_revision_category.ordinal 
_pdbx_audit_revision_category.revision_ordinal 
_pdbx_audit_revision_category.data_content_type 
_pdbx_audit_revision_category.category 
1 2 'Structure model' citation                  
2 2 'Structure model' citation_author           
3 3 'Structure model' chem_comp_atom            
4 3 'Structure model' chem_comp_bond            
5 3 'Structure model' database_2                
6 3 'Structure model' pdbx_entry_details        
7 3 'Structure model' pdbx_modification_feature 
8 3 'Structure model' struct_conn               
# 
loop_
_pdbx_audit_revision_item.ordinal 
_pdbx_audit_revision_item.revision_ordinal 
_pdbx_audit_revision_item.data_content_type 
_pdbx_audit_revision_item.item 
1  2 'Structure model' '_citation.journal_volume'            
2  2 'Structure model' '_citation.page_first'                
3  2 'Structure model' '_citation.page_last'                 
4  2 'Structure model' '_citation_author.identifier_ORCID'   
5  3 'Structure model' '_database_2.pdbx_DOI'                
6  3 'Structure model' '_database_2.pdbx_database_accession' 
7  3 'Structure model' '_struct_conn.pdbx_dist_value'        
8  3 'Structure model' '_struct_conn.pdbx_leaving_atom_flag' 
9  3 'Structure model' '_struct_conn.ptnr1_label_atom_id'    
10 3 'Structure model' '_struct_conn.ptnr2_auth_comp_id'     
11 3 'Structure model' '_struct_conn.ptnr2_auth_seq_id'      
12 3 'Structure model' '_struct_conn.ptnr2_label_atom_id'    
13 3 'Structure model' '_struct_conn.ptnr2_label_comp_id'    
14 3 'Structure model' '_struct_conn.ptnr2_label_seq_id'     
# 
_pdbx_database_status.status_code                     REL 
_pdbx_database_status.status_code_sf                  ? 
_pdbx_database_status.status_code_mr                  REL 
_pdbx_database_status.entry_id                        6QYV 
_pdbx_database_status.recvd_initial_deposition_date   2019-03-09 
_pdbx_database_status.SG_entry                        N 
_pdbx_database_status.deposit_site                    PDBE 
_pdbx_database_status.process_site                    PDBE 
_pdbx_database_status.status_code_cs                  REL 
_pdbx_database_status.methods_development_category    ? 
_pdbx_database_status.pdb_format_compatible           Y 
_pdbx_database_status.status_code_nmr_data            ? 
# 
loop_
_pdbx_database_related.db_name 
_pdbx_database_related.details 
_pdbx_database_related.db_id 
_pdbx_database_related.content_type 
PDB  .                                                                                                                           
1WCO  unspecified 
PDB  'solution nmr of synthetic Nisin Ring B (Lan8,11) analogue'                                                                 
6QM1  unspecified 
PDB  'solution nmr of synthetic Mutacin I Ring B, major conformer'                                                               
6QTF  unspecified 
PDB  'solution nmr of synthetic Mutacin I Ring B, minor conformer'                                                               
6QYR  unspecified 
PDB  'solution nmr of synthetic nisin ring B'                                                                                    
6QYS  unspecified 
PDB  'solution nmr of synthetic Mutacin I Ring A truncated analogue'                                                             
6QYT  unspecified 
PDB  'solution nmr of synthetic mutacin I ring A'                                                                                
6QYU  unspecified 
BMRB 'Solution NMR of synthetic analogues of nisin and mutacin ring A and ring B - Mutacin I Ring A (Ser2, Ala5, Ala8) analogue' 
34373 unspecified 
# 
loop_
_audit_author.name 
_audit_author.pdbx_ordinal 
_audit_author.identifier_ORCID 
'Dickman, R.'    1 0000-0003-3139-5423 
'Mitchell, S.A.' 2 ?                   
'Figueiredo, A.' 3 0000-0001-7039-5341 
'Hansen, D.F.'   4 0000-0003-0891-220X 
'Tabor, A.B.'    5 0000-0001-8216-0347 
# 
loop_
_citation.abstract 
_citation.abstract_id_CAS 
_citation.book_id_ISBN 
_citation.book_publisher 
_citation.book_publisher_city 
_citation.book_title 
_citation.coordinate_linkage 
_citation.country 
_citation.database_id_Medline 
_citation.details 
_citation.id 
_citation.journal_abbrev 
_citation.journal_id_ASTM 
_citation.journal_id_CSD 
_citation.journal_id_ISSN 
_citation.journal_full 
_citation.journal_issue 
_citation.journal_volume 
_citation.language 
_citation.page_first 
_citation.page_last 
_citation.title 
_citation.year 
_citation.database_id_CSD 
_citation.pdbx_database_id_DOI 
_citation.pdbx_database_id_PubMed 
_citation.unpublished_flag 
? ? ? ? ? ? ? US ? ? primary J.Org.Chem.       JOCEAH 0035 0022-3263 ? ? 84 ? 11493 11512 
;Molecular Recognition of Lipid II by Lantibiotics: Synthesis and Conformational Studies of Analogues of Nisin and Mutacin Rings A and B.
;
2019 ? 10.1021/acs.joc.9b01253 31464129 ? 
? ? ? ? ? ? ? ?  ? ? 1       'To Be Published' ?      0353 ?         ? ? ?  ? ?     ?     
;A chemical biology approach to understanding molecular recognition of lipid II by nisin: Solid-phase synthesis and NMR ensemble analysis of nisin(1-12) and a synthetic ana-logue.
;
?    ? ?                       ?        ? 
# 
loop_
_citation_author.citation_id 
_citation_author.name 
_citation_author.ordinal 
_citation_author.identifier_ORCID 
primary 'Dickman, R.'      1  ?                   
primary 'Mitchell, S.A.'   2  ?                   
primary 'Figueiredo, A.M.' 3  ?                   
primary 'Hansen, D.F.'     4  ?                   
primary 'Tabor, A.B.'      5  ?                   
1       'Dickman, R.'      6  0000-0003-3139-5423 
1       'Danelius, E.'     7  0000-0002-7322-9661 
1       'Mitchell, S.A.'   8  ?                   
1       'Hansen, D.F.'     9  0000-0003-0891-220X 
1       'Erdelyi, M.'      10 0000-0003-0359-5970 
1       'Tabor, A.B.'      11 0000-0001-8216-0347 
# 
_entity.id                         1 
_entity.type                       polymer 
_entity.src_method                 syn 
_entity.pdbx_description           PHE-SER-DAL-LEU-ALA-LEU-CYS-ALA 
_entity.formula_weight             794.959 
_entity.pdbx_number_of_molecules   1 
_entity.pdbx_ec                    ? 
_entity.pdbx_mutation              ? 
_entity.pdbx_fragment              ? 
_entity.details                    ? 
# 
_entity_poly.entity_id                      1 
_entity_poly.type                           'polypeptide(L)' 
_entity_poly.nstd_linkage                   no 
_entity_poly.nstd_monomer                   yes 
_entity_poly.pdbx_seq_one_letter_code       'FS(DAL)LALCA' 
_entity_poly.pdbx_seq_one_letter_code_can   FSALALCA 
_entity_poly.pdbx_strand_id                 A 
_entity_poly.pdbx_target_identifier         ? 
# 
loop_
_entity_poly_seq.entity_id 
_entity_poly_seq.num 
_entity_poly_seq.mon_id 
_entity_poly_seq.hetero 
1 1 PHE n 
1 2 SER n 
1 3 DAL n 
1 4 LEU n 
1 5 ALA n 
1 6 LEU n 
1 7 CYS n 
1 8 ALA n 
# 
_pdbx_entity_src_syn.entity_id              1 
_pdbx_entity_src_syn.pdbx_src_id            1 
_pdbx_entity_src_syn.pdbx_alt_source_flag   sample 
_pdbx_entity_src_syn.pdbx_beg_seq_num       1 
_pdbx_entity_src_syn.pdbx_end_seq_num       8 
_pdbx_entity_src_syn.organism_scientific    'Lactococcus lactis' 
_pdbx_entity_src_syn.organism_common_name   ? 
_pdbx_entity_src_syn.ncbi_taxonomy_id       1358 
_pdbx_entity_src_syn.details                ? 
# 
loop_
_chem_comp.id 
_chem_comp.type 
_chem_comp.mon_nstd_flag 
_chem_comp.name 
_chem_comp.pdbx_synonyms 
_chem_comp.formula 
_chem_comp.formula_weight 
ALA 'L-peptide linking' y ALANINE       ? 'C3 H7 N O2'   89.093  
CYS 'L-peptide linking' y CYSTEINE      ? 'C3 H7 N O2 S' 121.158 
DAL 'D-peptide linking' . D-ALANINE     ? 'C3 H7 N O2'   89.093  
LEU 'L-peptide linking' y LEUCINE       ? 'C6 H13 N O2'  131.173 
PHE 'L-peptide linking' y PHENYLALANINE ? 'C9 H11 N O2'  165.189 
SER 'L-peptide linking' y SERINE        ? 'C3 H7 N O3'   105.093 
# 
loop_
_pdbx_poly_seq_scheme.asym_id 
_pdbx_poly_seq_scheme.entity_id 
_pdbx_poly_seq_scheme.seq_id 
_pdbx_poly_seq_scheme.mon_id 
_pdbx_poly_seq_scheme.ndb_seq_num 
_pdbx_poly_seq_scheme.pdb_seq_num 
_pdbx_poly_seq_scheme.auth_seq_num 
_pdbx_poly_seq_scheme.pdb_mon_id 
_pdbx_poly_seq_scheme.auth_mon_id 
_pdbx_poly_seq_scheme.pdb_strand_id 
_pdbx_poly_seq_scheme.pdb_ins_code 
_pdbx_poly_seq_scheme.hetero 
A 1 1 PHE 1 1 1 PHE PHE A . n 
A 1 2 SER 2 2 2 SER SER A . n 
A 1 3 DAL 3 3 3 DAL DAL A . n 
A 1 4 LEU 4 4 4 LEU LEU A . n 
A 1 5 ALA 5 5 5 ALA ALA A . n 
A 1 6 LEU 6 6 6 LEU LEU A . n 
A 1 7 CYS 7 7 7 CYS CYS A . n 
A 1 8 ALA 8 8 8 ALA ALA A . n 
# 
_exptl.absorpt_coefficient_mu     ? 
_exptl.absorpt_correction_T_max   ? 
_exptl.absorpt_correction_T_min   ? 
_exptl.absorpt_correction_type    ? 
_exptl.absorpt_process_details    ? 
_exptl.entry_id                   6QYV 
_exptl.crystals_number            ? 
_exptl.details                    ? 
_exptl.method                     'SOLUTION NMR' 
_exptl.method_details             ? 
# 
_struct.entry_id                     6QYV 
_struct.title                        
'Solution NMR of synthetic analogues of nisin and mutacin ring A and ring B - Mutacin I Ring A (Ser2, Ala5, Ala8) analogue' 
_struct.pdbx_model_details           ? 
_struct.pdbx_formula_weight          ? 
_struct.pdbx_formula_weight_method   ? 
_struct.pdbx_model_type_details      ? 
_struct.pdbx_CASP_flag               N 
# 
_struct_keywords.entry_id        6QYV 
_struct_keywords.text            'PEPTIDE ANTIBIOTIC, LANTIBIOTIC, ANTIMICROBIAL, BACTERIOCIN, THIOESTER, ANTIBIOTIC' 
_struct_keywords.pdbx_keywords   ANTIBIOTIC 
# 
_struct_asym.id                            A 
_struct_asym.pdbx_blank_PDB_chainid_flag   N 
_struct_asym.pdbx_modified                 N 
_struct_asym.entity_id                     1 
_struct_asym.details                       ? 
# 
_struct_ref.id                         1 
_struct_ref.db_name                    PDB 
_struct_ref.db_code                    6QYV 
_struct_ref.pdbx_db_accession          6QYV 
_struct_ref.pdbx_db_isoform            ? 
_struct_ref.entity_id                  1 
_struct_ref.pdbx_seq_one_letter_code   ? 
_struct_ref.pdbx_align_begin           1 
# 
_struct_ref_seq.align_id                      1 
_struct_ref_seq.ref_id                        1 
_struct_ref_seq.pdbx_PDB_id_code              6QYV 
_struct_ref_seq.pdbx_strand_id                A 
_struct_ref_seq.seq_align_beg                 1 
_struct_ref_seq.pdbx_seq_align_beg_ins_code   ? 
_struct_ref_seq.seq_align_end                 8 
_struct_ref_seq.pdbx_seq_align_end_ins_code   ? 
_struct_ref_seq.pdbx_db_accession             6QYV 
_struct_ref_seq.db_align_beg                  1 
_struct_ref_seq.pdbx_db_align_beg_ins_code    ? 
_struct_ref_seq.db_align_end                  8 
_struct_ref_seq.pdbx_db_align_end_ins_code    ? 
_struct_ref_seq.pdbx_auth_seq_align_beg       1 
_struct_ref_seq.pdbx_auth_seq_align_end       8 
# 
_pdbx_struct_assembly.id                   1 
_pdbx_struct_assembly.details              author_and_software_defined_assembly 
_pdbx_struct_assembly.method_details       PISA 
_pdbx_struct_assembly.oligomeric_details   monomeric 
_pdbx_struct_assembly.oligomeric_count     1 
# 
loop_
_pdbx_struct_assembly_prop.biol_id 
_pdbx_struct_assembly_prop.type 
_pdbx_struct_assembly_prop.value 
_pdbx_struct_assembly_prop.details 
1 'ABSA (A^2)' 0   ? 
1 MORE         0   ? 
1 'SSA (A^2)'  980 ? 
# 
_pdbx_struct_assembly_gen.assembly_id       1 
_pdbx_struct_assembly_gen.oper_expression   1 
_pdbx_struct_assembly_gen.asym_id_list      A 
# 
_pdbx_struct_assembly_auth_evidence.id                     1 
_pdbx_struct_assembly_auth_evidence.assembly_id            1 
_pdbx_struct_assembly_auth_evidence.experimental_support   none 
_pdbx_struct_assembly_auth_evidence.details                ? 
# 
_pdbx_struct_oper_list.id                   1 
_pdbx_struct_oper_list.type                 'identity operation' 
_pdbx_struct_oper_list.name                 1_555 
_pdbx_struct_oper_list.symmetry_operation   ? 
_pdbx_struct_oper_list.matrix[1][1]         1.0000000000 
_pdbx_struct_oper_list.matrix[1][2]         0.0000000000 
_pdbx_struct_oper_list.matrix[1][3]         0.0000000000 
_pdbx_struct_oper_list.vector[1]            0.0000000000 
_pdbx_struct_oper_list.matrix[2][1]         0.0000000000 
_pdbx_struct_oper_list.matrix[2][2]         1.0000000000 
_pdbx_struct_oper_list.matrix[2][3]         0.0000000000 
_pdbx_struct_oper_list.vector[2]            0.0000000000 
_pdbx_struct_oper_list.matrix[3][1]         0.0000000000 
_pdbx_struct_oper_list.matrix[3][2]         0.0000000000 
_pdbx_struct_oper_list.matrix[3][3]         1.0000000000 
_pdbx_struct_oper_list.vector[3]            0.0000000000 
# 
loop_
_struct_conn.id 
_struct_conn.conn_type_id 
_struct_conn.pdbx_leaving_atom_flag 
_struct_conn.pdbx_PDB_id 
_struct_conn.ptnr1_label_asym_id 
_struct_conn.ptnr1_label_comp_id 
_struct_conn.ptnr1_label_seq_id 
_struct_conn.ptnr1_label_atom_id 
_struct_conn.pdbx_ptnr1_label_alt_id 
_struct_conn.pdbx_ptnr1_PDB_ins_code 
_struct_conn.pdbx_ptnr1_standard_comp_id 
_struct_conn.ptnr1_symmetry 
_struct_conn.ptnr2_label_asym_id 
_struct_conn.ptnr2_label_comp_id 
_struct_conn.ptnr2_label_seq_id 
_struct_conn.ptnr2_label_atom_id 
_struct_conn.pdbx_ptnr2_label_alt_id 
_struct_conn.pdbx_ptnr2_PDB_ins_code 
_struct_conn.ptnr1_auth_asym_id 
_struct_conn.ptnr1_auth_comp_id 
_struct_conn.ptnr1_auth_seq_id 
_struct_conn.ptnr2_auth_asym_id 
_struct_conn.ptnr2_auth_comp_id 
_struct_conn.ptnr2_auth_seq_id 
_struct_conn.ptnr2_symmetry 
_struct_conn.pdbx_ptnr3_label_atom_id 
_struct_conn.pdbx_ptnr3_label_seq_id 
_struct_conn.pdbx_ptnr3_label_comp_id 
_struct_conn.pdbx_ptnr3_label_asym_id 
_struct_conn.pdbx_ptnr3_label_alt_id 
_struct_conn.pdbx_ptnr3_PDB_ins_code 
_struct_conn.details 
_struct_conn.pdbx_dist_value 
_struct_conn.pdbx_value_order 
_struct_conn.pdbx_role 
covale1 covale both ? A SER 2 C  ? ? ? 1_555 A DAL 3 N  ? ? A SER 2 A DAL 3 1_555 ? ? ? ? ? ? ? 1.329 ? ? 
covale2 covale both ? A DAL 3 C  ? ? ? 1_555 A LEU 4 N  ? ? A DAL 3 A LEU 4 1_555 ? ? ? ? ? ? ? 1.329 ? ? 
covale3 covale none ? A DAL 3 CB ? ? ? 1_555 A CYS 7 SG ? ? A DAL 3 A CYS 7 1_555 ? ? ? ? ? ? ? 1.810 ? ? 
# 
_struct_conn_type.id          covale 
_struct_conn_type.criteria    ? 
_struct_conn_type.reference   ? 
# 
_pdbx_modification_feature.ordinal                            1 
_pdbx_modification_feature.label_comp_id                      DAL 
_pdbx_modification_feature.label_asym_id                      A 
_pdbx_modification_feature.label_seq_id                       3 
_pdbx_modification_feature.label_alt_id                       ? 
_pdbx_modification_feature.modified_residue_label_comp_id     CYS 
_pdbx_modification_feature.modified_residue_label_asym_id     A 
_pdbx_modification_feature.modified_residue_label_seq_id      7 
_pdbx_modification_feature.modified_residue_label_alt_id      ? 
_pdbx_modification_feature.auth_comp_id                       DAL 
_pdbx_modification_feature.auth_asym_id                       A 
_pdbx_modification_feature.auth_seq_id                        3 
_pdbx_modification_feature.PDB_ins_code                       ? 
_pdbx_modification_feature.symmetry                           1_555 
_pdbx_modification_feature.modified_residue_auth_comp_id      CYS 
_pdbx_modification_feature.modified_residue_auth_asym_id      A 
_pdbx_modification_feature.modified_residue_auth_seq_id       7 
_pdbx_modification_feature.modified_residue_PDB_ins_code      ? 
_pdbx_modification_feature.modified_residue_symmetry          1_555 
_pdbx_modification_feature.comp_id_linking_atom               CB 
_pdbx_modification_feature.modified_residue_id_linking_atom   SG 
_pdbx_modification_feature.modified_residue_id                . 
_pdbx_modification_feature.ref_pcm_id                         . 
_pdbx_modification_feature.ref_comp_id                        . 
_pdbx_modification_feature.type                               None 
_pdbx_modification_feature.category                           'Non-standard linkage' 
# 
_pdbx_entry_details.entry_id                   6QYV 
_pdbx_entry_details.compound_details           ? 
_pdbx_entry_details.source_details             ? 
_pdbx_entry_details.nonpolymer_details         ? 
_pdbx_entry_details.sequence_details           ? 
_pdbx_entry_details.has_ligand_of_interest     ? 
_pdbx_entry_details.has_protein_modification   Y 
# 
_pdbx_validate_close_contact.id               1 
_pdbx_validate_close_contact.PDB_model_num    9 
_pdbx_validate_close_contact.auth_atom_id_1   OG 
_pdbx_validate_close_contact.auth_asym_id_1   A 
_pdbx_validate_close_contact.auth_comp_id_1   SER 
_pdbx_validate_close_contact.auth_seq_id_1    2 
_pdbx_validate_close_contact.PDB_ins_code_1   ? 
_pdbx_validate_close_contact.label_alt_id_1   ? 
_pdbx_validate_close_contact.auth_atom_id_2   H 
_pdbx_validate_close_contact.auth_asym_id_2   A 
_pdbx_validate_close_contact.auth_comp_id_2   DAL 
_pdbx_validate_close_contact.auth_seq_id_2    3 
_pdbx_validate_close_contact.PDB_ins_code_2   ? 
_pdbx_validate_close_contact.label_alt_id_2   ? 
_pdbx_validate_close_contact.dist             1.55 
# 
loop_
_pdbx_validate_torsion.id 
_pdbx_validate_torsion.PDB_model_num 
_pdbx_validate_torsion.auth_comp_id 
_pdbx_validate_torsion.auth_asym_id 
_pdbx_validate_torsion.auth_seq_id 
_pdbx_validate_torsion.PDB_ins_code 
_pdbx_validate_torsion.label_alt_id 
_pdbx_validate_torsion.phi 
_pdbx_validate_torsion.psi 
1  1  DAL A 3 ? ? 107.14  99.92   
2  1  LEU A 4 ? ? -126.62 -69.66  
3  1  LEU A 6 ? ? -147.09 47.74   
4  2  LEU A 4 ? ? -151.14 -68.55  
5  3  SER A 2 ? ? -75.49  38.22   
6  3  LEU A 4 ? ? 150.52  -53.54  
7  3  ALA A 5 ? ? -143.76 -58.24  
8  3  LEU A 6 ? ? -151.77 66.43   
9  4  DAL A 3 ? ? 33.88   -153.93 
10 4  LEU A 4 ? ? 175.87  -62.24  
11 4  ALA A 5 ? ? -144.02 -57.92  
12 4  LEU A 6 ? ? -144.30 45.26   
13 5  DAL A 3 ? ? 60.19   171.47  
14 5  LEU A 4 ? ? 170.41  -55.85  
15 5  ALA A 5 ? ? -144.30 -36.87  
16 6  DAL A 3 ? ? 66.08   145.87  
17 6  LEU A 4 ? ? -151.70 -68.77  
18 6  ALA A 5 ? ? -143.39 -17.19  
19 6  LEU A 6 ? ? -151.00 60.33   
20 7  SER A 2 ? ? -45.26  159.92  
21 7  DAL A 3 ? ? -58.68  -146.97 
22 7  LEU A 4 ? ? 170.98  -56.32  
23 7  ALA A 5 ? ? -144.52 -56.42  
24 7  LEU A 6 ? ? -150.39 58.83   
25 8  DAL A 3 ? ? 64.21   78.28   
26 8  LEU A 4 ? ? -141.70 -68.85  
27 8  ALA A 5 ? ? -142.79 -20.81  
28 8  LEU A 6 ? ? -143.78 56.88   
29 8  CYS A 7 ? ? -128.55 -64.45  
30 9  SER A 2 ? ? -168.76 -128.06 
31 9  DAL A 3 ? ? -51.99  82.43   
32 9  ALA A 5 ? ? -143.54 -20.57  
33 9  LEU A 6 ? ? -151.72 66.87   
34 10 DAL A 3 ? ? 54.14   143.87  
35 10 LEU A 4 ? ? -176.35 -63.38  
36 10 CYS A 7 ? ? -162.01 -64.35  
37 11 DAL A 3 ? ? 59.59   148.97  
38 11 LEU A 4 ? ? -117.77 -70.40  
39 11 ALA A 5 ? ? -144.29 -27.38  
40 11 LEU A 6 ? ? -151.18 69.60   
41 11 CYS A 7 ? ? -124.85 -71.47  
42 12 DAL A 3 ? ? 77.67   71.74   
43 12 LEU A 4 ? ? -119.28 -71.27  
44 12 ALA A 5 ? ? -143.48 -7.13   
45 13 DAL A 3 ? ? 33.01   79.78   
46 13 LEU A 4 ? ? -144.28 -68.64  
47 13 ALA A 5 ? ? -142.95 12.12   
48 13 LEU A 6 ? ? -114.16 -73.90  
49 14 LEU A 4 ? ? -154.94 -68.60  
50 14 ALA A 5 ? ? -143.64 -24.81  
51 14 CYS A 7 ? ? -158.40 -67.42  
52 15 DAL A 3 ? ? 53.71   115.93  
53 15 LEU A 4 ? ? -124.71 -69.40  
54 15 ALA A 5 ? ? -143.10 -19.67  
55 15 CYS A 7 ? ? -46.14  -13.50  
# 
_pdbx_nmr_ensemble.entry_id                                      6QYV 
_pdbx_nmr_ensemble.conformers_calculated_total_number            100 
_pdbx_nmr_ensemble.conformers_submitted_total_number             15 
_pdbx_nmr_ensemble.conformer_selection_criteria                  'structures with the lowest energy' 
_pdbx_nmr_ensemble.representative_conformer                      ? 
_pdbx_nmr_ensemble.average_constraints_per_residue               ? 
_pdbx_nmr_ensemble.average_constraint_violations_per_residue     ? 
_pdbx_nmr_ensemble.maximum_distance_constraint_violation         ? 
_pdbx_nmr_ensemble.average_distance_constraint_violation         ? 
_pdbx_nmr_ensemble.maximum_upper_distance_constraint_violation   ? 
_pdbx_nmr_ensemble.maximum_lower_distance_constraint_violation   ? 
_pdbx_nmr_ensemble.distance_constraint_violation_method          ? 
_pdbx_nmr_ensemble.maximum_torsion_angle_constraint_violation    ? 
_pdbx_nmr_ensemble.average_torsion_angle_constraint_violation    ? 
_pdbx_nmr_ensemble.torsion_angle_constraint_violation_method     ? 
# 
_pdbx_nmr_representative.entry_id             6QYV 
_pdbx_nmr_representative.conformer_id         1 
_pdbx_nmr_representative.selection_criteria   'closest to the average' 
# 
_pdbx_nmr_sample_details.solution_id      1 
_pdbx_nmr_sample_details.contents         '0.7 mg/mL Mutacin I Ring A (Ser2, Ala5, Ala8) analogue, DMSO' 
_pdbx_nmr_sample_details.solvent_system   DMSO 
_pdbx_nmr_sample_details.label            sample_1 
_pdbx_nmr_sample_details.type             'lyophilized powder' 
_pdbx_nmr_sample_details.details          ? 
# 
_pdbx_nmr_exptl_sample.solution_id           1 
_pdbx_nmr_exptl_sample.component             'Mutacin I Ring A (Ser2, Ala5, Ala8) analogue' 
_pdbx_nmr_exptl_sample.concentration         0.7 
_pdbx_nmr_exptl_sample.concentration_range   ? 
_pdbx_nmr_exptl_sample.concentration_units   mg/mL 
_pdbx_nmr_exptl_sample.isotopic_labeling     'natural abundance' 
# 
_pdbx_nmr_exptl_sample_conditions.conditions_id          1 
_pdbx_nmr_exptl_sample_conditions.temperature            298 
_pdbx_nmr_exptl_sample_conditions.pressure_units         atm 
_pdbx_nmr_exptl_sample_conditions.pressure               1 
_pdbx_nmr_exptl_sample_conditions.pH                     5.0 
_pdbx_nmr_exptl_sample_conditions.ionic_strength         'TFA salt' 
_pdbx_nmr_exptl_sample_conditions.details                ? 
_pdbx_nmr_exptl_sample_conditions.ionic_strength_err     ? 
_pdbx_nmr_exptl_sample_conditions.ionic_strength_units   'Not defined' 
_pdbx_nmr_exptl_sample_conditions.label                  DMSO_rt 
_pdbx_nmr_exptl_sample_conditions.pH_err                 ? 
_pdbx_nmr_exptl_sample_conditions.pH_units               pH 
_pdbx_nmr_exptl_sample_conditions.pressure_err           ? 
_pdbx_nmr_exptl_sample_conditions.temperature_err        ? 
_pdbx_nmr_exptl_sample_conditions.temperature_units      K 
# 
loop_
_pdbx_nmr_exptl.experiment_id 
_pdbx_nmr_exptl.conditions_id 
_pdbx_nmr_exptl.solution_id 
_pdbx_nmr_exptl.type 
_pdbx_nmr_exptl.spectrometer_id 
_pdbx_nmr_exptl.sample_state 
1 1 1 '2D 1H-1H COSY'  1 isotropic 
2 1 1 '2D 1H-1H NOESY' 1 isotropic 
3 1 1 '2D 1H-13C HSQC' 1 isotropic 
4 1 1 '2D 1H-13C HMBC' 1 isotropic 
# 
_pdbx_nmr_refine.entry_id           6QYV 
_pdbx_nmr_refine.method             'simulated annealing' 
_pdbx_nmr_refine.details            ? 
_pdbx_nmr_refine.software_ordinal   2 
# 
loop_
_pdbx_nmr_software.ordinal 
_pdbx_nmr_software.classification 
_pdbx_nmr_software.name 
_pdbx_nmr_software.version 
_pdbx_nmr_software.authors 
1 'structure calculation'     Xplor-NIH         2.45 'Schwieters, Kuszewski, Tjandra and Clore' 
2 refinement                  Xplor-NIH         2.45 'Schwieters, Kuszewski, Tjandra and Clore' 
3 'chemical shift assignment' 'CcpNmr Analysis' ?    CCPN                                       
4 'peak picking'              'CcpNmr Analysis' ?    CCPN                                       
# 
loop_
_chem_comp_atom.comp_id 
_chem_comp_atom.atom_id 
_chem_comp_atom.type_symbol 
_chem_comp_atom.pdbx_aromatic_flag 
_chem_comp_atom.pdbx_stereo_config 
_chem_comp_atom.pdbx_ordinal 
ALA N    N N N 1  
ALA CA   C N S 2  
ALA C    C N N 3  
ALA O    O N N 4  
ALA CB   C N N 5  
ALA OXT  O N N 6  
ALA H    H N N 7  
ALA H2   H N N 8  
ALA HA   H N N 9  
ALA HB1  H N N 10 
ALA HB2  H N N 11 
ALA HB3  H N N 12 
ALA HXT  H N N 13 
CYS N    N N N 14 
CYS CA   C N R 15 
CYS C    C N N 16 
CYS O    O N N 17 
CYS CB   C N N 18 
CYS SG   S N N 19 
CYS OXT  O N N 20 
CYS H    H N N 21 
CYS H2   H N N 22 
CYS HA   H N N 23 
CYS HB2  H N N 24 
CYS HB3  H N N 25 
CYS HG   H N N 26 
CYS HXT  H N N 27 
DAL N    N N N 28 
DAL CA   C N R 29 
DAL CB   C N N 30 
DAL C    C N N 31 
DAL O    O N N 32 
DAL OXT  O N N 33 
DAL H    H N N 34 
DAL H2   H N N 35 
DAL HA   H N N 36 
DAL HB1  H N N 37 
DAL HB2  H N N 38 
DAL HB3  H N N 39 
DAL HXT  H N N 40 
LEU N    N N N 41 
LEU CA   C N S 42 
LEU C    C N N 43 
LEU O    O N N 44 
LEU CB   C N N 45 
LEU CG   C N N 46 
LEU CD1  C N N 47 
LEU CD2  C N N 48 
LEU OXT  O N N 49 
LEU H    H N N 50 
LEU H2   H N N 51 
LEU HA   H N N 52 
LEU HB2  H N N 53 
LEU HB3  H N N 54 
LEU HG   H N N 55 
LEU HD11 H N N 56 
LEU HD12 H N N 57 
LEU HD13 H N N 58 
LEU HD21 H N N 59 
LEU HD22 H N N 60 
LEU HD23 H N N 61 
LEU HXT  H N N 62 
PHE N    N N N 63 
PHE CA   C N S 64 
PHE C    C N N 65 
PHE O    O N N 66 
PHE CB   C N N 67 
PHE CG   C Y N 68 
PHE CD1  C Y N 69 
PHE CD2  C Y N 70 
PHE CE1  C Y N 71 
PHE CE2  C Y N 72 
PHE CZ   C Y N 73 
PHE OXT  O N N 74 
PHE H    H N N 75 
PHE H2   H N N 76 
PHE HA   H N N 77 
PHE HB2  H N N 78 
PHE HB3  H N N 79 
PHE HD1  H N N 80 
PHE HD2  H N N 81 
PHE HE1  H N N 82 
PHE HE2  H N N 83 
PHE HZ   H N N 84 
PHE HXT  H N N 85 
SER N    N N N 86 
SER CA   C N S 87 
SER C    C N N 88 
SER O    O N N 89 
SER CB   C N N 90 
SER OG   O N N 91 
SER OXT  O N N 92 
SER H    H N N 93 
SER H2   H N N 94 
SER HA   H N N 95 
SER HB2  H N N 96 
SER HB3  H N N 97 
SER HG   H N N 98 
SER HXT  H N N 99 
# 
loop_
_chem_comp_bond.comp_id 
_chem_comp_bond.atom_id_1 
_chem_comp_bond.atom_id_2 
_chem_comp_bond.value_order 
_chem_comp_bond.pdbx_aromatic_flag 
_chem_comp_bond.pdbx_stereo_config 
_chem_comp_bond.pdbx_ordinal 
ALA N   CA   sing N N 1  
ALA N   H    sing N N 2  
ALA N   H2   sing N N 3  
ALA CA  C    sing N N 4  
ALA CA  CB   sing N N 5  
ALA CA  HA   sing N N 6  
ALA C   O    doub N N 7  
ALA C   OXT  sing N N 8  
ALA CB  HB1  sing N N 9  
ALA CB  HB2  sing N N 10 
ALA CB  HB3  sing N N 11 
ALA OXT HXT  sing N N 12 
CYS N   CA   sing N N 13 
CYS N   H    sing N N 14 
CYS N   H2   sing N N 15 
CYS CA  C    sing N N 16 
CYS CA  CB   sing N N 17 
CYS CA  HA   sing N N 18 
CYS C   O    doub N N 19 
CYS C   OXT  sing N N 20 
CYS CB  SG   sing N N 21 
CYS CB  HB2  sing N N 22 
CYS CB  HB3  sing N N 23 
CYS SG  HG   sing N N 24 
CYS OXT HXT  sing N N 25 
DAL N   CA   sing N N 26 
DAL N   H    sing N N 27 
DAL N   H2   sing N N 28 
DAL CA  CB   sing N N 29 
DAL CA  C    sing N N 30 
DAL CA  HA   sing N N 31 
DAL CB  HB1  sing N N 32 
DAL CB  HB2  sing N N 33 
DAL CB  HB3  sing N N 34 
DAL C   O    doub N N 35 
DAL C   OXT  sing N N 36 
DAL OXT HXT  sing N N 37 
LEU N   CA   sing N N 38 
LEU N   H    sing N N 39 
LEU N   H2   sing N N 40 
LEU CA  C    sing N N 41 
LEU CA  CB   sing N N 42 
LEU CA  HA   sing N N 43 
LEU C   O    doub N N 44 
LEU C   OXT  sing N N 45 
LEU CB  CG   sing N N 46 
LEU CB  HB2  sing N N 47 
LEU CB  HB3  sing N N 48 
LEU CG  CD1  sing N N 49 
LEU CG  CD2  sing N N 50 
LEU CG  HG   sing N N 51 
LEU CD1 HD11 sing N N 52 
LEU CD1 HD12 sing N N 53 
LEU CD1 HD13 sing N N 54 
LEU CD2 HD21 sing N N 55 
LEU CD2 HD22 sing N N 56 
LEU CD2 HD23 sing N N 57 
LEU OXT HXT  sing N N 58 
PHE N   CA   sing N N 59 
PHE N   H    sing N N 60 
PHE N   H2   sing N N 61 
PHE CA  C    sing N N 62 
PHE CA  CB   sing N N 63 
PHE CA  HA   sing N N 64 
PHE C   O    doub N N 65 
PHE C   OXT  sing N N 66 
PHE CB  CG   sing N N 67 
PHE CB  HB2  sing N N 68 
PHE CB  HB3  sing N N 69 
PHE CG  CD1  doub Y N 70 
PHE CG  CD2  sing Y N 71 
PHE CD1 CE1  sing Y N 72 
PHE CD1 HD1  sing N N 73 
PHE CD2 CE2  doub Y N 74 
PHE CD2 HD2  sing N N 75 
PHE CE1 CZ   doub Y N 76 
PHE CE1 HE1  sing N N 77 
PHE CE2 CZ   sing Y N 78 
PHE CE2 HE2  sing N N 79 
PHE CZ  HZ   sing N N 80 
PHE OXT HXT  sing N N 81 
SER N   CA   sing N N 82 
SER N   H    sing N N 83 
SER N   H2   sing N N 84 
SER CA  C    sing N N 85 
SER CA  CB   sing N N 86 
SER CA  HA   sing N N 87 
SER C   O    doub N N 88 
SER C   OXT  sing N N 89 
SER CB  OG   sing N N 90 
SER CB  HB2  sing N N 91 
SER CB  HB3  sing N N 92 
SER OG  HG   sing N N 93 
SER OXT HXT  sing N N 94 
# 
_pdbx_audit_support.funding_organization   'Engineering and Physical Sciences Research Council' 
_pdbx_audit_support.country                'United Kingdom' 
_pdbx_audit_support.grant_number           EP/L504889/1 
_pdbx_audit_support.ordinal                1 
# 
_pdbx_nmr_spectrometer.spectrometer_id   1 
_pdbx_nmr_spectrometer.model             AVANCE 
_pdbx_nmr_spectrometer.type              ? 
_pdbx_nmr_spectrometer.manufacturer      Bruker 
_pdbx_nmr_spectrometer.field_strength    600 
_pdbx_nmr_spectrometer.details           ? 
# 
_atom_sites.entry_id                    6QYV 
_atom_sites.fract_transf_matrix[1][1]   1.000000 
_atom_sites.fract_transf_matrix[1][2]   0.000000 
_atom_sites.fract_transf_matrix[1][3]   0.000000 
_atom_sites.fract_transf_matrix[2][1]   0.000000 
_atom_sites.fract_transf_matrix[2][2]   1.000000 
_atom_sites.fract_transf_matrix[2][3]   0.000000 
_atom_sites.fract_transf_matrix[3][1]   0.000000 
_atom_sites.fract_transf_matrix[3][2]   0.000000 
_atom_sites.fract_transf_matrix[3][3]   1.000000 
_atom_sites.fract_transf_vector[1]      0.00000 
_atom_sites.fract_transf_vector[2]      0.00000 
_atom_sites.fract_transf_vector[3]      0.00000 
# 
loop_
_atom_type.symbol 
C 
H 
N 
O 
S 
# 
loop_
_atom_site.group_PDB 
_atom_site.id 
_atom_site.type_symbol 
_atom_site.label_atom_id 
_atom_site.label_alt_id 
_atom_site.label_comp_id 
_atom_site.label_asym_id 
_atom_site.label_entity_id 
_atom_site.label_seq_id 
_atom_site.pdbx_PDB_ins_code 
_atom_site.Cartn_x 
_atom_site.Cartn_y 
_atom_site.Cartn_z 
_atom_site.occupancy 
_atom_site.B_iso_or_equiv 
_atom_site.pdbx_formal_charge 
_atom_site.auth_seq_id 
_atom_site.auth_comp_id 
_atom_site.auth_asym_id 
_atom_site.auth_atom_id 
_atom_site.pdbx_PDB_model_num 
ATOM   1    N N    . PHE A 1 1 ? -6.974  2.940  1.442  1.00 0.00 1 1 PHE A N    1  
ATOM   2    C CA   . PHE A 1 1 ? -6.361  1.975  2.401  1.00 0.00 ? 1 PHE A CA   1  
ATOM   3    C C    . PHE A 1 1 ? -4.901  2.341  2.620  1.00 0.00 ? 1 PHE A C    1  
ATOM   4    O O    . PHE A 1 1 ? -4.308  3.089  1.845  1.00 0.00 ? 1 PHE A O    1  
ATOM   5    C CB   . PHE A 1 1 ? -6.468  0.560  1.832  1.00 0.00 ? 1 PHE A CB   1  
ATOM   6    C CG   . PHE A 1 1 ? -7.480  0.565  0.730  1.00 0.00 ? 1 PHE A CG   1  
ATOM   7    C CD1  . PHE A 1 1 ? -7.075  0.338  -0.585 1.00 0.00 ? 1 PHE A CD1  1  
ATOM   8    C CD2  . PHE A 1 1 ? -8.822  0.803  1.029  1.00 0.00 ? 1 PHE A CD2  1  
ATOM   9    C CE1  . PHE A 1 1 ? -8.021  0.348  -1.614 1.00 0.00 ? 1 PHE A CE1  1  
ATOM   10   C CE2  . PHE A 1 1 ? -9.771  0.815  0.003  1.00 0.00 ? 1 PHE A CE2  1  
ATOM   11   C CZ   . PHE A 1 1 ? -9.369  0.587  -1.319 1.00 0.00 ? 1 PHE A CZ   1  
ATOM   12   H H1   . PHE A 1 1 ? -6.632  2.738  0.482  1.00 0.00 ? 1 PHE A H1   1  
ATOM   13   H H2   . PHE A 1 1 ? -6.706  3.910  1.710  1.00 0.00 ? 1 PHE A H2   1  
ATOM   14   H H3   . PHE A 1 1 ? -8.008  2.845  1.468  1.00 0.00 ? 1 PHE A H3   1  
ATOM   15   H HA   . PHE A 1 1 ? -6.888  2.025  3.342  1.00 0.00 ? 1 PHE A HA   1  
ATOM   16   H HB2  . PHE A 1 1 ? -5.511  0.249  1.440  1.00 0.00 ? 1 PHE A HB2  1  
ATOM   17   H HB3  . PHE A 1 1 ? -6.788  -0.126 2.603  1.00 0.00 ? 1 PHE A HB3  1  
ATOM   18   H HD1  . PHE A 1 1 ? -6.031  0.153  -0.802 1.00 0.00 ? 1 PHE A HD1  1  
ATOM   19   H HD2  . PHE A 1 1 ? -9.123  0.979  2.055  1.00 0.00 ? 1 PHE A HD2  1  
ATOM   20   H HE1  . PHE A 1 1 ? -7.713  0.172  -2.635 1.00 0.00 ? 1 PHE A HE1  1  
ATOM   21   H HE2  . PHE A 1 1 ? -10.810 0.999  0.230  1.00 0.00 ? 1 PHE A HE2  1  
ATOM   22   H HZ   . PHE A 1 1 ? -10.098 0.598  -2.109 1.00 0.00 ? 1 PHE A HZ   1  
ATOM   23   N N    . SER A 1 2 ? -4.336  1.802  3.687  1.00 0.00 ? 2 SER A N    1  
ATOM   24   C CA   . SER A 1 2 ? -2.942  2.067  4.022  1.00 0.00 ? 2 SER A CA   1  
ATOM   25   C C    . SER A 1 2 ? -2.066  0.870  3.660  1.00 0.00 ? 2 SER A C    1  
ATOM   26   O O    . SER A 1 2 ? -1.749  0.040  4.510  1.00 0.00 ? 2 SER A O    1  
ATOM   27   C CB   . SER A 1 2 ? -2.812  2.362  5.516  1.00 0.00 ? 2 SER A CB   1  
ATOM   28   O OG   . SER A 1 2 ? -4.076  2.769  6.025  1.00 0.00 ? 2 SER A OG   1  
ATOM   29   H H    . SER A 1 2 ? -4.869  1.217  4.260  1.00 0.00 ? 2 SER A H    1  
ATOM   30   H HA   . SER A 1 2 ? -2.604  2.928  3.466  1.00 0.00 ? 2 SER A HA   1  
ATOM   31   H HB2  . SER A 1 2 ? -2.490  1.474  6.035  1.00 0.00 ? 2 SER A HB2  1  
ATOM   32   H HB3  . SER A 1 2 ? -2.083  3.147  5.665  1.00 0.00 ? 2 SER A HB3  1  
ATOM   33   H HG   . SER A 1 2 ? -4.501  3.317  5.361  1.00 0.00 ? 2 SER A HG   1  
HETATM 34   N N    . DAL A 1 3 ? -1.681  0.789  2.391  1.00 0.00 ? 3 DAL A N    1  
HETATM 35   C CA   . DAL A 1 3 ? -0.842  -0.308 1.924  1.00 0.00 ? 3 DAL A CA   1  
HETATM 36   C CB   . DAL A 1 3 ? 0.332   0.244  1.111  1.00 0.00 ? 3 DAL A CB   1  
HETATM 37   C C    . DAL A 1 3 ? -1.660  -1.277 1.071  1.00 0.00 ? 3 DAL A C    1  
HETATM 38   O O    . DAL A 1 3 ? -2.392  -2.114 1.599  1.00 0.00 ? 3 DAL A O    1  
HETATM 39   H H    . DAL A 1 3 ? -1.963  1.481  1.757  1.00 0.00 ? 3 DAL A H    1  
HETATM 40   H HA   . DAL A 1 3 ? -0.453  -0.840 2.780  1.00 0.00 ? 3 DAL A HA   1  
HETATM 41   H HB1  . DAL A 1 3 ? 0.834   1.010  1.683  1.00 0.00 ? 3 DAL A HB1  1  
HETATM 42   H HB2  . DAL A 1 3 ? -0.035  0.670  0.189  1.00 0.00 ? 3 DAL A HB2  1  
ATOM   43   N N    . LEU A 1 4 ? -1.539  -1.153 -0.248 1.00 0.00 ? 4 LEU A N    1  
ATOM   44   C CA   . LEU A 1 4 ? -2.282  -2.024 -1.157 1.00 0.00 ? 4 LEU A CA   1  
ATOM   45   C C    . LEU A 1 4 ? -1.349  -2.698 -2.150 1.00 0.00 ? 4 LEU A C    1  
ATOM   46   O O    . LEU A 1 4 ? -1.140  -3.911 -2.089 1.00 0.00 ? 4 LEU A O    1  
ATOM   47   C CB   . LEU A 1 4 ? -3.348  -1.216 -1.904 1.00 0.00 ? 4 LEU A CB   1  
ATOM   48   C CG   . LEU A 1 4 ? -2.929  0.254  -1.966 1.00 0.00 ? 4 LEU A CG   1  
ATOM   49   C CD1  . LEU A 1 4 ? -3.798  0.991  -2.989 1.00 0.00 ? 4 LEU A CD1  1  
ATOM   50   C CD2  . LEU A 1 4 ? -3.112  0.895  -0.585 1.00 0.00 ? 4 LEU A CD2  1  
ATOM   51   H H    . LEU A 1 4 ? -0.944  -0.466 -0.613 1.00 0.00 ? 4 LEU A H    1  
ATOM   52   H HA   . LEU A 1 4 ? -2.771  -2.790 -0.586 1.00 0.00 ? 4 LEU A HA   1  
ATOM   53   H HB2  . LEU A 1 4 ? -3.461  -1.605 -2.906 1.00 0.00 ? 4 LEU A HB2  1  
ATOM   54   H HB3  . LEU A 1 4 ? -4.290  -1.297 -1.381 1.00 0.00 ? 4 LEU A HB3  1  
ATOM   55   H HG   . LEU A 1 4 ? -1.892  0.320  -2.261 1.00 0.00 ? 4 LEU A HG   1  
ATOM   56   H HD11 . LEU A 1 4 ? -4.547  0.318  -3.378 1.00 0.00 ? 4 LEU A HD11 1  
ATOM   57   H HD12 . LEU A 1 4 ? -3.177  1.344  -3.799 1.00 0.00 ? 4 LEU A HD12 1  
ATOM   58   H HD13 . LEU A 1 4 ? -4.280  1.832  -2.515 1.00 0.00 ? 4 LEU A HD13 1  
ATOM   59   H HD21 . LEU A 1 4 ? -3.589  0.190  0.080  1.00 0.00 ? 4 LEU A HD21 1  
ATOM   60   H HD22 . LEU A 1 4 ? -3.728  1.777  -0.676 1.00 0.00 ? 4 LEU A HD22 1  
ATOM   61   H HD23 . LEU A 1 4 ? -2.147  1.169  -0.188 1.00 0.00 ? 4 LEU A HD23 1  
ATOM   62   N N    . ALA A 1 5 ? -0.800  -1.920 -3.068 1.00 0.00 ? 5 ALA A N    1  
ATOM   63   C CA   . ALA A 1 5 ? 0.095   -2.473 -4.064 1.00 0.00 ? 5 ALA A CA   1  
ATOM   64   C C    . ALA A 1 5 ? 1.232   -1.502 -4.350 1.00 0.00 ? 5 ALA A C    1  
ATOM   65   O O    . ALA A 1 5 ? 2.085   -1.756 -5.201 1.00 0.00 ? 5 ALA A O    1  
ATOM   66   C CB   . ALA A 1 5 ? -0.693  -2.761 -5.336 1.00 0.00 ? 5 ALA A CB   1  
ATOM   67   H H    . ALA A 1 5 ? -1.001  -0.962 -3.083 1.00 0.00 ? 5 ALA A H    1  
ATOM   68   H HA   . ALA A 1 5 ? 0.508   -3.400 -3.692 1.00 0.00 ? 5 ALA A HA   1  
ATOM   69   H HB1  . ALA A 1 5 ? -1.641  -2.246 -5.290 1.00 0.00 ? 5 ALA A HB1  1  
ATOM   70   H HB2  . ALA A 1 5 ? -0.865  -3.823 -5.418 1.00 0.00 ? 5 ALA A HB2  1  
ATOM   71   H HB3  . ALA A 1 5 ? -0.134  -2.415 -6.191 1.00 0.00 ? 5 ALA A HB3  1  
ATOM   72   N N    . LEU A 1 6 ? 1.238   -0.393 -3.620 1.00 0.00 ? 6 LEU A N    1  
ATOM   73   C CA   . LEU A 1 6 ? 2.277   0.614  -3.784 1.00 0.00 ? 6 LEU A CA   1  
ATOM   74   C C    . LEU A 1 6 ? 2.573   1.293  -2.453 1.00 0.00 ? 6 LEU A C    1  
ATOM   75   O O    . LEU A 1 6 ? 2.640   2.519  -2.368 1.00 0.00 ? 6 LEU A O    1  
ATOM   76   C CB   . LEU A 1 6 ? 1.841   1.659  -4.812 1.00 0.00 ? 6 LEU A CB   1  
ATOM   77   C CG   . LEU A 1 6 ? 3.030   2.024  -5.704 1.00 0.00 ? 6 LEU A CG   1  
ATOM   78   C CD1  . LEU A 1 6 ? 3.282   0.895  -6.704 1.00 0.00 ? 6 LEU A CD1  1  
ATOM   79   C CD2  . LEU A 1 6 ? 2.723   3.318  -6.461 1.00 0.00 ? 6 LEU A CD2  1  
ATOM   80   H H    . LEU A 1 6 ? 0.535   -0.252 -2.953 1.00 0.00 ? 6 LEU A H    1  
ATOM   81   H HA   . LEU A 1 6 ? 3.175   0.132  -4.137 1.00 0.00 ? 6 LEU A HA   1  
ATOM   82   H HB2  . LEU A 1 6 ? 1.043   1.257  -5.420 1.00 0.00 ? 6 LEU A HB2  1  
ATOM   83   H HB3  . LEU A 1 6 ? 1.493   2.545  -4.300 1.00 0.00 ? 6 LEU A HB3  1  
ATOM   84   H HG   . LEU A 1 6 ? 3.909   2.163  -5.089 1.00 0.00 ? 6 LEU A HG   1  
ATOM   85   H HD11 . LEU A 1 6 ? 4.345   0.731  -6.804 1.00 0.00 ? 6 LEU A HD11 1  
ATOM   86   H HD12 . LEU A 1 6 ? 2.866   1.166  -7.664 1.00 0.00 ? 6 LEU A HD12 1  
ATOM   87   H HD13 . LEU A 1 6 ? 2.811   -0.012 -6.351 1.00 0.00 ? 6 LEU A HD13 1  
ATOM   88   H HD21 . LEU A 1 6 ? 3.174   4.152  -5.946 1.00 0.00 ? 6 LEU A HD21 1  
ATOM   89   H HD22 . LEU A 1 6 ? 1.654   3.460  -6.510 1.00 0.00 ? 6 LEU A HD22 1  
ATOM   90   H HD23 . LEU A 1 6 ? 3.125   3.252  -7.461 1.00 0.00 ? 6 LEU A HD23 1  
ATOM   91   N N    . CYS A 1 7 ? 2.750   0.483  -1.412 1.00 0.00 ? 7 CYS A N    1  
ATOM   92   C CA   . CYS A 1 7 ? 3.038   1.010  -0.083 1.00 0.00 ? 7 CYS A CA   1  
ATOM   93   C C    . CYS A 1 7 ? 4.402   1.691  -0.065 1.00 0.00 ? 7 CYS A C    1  
ATOM   94   O O    . CYS A 1 7 ? 4.720   2.438  0.859  1.00 0.00 ? 7 CYS A O    1  
ATOM   95   C CB   . CYS A 1 7 ? 3.015   -0.125 0.942  1.00 0.00 ? 7 CYS A CB   1  
ATOM   96   S SG   . CYS A 1 7 ? 1.496   -1.090 0.739  1.00 0.00 ? 7 CYS A SG   1  
ATOM   97   H H    . CYS A 1 7 ? 2.686   -0.486 -1.541 1.00 0.00 ? 7 CYS A H    1  
ATOM   98   H HA   . CYS A 1 7 ? 2.282   1.733  0.178  1.00 0.00 ? 7 CYS A HA   1  
ATOM   99   H HB2  . CYS A 1 7 ? 3.872   -0.765 0.790  1.00 0.00 ? 7 CYS A HB2  1  
ATOM   100  H HB3  . CYS A 1 7 ? 3.048   0.290  1.938  1.00 0.00 ? 7 CYS A HB3  1  
ATOM   101  N N    . ALA A 1 8 ? 5.203   1.426  -1.091 1.00 0.00 ? 8 ALA A N    1  
ATOM   102  C CA   . ALA A 1 8 ? 6.532   2.018  -1.184 1.00 0.00 ? 8 ALA A CA   1  
ATOM   103  C C    . ALA A 1 8 ? 6.470   3.515  -0.903 1.00 0.00 ? 8 ALA A C    1  
ATOM   104  O O    . ALA A 1 8 ? 5.456   4.117  -1.217 1.00 0.00 ? 8 ALA A O    1  
ATOM   105  C CB   . ALA A 1 8 ? 7.110   1.782  -2.580 1.00 0.00 ? 8 ALA A CB   1  
ATOM   106  O OXT  . ALA A 1 8 ? 7.437   4.039  -0.376 1.00 0.00 ? 8 ALA A OXT  1  
ATOM   107  H H    . ALA A 1 8 ? 4.894   0.820  -1.798 1.00 0.00 ? 8 ALA A H    1  
ATOM   108  H HA   . ALA A 1 8 ? 7.176   1.551  -0.456 1.00 0.00 ? 8 ALA A HA   1  
ATOM   109  H HB1  . ALA A 1 8 ? 6.381   2.063  -3.325 1.00 0.00 ? 8 ALA A HB1  1  
ATOM   110  H HB2  . ALA A 1 8 ? 7.359   0.737  -2.695 1.00 0.00 ? 8 ALA A HB2  1  
ATOM   111  H HB3  . ALA A 1 8 ? 8.001   2.380  -2.707 1.00 0.00 ? 8 ALA A HB3  1  
ATOM   112  N N    . PHE A 1 1 ? -4.251  5.268  -2.899 1.00 0.00 1 1 PHE A N    2  
ATOM   113  C CA   . PHE A 1 1 ? -3.659  3.931  -2.610 1.00 0.00 ? 1 PHE A CA   2  
ATOM   114  C C    . PHE A 1 1 ? -2.813  4.014  -1.343 1.00 0.00 ? 1 PHE A C    2  
ATOM   115  O O    . PHE A 1 1 ? -1.833  4.755  -1.289 1.00 0.00 ? 1 PHE A O    2  
ATOM   116  C CB   . PHE A 1 1 ? -2.784  3.498  -3.790 1.00 0.00 ? 1 PHE A CB   2  
ATOM   117  C CG   . PHE A 1 1 ? -3.459  2.372  -4.536 1.00 0.00 ? 1 PHE A CG   2  
ATOM   118  C CD1  . PHE A 1 1 ? -3.022  1.053  -4.357 1.00 0.00 ? 1 PHE A CD1  2  
ATOM   119  C CD2  . PHE A 1 1 ? -4.519  2.646  -5.409 1.00 0.00 ? 1 PHE A CD2  2  
ATOM   120  C CE1  . PHE A 1 1 ? -3.646  0.009  -5.050 1.00 0.00 ? 1 PHE A CE1  2  
ATOM   121  C CE2  . PHE A 1 1 ? -5.142  1.602  -6.103 1.00 0.00 ? 1 PHE A CE2  2  
ATOM   122  C CZ   . PHE A 1 1 ? -4.705  0.284  -5.924 1.00 0.00 ? 1 PHE A CZ   2  
ATOM   123  H H1   . PHE A 1 1 ? -3.838  5.650  -3.772 1.00 0.00 ? 1 PHE A H1   2  
ATOM   124  H H2   . PHE A 1 1 ? -4.050  5.914  -2.106 1.00 0.00 ? 1 PHE A H2   2  
ATOM   125  H H3   . PHE A 1 1 ? -5.279  5.174  -3.017 1.00 0.00 ? 1 PHE A H3   2  
ATOM   126  H HA   . PHE A 1 1 ? -4.452  3.213  -2.469 1.00 0.00 ? 1 PHE A HA   2  
ATOM   127  H HB2  . PHE A 1 1 ? -2.639  4.335  -4.455 1.00 0.00 ? 1 PHE A HB2  2  
ATOM   128  H HB3  . PHE A 1 1 ? -1.827  3.160  -3.421 1.00 0.00 ? 1 PHE A HB3  2  
ATOM   129  H HD1  . PHE A 1 1 ? -2.205  0.842  -3.682 1.00 0.00 ? 1 PHE A HD1  2  
ATOM   130  H HD2  . PHE A 1 1 ? -4.857  3.663  -5.547 1.00 0.00 ? 1 PHE A HD2  2  
ATOM   131  H HE1  . PHE A 1 1 ? -3.308  -1.007 -4.912 1.00 0.00 ? 1 PHE A HE1  2  
ATOM   132  H HE2  . PHE A 1 1 ? -5.959  1.813  -6.777 1.00 0.00 ? 1 PHE A HE2  2  
ATOM   133  H HZ   . PHE A 1 1 ? -5.185  -0.521 -6.460 1.00 0.00 ? 1 PHE A HZ   2  
ATOM   134  N N    . SER A 1 2 ? -3.196  3.246  -0.328 1.00 0.00 ? 2 SER A N    2  
ATOM   135  C CA   . SER A 1 2 ? -2.463  3.238  0.932  1.00 0.00 ? 2 SER A CA   2  
ATOM   136  C C    . SER A 1 2 ? -2.437  1.831  1.518  1.00 0.00 ? 2 SER A C    2  
ATOM   137  O O    . SER A 1 2 ? -3.441  1.350  2.043  1.00 0.00 ? 2 SER A O    2  
ATOM   138  C CB   . SER A 1 2 ? -3.118  4.195  1.926  1.00 0.00 ? 2 SER A CB   2  
ATOM   139  O OG   . SER A 1 2 ? -3.751  5.251  1.214  1.00 0.00 ? 2 SER A OG   2  
ATOM   140  H H    . SER A 1 2 ? -3.984  2.672  -0.428 1.00 0.00 ? 2 SER A H    2  
ATOM   141  H HA   . SER A 1 2 ? -1.450  3.563  0.750  1.00 0.00 ? 2 SER A HA   2  
ATOM   142  H HB2  . SER A 1 2 ? -3.856  3.666  2.505  1.00 0.00 ? 2 SER A HB2  2  
ATOM   143  H HB3  . SER A 1 2 ? -2.364  4.596  2.590  1.00 0.00 ? 2 SER A HB3  2  
ATOM   144  H HG   . SER A 1 2 ? -4.045  5.905  1.853  1.00 0.00 ? 2 SER A HG   2  
HETATM 145  N N    . DAL A 1 3 ? -1.290  1.169  1.412  1.00 0.00 ? 3 DAL A N    2  
HETATM 146  C CA   . DAL A 1 3 ? -1.158  -0.188 1.926  1.00 0.00 ? 3 DAL A CA   2  
HETATM 147  C CB   . DAL A 1 3 ? 0.312   -0.607 1.917  1.00 0.00 ? 3 DAL A CB   2  
HETATM 148  C C    . DAL A 1 3 ? -1.971  -1.149 1.068  1.00 0.00 ? 3 DAL A C    2  
HETATM 149  O O    . DAL A 1 3 ? -2.965  -1.717 1.520  1.00 0.00 ? 3 DAL A O    2  
HETATM 150  H H    . DAL A 1 3 ? -0.523  1.596  0.977  1.00 0.00 ? 3 DAL A H    2  
HETATM 151  H HA   . DAL A 1 3 ? -1.528  -0.221 2.940  1.00 0.00 ? 3 DAL A HA   2  
HETATM 152  H HB1  . DAL A 1 3 ? 0.467   -1.347 1.147  1.00 0.00 ? 3 DAL A HB1  2  
HETATM 153  H HB2  . DAL A 1 3 ? 0.573   -1.027 2.877  1.00 0.00 ? 3 DAL A HB2  2  
ATOM   154  N N    . LEU A 1 4 ? -1.541  -1.323 -0.180 1.00 0.00 ? 4 LEU A N    2  
ATOM   155  C CA   . LEU A 1 4 ? -2.239  -2.214 -1.098 1.00 0.00 ? 4 LEU A CA   2  
ATOM   156  C C    . LEU A 1 4 ? -1.277  -2.800 -2.122 1.00 0.00 ? 4 LEU A C    2  
ATOM   157  O O    . LEU A 1 4 ? -1.001  -4.000 -2.104 1.00 0.00 ? 4 LEU A O    2  
ATOM   158  C CB   . LEU A 1 4 ? -3.371  -1.463 -1.809 1.00 0.00 ? 4 LEU A CB   2  
ATOM   159  C CG   . LEU A 1 4 ? -4.697  -1.756 -1.104 1.00 0.00 ? 4 LEU A CG   2  
ATOM   160  C CD1  . LEU A 1 4 ? -5.815  -0.942 -1.762 1.00 0.00 ? 4 LEU A CD1  2  
ATOM   161  C CD2  . LEU A 1 4 ? -5.014  -3.248 -1.224 1.00 0.00 ? 4 LEU A CD2  2  
ATOM   162  H H    . LEU A 1 4 ? -0.741  -0.840 -0.484 1.00 0.00 ? 4 LEU A H    2  
ATOM   163  H HA   . LEU A 1 4 ? -2.666  -3.027 -0.542 1.00 0.00 ? 4 LEU A HA   2  
ATOM   164  H HB2  . LEU A 1 4 ? -3.177  -0.399 -1.778 1.00 0.00 ? 4 LEU A HB2  2  
ATOM   165  H HB3  . LEU A 1 4 ? -3.437  -1.789 -2.835 1.00 0.00 ? 4 LEU A HB3  2  
ATOM   166  H HG   . LEU A 1 4 ? -4.619  -1.483 -0.061 1.00 0.00 ? 4 LEU A HG   2  
ATOM   167  H HD11 . LEU A 1 4 ? -5.414  -0.387 -2.597 1.00 0.00 ? 4 LEU A HD11 2  
ATOM   168  H HD12 . LEU A 1 4 ? -6.235  -0.256 -1.041 1.00 0.00 ? 4 LEU A HD12 2  
ATOM   169  H HD13 . LEU A 1 4 ? -6.589  -1.609 -2.114 1.00 0.00 ? 4 LEU A HD13 2  
ATOM   170  H HD21 . LEU A 1 4 ? -6.059  -3.376 -1.460 1.00 0.00 ? 4 LEU A HD21 2  
ATOM   171  H HD22 . LEU A 1 4 ? -4.793  -3.740 -0.288 1.00 0.00 ? 4 LEU A HD22 2  
ATOM   172  H HD23 . LEU A 1 4 ? -4.412  -3.680 -2.009 1.00 0.00 ? 4 LEU A HD23 2  
ATOM   173  N N    . ALA A 1 5 ? -0.772  -1.963 -3.017 1.00 0.00 ? 5 ALA A N    2  
ATOM   174  C CA   . ALA A 1 5 ? 0.146   -2.439 -4.032 1.00 0.00 ? 5 ALA A CA   2  
ATOM   175  C C    . ALA A 1 5 ? 1.217   -1.392 -4.317 1.00 0.00 ? 5 ALA A C    2  
ATOM   176  O O    . ALA A 1 5 ? 2.074   -1.583 -5.179 1.00 0.00 ? 5 ALA A O    2  
ATOM   177  C CB   . ALA A 1 5 ? -0.636  -2.759 -5.299 1.00 0.00 ? 5 ALA A CB   2  
ATOM   178  H H    . ALA A 1 5 ? -1.021  -1.017 -2.999 1.00 0.00 ? 5 ALA A H    2  
ATOM   179  H HA   . ALA A 1 5 ? 0.623   -3.340 -3.679 1.00 0.00 ? 5 ALA A HA   2  
ATOM   180  H HB1  . ALA A 1 5 ? -1.394  -2.006 -5.450 1.00 0.00 ? 5 ALA A HB1  2  
ATOM   181  H HB2  . ALA A 1 5 ? -1.106  -3.725 -5.193 1.00 0.00 ? 5 ALA A HB2  2  
ATOM   182  H HB3  . ALA A 1 5 ? 0.033   -2.772 -6.143 1.00 0.00 ? 5 ALA A HB3  2  
ATOM   183  N N    . LEU A 1 6 ? 1.159   -0.285 -3.586 1.00 0.00 ? 6 LEU A N    2  
ATOM   184  C CA   . LEU A 1 6 ? 2.124   0.790  -3.770 1.00 0.00 ? 6 LEU A CA   2  
ATOM   185  C C    . LEU A 1 6 ? 2.571   1.350  -2.419 1.00 0.00 ? 6 LEU A C    2  
ATOM   186  O O    . LEU A 1 6 ? 2.567   2.561  -2.199 1.00 0.00 ? 6 LEU A O    2  
ATOM   187  C CB   . LEU A 1 6 ? 1.503   1.902  -4.624 1.00 0.00 ? 6 LEU A CB   2  
ATOM   188  C CG   . LEU A 1 6 ? 2.340   2.112  -5.889 1.00 0.00 ? 6 LEU A CG   2  
ATOM   189  C CD1  . LEU A 1 6 ? 2.018   1.015  -6.906 1.00 0.00 ? 6 LEU A CD1  2  
ATOM   190  C CD2  . LEU A 1 6 ? 2.011   3.479  -6.493 1.00 0.00 ? 6 LEU A CD2  2  
ATOM   191  H H    . LEU A 1 6 ? 0.452   -0.186 -2.914 1.00 0.00 ? 6 LEU A H    2  
ATOM   192  H HA   . LEU A 1 6 ? 2.986   0.395  -4.282 1.00 0.00 ? 6 LEU A HA   2  
ATOM   193  H HB2  . LEU A 1 6 ? 0.499   1.619  -4.902 1.00 0.00 ? 6 LEU A HB2  2  
ATOM   194  H HB3  . LEU A 1 6 ? 1.473   2.819  -4.061 1.00 0.00 ? 6 LEU A HB3  2  
ATOM   195  H HG   . LEU A 1 6 ? 3.390   2.071  -5.638 1.00 0.00 ? 6 LEU A HG   2  
ATOM   196  H HD11 . LEU A 1 6 ? 1.549   0.183  -6.403 1.00 0.00 ? 6 LEU A HD11 2  
ATOM   197  H HD12 . LEU A 1 6 ? 2.931   0.682  -7.379 1.00 0.00 ? 6 LEU A HD12 2  
ATOM   198  H HD13 . LEU A 1 6 ? 1.347   1.405  -7.658 1.00 0.00 ? 6 LEU A HD13 2  
ATOM   199  H HD21 . LEU A 1 6 ? 2.030   4.229  -5.715 1.00 0.00 ? 6 LEU A HD21 2  
ATOM   200  H HD22 . LEU A 1 6 ? 1.028   3.449  -6.939 1.00 0.00 ? 6 LEU A HD22 2  
ATOM   201  H HD23 . LEU A 1 6 ? 2.743   3.726  -7.247 1.00 0.00 ? 6 LEU A HD23 2  
ATOM   202  N N    . CYS A 1 7 ? 2.963   0.456  -1.516 1.00 0.00 ? 7 CYS A N    2  
ATOM   203  C CA   . CYS A 1 7 ? 3.413   0.869  -0.191 1.00 0.00 ? 7 CYS A CA   2  
ATOM   204  C C    . CYS A 1 7 ? 4.931   0.773  -0.087 1.00 0.00 ? 7 CYS A C    2  
ATOM   205  O O    . CYS A 1 7 ? 5.484   0.687  1.010  1.00 0.00 ? 7 CYS A O    2  
ATOM   206  C CB   . CYS A 1 7 ? 2.771   -0.016 0.878  1.00 0.00 ? 7 CYS A CB   2  
ATOM   207  S SG   . CYS A 1 7 ? 1.343   0.845  1.587  1.00 0.00 ? 7 CYS A SG   2  
ATOM   208  H H    . CYS A 1 7 ? 2.948   -0.497 -1.744 1.00 0.00 ? 7 CYS A H    2  
ATOM   209  H HA   . CYS A 1 7 ? 3.115   1.892  -0.022 1.00 0.00 ? 7 CYS A HA   2  
ATOM   210  H HB2  . CYS A 1 7 ? 2.454   -0.943 0.430  1.00 0.00 ? 7 CYS A HB2  2  
ATOM   211  H HB3  . CYS A 1 7 ? 3.492   -0.219 1.657  1.00 0.00 ? 7 CYS A HB3  2  
ATOM   212  N N    . ALA A 1 8 ? 5.598   0.790  -1.234 1.00 0.00 ? 8 ALA A N    2  
ATOM   213  C CA   . ALA A 1 8 ? 7.053   0.707  -1.261 1.00 0.00 ? 8 ALA A CA   2  
ATOM   214  C C    . ALA A 1 8 ? 7.636   1.804  -2.146 1.00 0.00 ? 8 ALA A C    2  
ATOM   215  O O    . ALA A 1 8 ? 6.906   2.314  -2.981 1.00 0.00 ? 8 ALA A O    2  
ATOM   216  C CB   . ALA A 1 8 ? 7.489   -0.662 -1.784 1.00 0.00 ? 8 ALA A CB   2  
ATOM   217  O OXT  . ALA A 1 8 ? 8.803   2.117  -1.978 1.00 0.00 ? 8 ALA A OXT  2  
ATOM   218  H H    . ALA A 1 8 ? 5.105   0.861  -2.077 1.00 0.00 ? 8 ALA A H    2  
ATOM   219  H HA   . ALA A 1 8 ? 7.428   0.831  -0.256 1.00 0.00 ? 8 ALA A HA   2  
ATOM   220  H HB1  . ALA A 1 8 ? 6.882   -0.934 -2.635 1.00 0.00 ? 8 ALA A HB1  2  
ATOM   221  H HB2  . ALA A 1 8 ? 7.368   -1.402 -1.006 1.00 0.00 ? 8 ALA A HB2  2  
ATOM   222  H HB3  . ALA A 1 8 ? 8.526   -0.621 -2.082 1.00 0.00 ? 8 ALA A HB3  2  
ATOM   223  N N    . PHE A 1 1 ? -5.528  -2.953 5.210  1.00 0.00 1 1 PHE A N    3  
ATOM   224  C CA   . PHE A 1 1 ? -4.279  -3.591 4.702  1.00 0.00 ? 1 PHE A CA   3  
ATOM   225  C C    . PHE A 1 1 ? -3.106  -2.636 4.907  1.00 0.00 ? 1 PHE A C    3  
ATOM   226  O O    . PHE A 1 1 ? -3.258  -1.416 4.824  1.00 0.00 ? 1 PHE A O    3  
ATOM   227  C CB   . PHE A 1 1 ? -4.453  -3.909 3.217  1.00 0.00 ? 1 PHE A CB   3  
ATOM   228  C CG   . PHE A 1 1 ? -5.235  -2.800 2.584  1.00 0.00 ? 1 PHE A CG   3  
ATOM   229  C CD1  . PHE A 1 1 ? -6.576  -2.993 2.243  1.00 0.00 ? 1 PHE A CD1  3  
ATOM   230  C CD2  . PHE A 1 1 ? -4.617  -1.569 2.352  1.00 0.00 ? 1 PHE A CD2  3  
ATOM   231  C CE1  . PHE A 1 1 ? -7.304  -1.950 1.660  1.00 0.00 ? 1 PHE A CE1  3  
ATOM   232  C CE2  . PHE A 1 1 ? -5.342  -0.524 1.770  1.00 0.00 ? 1 PHE A CE2  3  
ATOM   233  C CZ   . PHE A 1 1 ? -6.686  -0.714 1.425  1.00 0.00 ? 1 PHE A CZ   3  
ATOM   234  H H1   . PHE A 1 1 ? -5.719  -3.283 6.177  1.00 0.00 ? 1 PHE A H1   3  
ATOM   235  H H2   . PHE A 1 1 ? -6.324  -3.211 4.590  1.00 0.00 ? 1 PHE A H2   3  
ATOM   236  H H3   . PHE A 1 1 ? -5.415  -1.920 5.213  1.00 0.00 ? 1 PHE A H3   3  
ATOM   237  H HA   . PHE A 1 1 ? -4.097  -4.505 5.246  1.00 0.00 ? 1 PHE A HA   3  
ATOM   238  H HB2  . PHE A 1 1 ? -3.485  -3.986 2.738  1.00 0.00 ? 1 PHE A HB2  3  
ATOM   239  H HB3  . PHE A 1 1 ? -4.988  -4.840 3.105  1.00 0.00 ? 1 PHE A HB3  3  
ATOM   240  H HD1  . PHE A 1 1 ? -7.047  -3.950 2.428  1.00 0.00 ? 1 PHE A HD1  3  
ATOM   241  H HD2  . PHE A 1 1 ? -3.580  -1.429 2.624  1.00 0.00 ? 1 PHE A HD2  3  
ATOM   242  H HE1  . PHE A 1 1 ? -8.342  -2.096 1.395  1.00 0.00 ? 1 PHE A HE1  3  
ATOM   243  H HE2  . PHE A 1 1 ? -4.864  0.427  1.587  1.00 0.00 ? 1 PHE A HE2  3  
ATOM   244  H HZ   . PHE A 1 1 ? -7.242  0.090  0.978  1.00 0.00 ? 1 PHE A HZ   3  
ATOM   245  N N    . SER A 1 2 ? -1.939  -3.205 5.186  1.00 0.00 ? 2 SER A N    3  
ATOM   246  C CA   . SER A 1 2 ? -0.736  -2.412 5.421  1.00 0.00 ? 2 SER A CA   3  
ATOM   247  C C    . SER A 1 2 ? -0.165  -1.861 4.116  1.00 0.00 ? 2 SER A C    3  
ATOM   248  O O    . SER A 1 2 ? 1.051   -1.797 3.938  1.00 0.00 ? 2 SER A O    3  
ATOM   249  C CB   . SER A 1 2 ? 0.318   -3.273 6.121  1.00 0.00 ? 2 SER A CB   3  
ATOM   250  O OG   . SER A 1 2 ? 0.233   -3.073 7.526  1.00 0.00 ? 2 SER A OG   3  
ATOM   251  H H    . SER A 1 2 ? -1.891  -4.177 5.247  1.00 0.00 ? 2 SER A H    3  
ATOM   252  H HA   . SER A 1 2 ? -0.987  -1.584 6.068  1.00 0.00 ? 2 SER A HA   3  
ATOM   253  H HB2  . SER A 1 2 ? 0.139   -4.312 5.900  1.00 0.00 ? 2 SER A HB2  3  
ATOM   254  H HB3  . SER A 1 2 ? 1.302   -2.996 5.766  1.00 0.00 ? 2 SER A HB3  3  
ATOM   255  H HG   . SER A 1 2 ? 0.199   -2.128 7.689  1.00 0.00 ? 2 SER A HG   3  
HETATM 256  N N    . DAL A 1 3 ? -1.049  -1.457 3.210  1.00 0.00 ? 3 DAL A N    3  
HETATM 257  C CA   . DAL A 1 3 ? -0.615  -0.903 1.926  1.00 0.00 ? 3 DAL A CA   3  
HETATM 258  C CB   . DAL A 1 3 ? -0.193  0.557  2.101  1.00 0.00 ? 3 DAL A CB   3  
HETATM 259  C C    . DAL A 1 3 ? -1.739  -0.984 0.898  1.00 0.00 ? 3 DAL A C    3  
HETATM 260  O O    . DAL A 1 3 ? -2.725  -0.254 0.988  1.00 0.00 ? 3 DAL A O    3  
HETATM 261  H H    . DAL A 1 3 ? -2.005  -1.526 3.408  1.00 0.00 ? 3 DAL A H    3  
HETATM 262  H HA   . DAL A 1 3 ? 0.231   -1.470 1.566  1.00 0.00 ? 3 DAL A HA   3  
HETATM 263  H HB1  . DAL A 1 3 ? 0.631   0.612  2.797  1.00 0.00 ? 3 DAL A HB1  3  
HETATM 264  H HB2  . DAL A 1 3 ? -1.025  1.128  2.484  1.00 0.00 ? 3 DAL A HB2  3  
ATOM   265  N N    . LEU A 1 4 ? -1.579  -1.871 -0.080 1.00 0.00 ? 4 LEU A N    3  
ATOM   266  C CA   . LEU A 1 4 ? -2.587  -2.038 -1.125 1.00 0.00 ? 4 LEU A CA   3  
ATOM   267  C C    . LEU A 1 4 ? -1.942  -2.491 -2.416 1.00 0.00 ? 4 LEU A C    3  
ATOM   268  O O    . LEU A 1 4 ? -2.343  -3.494 -3.007 1.00 0.00 ? 4 LEU A O    3  
ATOM   269  C CB   . LEU A 1 4 ? -3.344  -0.721 -1.342 1.00 0.00 ? 4 LEU A CB   3  
ATOM   270  C CG   . LEU A 1 4 ? -3.943  -0.681 -2.751 1.00 0.00 ? 4 LEU A CG   3  
ATOM   271  C CD1  . LEU A 1 4 ? -4.840  -1.903 -2.959 1.00 0.00 ? 4 LEU A CD1  3  
ATOM   272  C CD2  . LEU A 1 4 ? -4.771  0.595  -2.908 1.00 0.00 ? 4 LEU A CD2  3  
ATOM   273  H H    . LEU A 1 4 ? -0.767  -2.422 -0.103 1.00 0.00 ? 4 LEU A H    3  
ATOM   274  H HA   . LEU A 1 4 ? -3.287  -2.790 -0.821 1.00 0.00 ? 4 LEU A HA   3  
ATOM   275  H HB2  . LEU A 1 4 ? -4.140  -0.649 -0.621 1.00 0.00 ? 4 LEU A HB2  3  
ATOM   276  H HB3  . LEU A 1 4 ? -2.673  0.114  -1.214 1.00 0.00 ? 4 LEU A HB3  3  
ATOM   277  H HG   . LEU A 1 4 ? -3.149  -0.687 -3.483 1.00 0.00 ? 4 LEU A HG   3  
ATOM   278  H HD11 . LEU A 1 4 ? -5.095  -2.330 -2.000 1.00 0.00 ? 4 LEU A HD11 3  
ATOM   279  H HD12 . LEU A 1 4 ? -4.316  -2.638 -3.552 1.00 0.00 ? 4 LEU A HD12 3  
ATOM   280  H HD13 . LEU A 1 4 ? -5.742  -1.604 -3.472 1.00 0.00 ? 4 LEU A HD13 3  
ATOM   281  H HD21 . LEU A 1 4 ? -4.436  1.331  -2.191 1.00 0.00 ? 4 LEU A HD21 3  
ATOM   282  H HD22 . LEU A 1 4 ? -5.815  0.375  -2.734 1.00 0.00 ? 4 LEU A HD22 3  
ATOM   283  H HD23 . LEU A 1 4 ? -4.646  0.984  -3.908 1.00 0.00 ? 4 LEU A HD23 3  
ATOM   284  N N    . ALA A 1 5 ? -0.948  -1.747 -2.854 1.00 0.00 ? 5 ALA A N    3  
ATOM   285  C CA   . ALA A 1 5 ? -0.261  -2.083 -4.082 1.00 0.00 ? 5 ALA A CA   3  
ATOM   286  C C    . ALA A 1 5 ? 1.223   -1.767 -3.967 1.00 0.00 ? 5 ALA A C    3  
ATOM   287  O O    . ALA A 1 5 ? 2.071   -2.645 -4.127 1.00 0.00 ? 5 ALA A O    3  
ATOM   288  C CB   . ALA A 1 5 ? -0.882  -1.297 -5.225 1.00 0.00 ? 5 ALA A CB   3  
ATOM   289  H H    . ALA A 1 5 ? -0.674  -0.958 -2.345 1.00 0.00 ? 5 ALA A H    3  
ATOM   290  H HA   . ALA A 1 5 ? -0.383  -3.137 -4.277 1.00 0.00 ? 5 ALA A HA   3  
ATOM   291  H HB1  . ALA A 1 5 ? -0.699  -0.244 -5.076 1.00 0.00 ? 5 ALA A HB1  3  
ATOM   292  H HB2  . ALA A 1 5 ? -1.947  -1.479 -5.242 1.00 0.00 ? 5 ALA A HB2  3  
ATOM   293  H HB3  . ALA A 1 5 ? -0.446  -1.612 -6.159 1.00 0.00 ? 5 ALA A HB3  3  
ATOM   294  N N    . LEU A 1 6 ? 1.533   -0.507 -3.688 1.00 0.00 ? 6 LEU A N    3  
ATOM   295  C CA   . LEU A 1 6 ? 2.922   -0.093 -3.554 1.00 0.00 ? 6 LEU A CA   3  
ATOM   296  C C    . LEU A 1 6 ? 3.046   1.098  -2.605 1.00 0.00 ? 6 LEU A C    3  
ATOM   297  O O    . LEU A 1 6 ? 3.409   2.197  -3.022 1.00 0.00 ? 6 LEU A O    3  
ATOM   298  C CB   . LEU A 1 6 ? 3.485   0.273  -4.927 1.00 0.00 ? 6 LEU A CB   3  
ATOM   299  C CG   . LEU A 1 6 ? 2.360   0.798  -5.819 1.00 0.00 ? 6 LEU A CG   3  
ATOM   300  C CD1  . LEU A 1 6 ? 1.754   2.051  -5.189 1.00 0.00 ? 6 LEU A CD1  3  
ATOM   301  C CD2  . LEU A 1 6 ? 2.924   1.142  -7.199 1.00 0.00 ? 6 LEU A CD2  3  
ATOM   302  H H    . LEU A 1 6 ? 0.817   0.152  -3.569 1.00 0.00 ? 6 LEU A H    3  
ATOM   303  H HA   . LEU A 1 6 ? 3.489   -0.920 -3.153 1.00 0.00 ? 6 LEU A HA   3  
ATOM   304  H HB2  . LEU A 1 6 ? 4.244   1.035  -4.814 1.00 0.00 ? 6 LEU A HB2  3  
ATOM   305  H HB3  . LEU A 1 6 ? 3.921   -0.604 -5.381 1.00 0.00 ? 6 LEU A HB3  3  
ATOM   306  H HG   . LEU A 1 6 ? 1.595   0.038  -5.917 1.00 0.00 ? 6 LEU A HG   3  
ATOM   307  H HD11 . LEU A 1 6 ? 1.353   1.808  -4.216 1.00 0.00 ? 6 LEU A HD11 3  
ATOM   308  H HD12 . LEU A 1 6 ? 0.963   2.426  -5.821 1.00 0.00 ? 6 LEU A HD12 3  
ATOM   309  H HD13 . LEU A 1 6 ? 2.520   2.807  -5.084 1.00 0.00 ? 6 LEU A HD13 3  
ATOM   310  H HD21 . LEU A 1 6 ? 4.002   1.164  -7.152 1.00 0.00 ? 6 LEU A HD21 3  
ATOM   311  H HD22 . LEU A 1 6 ? 2.556   2.110  -7.508 1.00 0.00 ? 6 LEU A HD22 3  
ATOM   312  H HD23 . LEU A 1 6 ? 2.611   0.394  -7.913 1.00 0.00 ? 6 LEU A HD23 3  
ATOM   313  N N    . CYS A 1 7 ? 2.745   0.872  -1.329 1.00 0.00 ? 7 CYS A N    3  
ATOM   314  C CA   . CYS A 1 7 ? 2.829   1.935  -0.331 1.00 0.00 ? 7 CYS A CA   3  
ATOM   315  C C    . CYS A 1 7 ? 4.284   2.206  0.043  1.00 0.00 ? 7 CYS A C    3  
ATOM   316  O O    . CYS A 1 7 ? 4.591   3.188  0.720  1.00 0.00 ? 7 CYS A O    3  
ATOM   317  C CB   . CYS A 1 7 ? 2.053   1.537  0.926  1.00 0.00 ? 7 CYS A CB   3  
ATOM   318  S SG   . CYS A 1 7 ? 0.320   1.237  0.502  1.00 0.00 ? 7 CYS A SG   3  
ATOM   319  H H    . CYS A 1 7 ? 2.461   -0.026 -1.052 1.00 0.00 ? 7 CYS A H    3  
ATOM   320  H HA   . CYS A 1 7 ? 2.396   2.836  -0.740 1.00 0.00 ? 7 CYS A HA   3  
ATOM   321  H HB2  . CYS A 1 7 ? 2.482   0.637  1.341  1.00 0.00 ? 7 CYS A HB2  3  
ATOM   322  H HB3  . CYS A 1 7 ? 2.114   2.334  1.651  1.00 0.00 ? 7 CYS A HB3  3  
ATOM   323  N N    . ALA A 1 8 ? 5.171   1.324  -0.400 1.00 0.00 ? 8 ALA A N    3  
ATOM   324  C CA   . ALA A 1 8 ? 6.593   1.466  -0.108 1.00 0.00 ? 8 ALA A CA   3  
ATOM   325  C C    . ALA A 1 8 ? 7.413   1.355  -1.388 1.00 0.00 ? 8 ALA A C    3  
ATOM   326  O O    . ALA A 1 8 ? 6.820   1.141  -2.432 1.00 0.00 ? 8 ALA A O    3  
ATOM   327  C CB   . ALA A 1 8 ? 7.033   0.381  0.876  1.00 0.00 ? 8 ALA A CB   3  
ATOM   328  O OXT  . ALA A 1 8 ? 8.623   1.481  -1.303 1.00 0.00 ? 8 ALA A OXT  3  
ATOM   329  H H    . ALA A 1 8 ? 4.867   0.559  -0.932 1.00 0.00 ? 8 ALA A H    3  
ATOM   330  H HA   . ALA A 1 8 ? 6.766   2.432  0.338  1.00 0.00 ? 8 ALA A HA   3  
ATOM   331  H HB1  . ALA A 1 8 ? 7.041   -0.577 0.377  1.00 0.00 ? 8 ALA A HB1  3  
ATOM   332  H HB2  . ALA A 1 8 ? 6.341   0.347  1.708  1.00 0.00 ? 8 ALA A HB2  3  
ATOM   333  H HB3  . ALA A 1 8 ? 8.024   0.605  1.241  1.00 0.00 ? 8 ALA A HB3  3  
ATOM   334  N N    . PHE A 1 1 ? -6.948  0.155  7.261  1.00 0.00 1 1 PHE A N    4  
ATOM   335  C CA   . PHE A 1 1 ? -6.446  -0.305 5.936  1.00 0.00 ? 1 PHE A CA   4  
ATOM   336  C C    . PHE A 1 1 ? -4.925  -0.401 5.979  1.00 0.00 ? 1 PHE A C    4  
ATOM   337  O O    . PHE A 1 1 ? -4.260  0.417  6.614  1.00 0.00 ? 1 PHE A O    4  
ATOM   338  C CB   . PHE A 1 1 ? -6.875  0.691  4.853  1.00 0.00 ? 1 PHE A CB   4  
ATOM   339  C CG   . PHE A 1 1 ? -7.596  -0.043 3.746  1.00 0.00 ? 1 PHE A CG   4  
ATOM   340  C CD1  . PHE A 1 1 ? -8.813  -0.684 4.008  1.00 0.00 ? 1 PHE A CD1  4  
ATOM   341  C CD2  . PHE A 1 1 ? -7.049  -0.078 2.459  1.00 0.00 ? 1 PHE A CD2  4  
ATOM   342  C CE1  . PHE A 1 1 ? -9.481  -1.361 2.981  1.00 0.00 ? 1 PHE A CE1  4  
ATOM   343  C CE2  . PHE A 1 1 ? -7.716  -0.757 1.432  1.00 0.00 ? 1 PHE A CE2  4  
ATOM   344  C CZ   . PHE A 1 1 ? -8.933  -1.398 1.693  1.00 0.00 ? 1 PHE A CZ   4  
ATOM   345  H H1   . PHE A 1 1 ? -7.145  -0.669 7.862  1.00 0.00 ? 1 PHE A H1   4  
ATOM   346  H H2   . PHE A 1 1 ? -7.821  0.706  7.129  1.00 0.00 ? 1 PHE A H2   4  
ATOM   347  H H3   . PHE A 1 1 ? -6.227  0.749  7.718  1.00 0.00 ? 1 PHE A H3   4  
ATOM   348  H HA   . PHE A 1 1 ? -6.860  -1.277 5.715  1.00 0.00 ? 1 PHE A HA   4  
ATOM   349  H HB2  . PHE A 1 1 ? -7.535  1.430  5.285  1.00 0.00 ? 1 PHE A HB2  4  
ATOM   350  H HB3  . PHE A 1 1 ? -6.001  1.181  4.448  1.00 0.00 ? 1 PHE A HB3  4  
ATOM   351  H HD1  . PHE A 1 1 ? -9.236  -0.656 5.002  1.00 0.00 ? 1 PHE A HD1  4  
ATOM   352  H HD2  . PHE A 1 1 ? -6.110  0.416  2.256  1.00 0.00 ? 1 PHE A HD2  4  
ATOM   353  H HE1  . PHE A 1 1 ? -10.419 -1.858 3.183  1.00 0.00 ? 1 PHE A HE1  4  
ATOM   354  H HE2  . PHE A 1 1 ? -7.294  -0.784 0.439  1.00 0.00 ? 1 PHE A HE2  4  
ATOM   355  H HZ   . PHE A 1 1 ? -9.449  -1.921 0.902  1.00 0.00 ? 1 PHE A HZ   4  
ATOM   356  N N    . SER A 1 2 ? -4.381  -1.408 5.301  1.00 0.00 ? 2 SER A N    4  
ATOM   357  C CA   . SER A 1 2 ? -2.937  -1.601 5.268  1.00 0.00 ? 2 SER A CA   4  
ATOM   358  C C    . SER A 1 2 ? -2.444  -1.713 3.829  1.00 0.00 ? 2 SER A C    4  
ATOM   359  O O    . SER A 1 2 ? -3.100  -2.317 2.982  1.00 0.00 ? 2 SER A O    4  
ATOM   360  C CB   . SER A 1 2 ? -2.563  -2.870 6.037  1.00 0.00 ? 2 SER A CB   4  
ATOM   361  O OG   . SER A 1 2 ? -2.696  -3.993 5.179  1.00 0.00 ? 2 SER A OG   4  
ATOM   362  H H    . SER A 1 2 ? -4.961  -2.030 4.814  1.00 0.00 ? 2 SER A H    4  
ATOM   363  H HA   . SER A 1 2 ? -2.458  -0.756 5.739  1.00 0.00 ? 2 SER A HA   4  
ATOM   364  H HB2  . SER A 1 2 ? -1.544  -2.801 6.376  1.00 0.00 ? 2 SER A HB2  4  
ATOM   365  H HB3  . SER A 1 2 ? -3.219  -2.976 6.891  1.00 0.00 ? 2 SER A HB3  4  
ATOM   366  H HG   . SER A 1 2 ? -2.676  -3.679 4.271  1.00 0.00 ? 2 SER A HG   4  
HETATM 367  N N    . DAL A 1 3 ? -1.284  -1.122 3.560  1.00 0.00 ? 3 DAL A N    4  
HETATM 368  C CA   . DAL A 1 3 ? -0.711  -1.158 2.220  1.00 0.00 ? 3 DAL A CA   4  
HETATM 369  C CB   . DAL A 1 3 ? 0.225   0.037  2.026  1.00 0.00 ? 3 DAL A CB   4  
HETATM 370  C C    . DAL A 1 3 ? -1.814  -1.133 1.165  1.00 0.00 ? 3 DAL A C    4  
HETATM 371  O O    . DAL A 1 3 ? -2.909  -0.628 1.410  1.00 0.00 ? 3 DAL A O    4  
HETATM 372  H H    . DAL A 1 3 ? -0.806  -0.653 4.276  1.00 0.00 ? 3 DAL A H    4  
HETATM 373  H HA   . DAL A 1 3 ? -0.141  -2.069 2.108  1.00 0.00 ? 3 DAL A HA   4  
HETATM 374  H HB1  . DAL A 1 3 ? 1.118   -0.107 2.615  1.00 0.00 ? 3 DAL A HB1  4  
HETATM 375  H HB2  . DAL A 1 3 ? -0.275  0.940  2.345  1.00 0.00 ? 3 DAL A HB2  4  
ATOM   376  N N    . LEU A 1 4 ? -1.516  -1.683 -0.011 1.00 0.00 ? 4 LEU A N    4  
ATOM   377  C CA   . LEU A 1 4 ? -2.486  -1.725 -1.102 1.00 0.00 ? 4 LEU A CA   4  
ATOM   378  C C    . LEU A 1 4 ? -1.853  -2.312 -2.349 1.00 0.00 ? 4 LEU A C    4  
ATOM   379  O O    . LEU A 1 4 ? -2.281  -3.355 -2.841 1.00 0.00 ? 4 LEU A O    4  
ATOM   380  C CB   . LEU A 1 4 ? -3.015  -0.318 -1.405 1.00 0.00 ? 4 LEU A CB   4  
ATOM   381  C CG   . LEU A 1 4 ? -4.449  -0.180 -0.885 1.00 0.00 ? 4 LEU A CG   4  
ATOM   382  C CD1  . LEU A 1 4 ? -4.725  1.282  -0.530 1.00 0.00 ? 4 LEU A CD1  4  
ATOM   383  C CD2  . LEU A 1 4 ? -5.427  -0.633 -1.970 1.00 0.00 ? 4 LEU A CD2  4  
ATOM   384  H H    . LEU A 1 4 ? -0.626  -2.070 -0.147 1.00 0.00 ? 4 LEU A H    4  
ATOM   385  H HA   . LEU A 1 4 ? -3.309  -2.352 -0.820 1.00 0.00 ? 4 LEU A HA   4  
ATOM   386  H HB2  . LEU A 1 4 ? -2.385  0.416  -0.920 1.00 0.00 ? 4 LEU A HB2  4  
ATOM   387  H HB3  . LEU A 1 4 ? -3.007  -0.152 -2.471 1.00 0.00 ? 4 LEU A HB3  4  
ATOM   388  H HG   . LEU A 1 4 ? -4.577  -0.792 -0.003 1.00 0.00 ? 4 LEU A HG   4  
ATOM   389  H HD11 . LEU A 1 4 ? -4.386  1.917  -1.336 1.00 0.00 ? 4 LEU A HD11 4  
ATOM   390  H HD12 . LEU A 1 4 ? -4.198  1.538  0.376  1.00 0.00 ? 4 LEU A HD12 4  
ATOM   391  H HD13 . LEU A 1 4 ? -5.785  1.423  -0.383 1.00 0.00 ? 4 LEU A HD13 4  
ATOM   392  H HD21 . LEU A 1 4 ? -4.954  -1.381 -2.590 1.00 0.00 ? 4 LEU A HD21 4  
ATOM   393  H HD22 . LEU A 1 4 ? -5.706  0.214  -2.578 1.00 0.00 ? 4 LEU A HD22 4  
ATOM   394  H HD23 . LEU A 1 4 ? -6.309  -1.053 -1.509 1.00 0.00 ? 4 LEU A HD23 4  
ATOM   395  N N    . ALA A 1 5 ? -0.837  -1.640 -2.857 1.00 0.00 ? 5 ALA A N    4  
ATOM   396  C CA   . ALA A 1 5 ? -0.161  -2.111 -4.048 1.00 0.00 ? 5 ALA A CA   4  
ATOM   397  C C    . ALA A 1 5 ? 1.331   -1.818 -3.961 1.00 0.00 ? 5 ALA A C    4  
ATOM   398  O O    . ALA A 1 5 ? 2.161   -2.725 -4.029 1.00 0.00 ? 5 ALA A O    4  
ATOM   399  C CB   . ALA A 1 5 ? -0.771  -1.430 -5.267 1.00 0.00 ? 5 ALA A CB   4  
ATOM   400  H H    . ALA A 1 5 ? -0.536  -0.814 -2.425 1.00 0.00 ? 5 ALA A H    4  
ATOM   401  H HA   . ALA A 1 5 ? -0.305  -3.176 -4.135 1.00 0.00 ? 5 ALA A HA   4  
ATOM   402  H HB1  . ALA A 1 5 ? -1.752  -1.844 -5.452 1.00 0.00 ? 5 ALA A HB1  4  
ATOM   403  H HB2  . ALA A 1 5 ? -0.141  -1.593 -6.125 1.00 0.00 ? 5 ALA A HB2  4  
ATOM   404  H HB3  . ALA A 1 5 ? -0.860  -0.370 -5.075 1.00 0.00 ? 5 ALA A HB3  4  
ATOM   405  N N    . LEU A 1 6 ? 1.664   -0.542 -3.798 1.00 0.00 ? 6 LEU A N    4  
ATOM   406  C CA   . LEU A 1 6 ? 3.058   -0.134 -3.690 1.00 0.00 ? 6 LEU A CA   4  
ATOM   407  C C    . LEU A 1 6 ? 3.198   1.026  -2.709 1.00 0.00 ? 6 LEU A C    4  
ATOM   408  O O    . LEU A 1 6 ? 3.891   2.006  -2.983 1.00 0.00 ? 6 LEU A O    4  
ATOM   409  C CB   . LEU A 1 6 ? 3.596   0.281  -5.063 1.00 0.00 ? 6 LEU A CB   4  
ATOM   410  C CG   . LEU A 1 6 ? 2.520   1.053  -5.831 1.00 0.00 ? 6 LEU A CG   4  
ATOM   411  C CD1  . LEU A 1 6 ? 2.352   2.447  -5.222 1.00 0.00 ? 6 LEU A CD1  4  
ATOM   412  C CD2  . LEU A 1 6 ? 2.943   1.186  -7.297 1.00 0.00 ? 6 LEU A CD2  4  
ATOM   413  H H    . LEU A 1 6 ? 0.957   0.136  -3.746 1.00 0.00 ? 6 LEU A H    4  
ATOM   414  H HA   . LEU A 1 6 ? 3.638   -0.970 -3.327 1.00 0.00 ? 6 LEU A HA   4  
ATOM   415  H HB2  . LEU A 1 6 ? 4.465   0.909  -4.932 1.00 0.00 ? 6 LEU A HB2  4  
ATOM   416  H HB3  . LEU A 1 6 ? 3.871   -0.600 -5.621 1.00 0.00 ? 6 LEU A HB3  4  
ATOM   417  H HG   . LEU A 1 6 ? 1.583   0.520  -5.773 1.00 0.00 ? 6 LEU A HG   4  
ATOM   418  H HD11 . LEU A 1 6 ? 3.320   2.839  -4.946 1.00 0.00 ? 6 LEU A HD11 4  
ATOM   419  H HD12 . LEU A 1 6 ? 1.725   2.384  -4.345 1.00 0.00 ? 6 LEU A HD12 4  
ATOM   420  H HD13 . LEU A 1 6 ? 1.893   3.103  -5.946 1.00 0.00 ? 6 LEU A HD13 4  
ATOM   421  H HD21 . LEU A 1 6 ? 2.265   1.853  -7.809 1.00 0.00 ? 6 LEU A HD21 4  
ATOM   422  H HD22 . LEU A 1 6 ? 2.916   0.214  -7.768 1.00 0.00 ? 6 LEU A HD22 4  
ATOM   423  H HD23 . LEU A 1 6 ? 3.946   1.582  -7.347 1.00 0.00 ? 6 LEU A HD23 4  
ATOM   424  N N    . CYS A 1 7 ? 2.535   0.905  -1.562 1.00 0.00 ? 7 CYS A N    4  
ATOM   425  C CA   . CYS A 1 7 ? 2.587   1.946  -0.544 1.00 0.00 ? 7 CYS A CA   4  
ATOM   426  C C    . CYS A 1 7 ? 3.851   1.810  0.300  1.00 0.00 ? 7 CYS A C    4  
ATOM   427  O O    . CYS A 1 7 ? 4.596   2.774  0.479  1.00 0.00 ? 7 CYS A O    4  
ATOM   428  C CB   . CYS A 1 7 ? 1.358   1.854  0.360  1.00 0.00 ? 7 CYS A CB   4  
ATOM   429  S SG   . CYS A 1 7 ? 0.670   0.182  0.278  1.00 0.00 ? 7 CYS A SG   4  
ATOM   430  H H    . CYS A 1 7 ? 2.000   0.101  -1.399 1.00 0.00 ? 7 CYS A H    4  
ATOM   431  H HA   . CYS A 1 7 ? 2.592   2.910  -1.029 1.00 0.00 ? 7 CYS A HA   4  
ATOM   432  H HB2  . CYS A 1 7 ? 1.643   2.077  1.377  1.00 0.00 ? 7 CYS A HB2  4  
ATOM   433  H HB3  . CYS A 1 7 ? 0.615   2.565  0.030  1.00 0.00 ? 7 CYS A HB3  4  
ATOM   434  N N    . ALA A 1 8 ? 4.085   0.609  0.818  1.00 0.00 ? 8 ALA A N    4  
ATOM   435  C CA   . ALA A 1 8 ? 5.260   0.361  1.643  1.00 0.00 ? 8 ALA A CA   4  
ATOM   436  C C    . ALA A 1 8 ? 6.039   -0.840 1.119  1.00 0.00 ? 8 ALA A C    4  
ATOM   437  O O    . ALA A 1 8 ? 7.080   -0.631 0.519  1.00 0.00 ? 8 ALA A O    4  
ATOM   438  C CB   . ALA A 1 8 ? 4.837   0.103  3.090  1.00 0.00 ? 8 ALA A CB   4  
ATOM   439  O OXT  . ALA A 1 8 ? 5.585   -1.953 1.327  1.00 0.00 ? 8 ALA A OXT  4  
ATOM   440  H H    . ALA A 1 8 ? 3.455   -0.122 0.642  1.00 0.00 ? 8 ALA A H    4  
ATOM   441  H HA   . ALA A 1 8 ? 5.897   1.231  1.615  1.00 0.00 ? 8 ALA A HA   4  
ATOM   442  H HB1  . ALA A 1 8 ? 5.697   0.182  3.736  1.00 0.00 ? 8 ALA A HB1  4  
ATOM   443  H HB2  . ALA A 1 8 ? 4.416   -0.888 3.170  1.00 0.00 ? 8 ALA A HB2  4  
ATOM   444  H HB3  . ALA A 1 8 ? 4.097   0.833  3.384  1.00 0.00 ? 8 ALA A HB3  4  
ATOM   445  N N    . PHE A 1 1 ? -6.287  1.433  7.695  1.00 0.00 1 1 PHE A N    5  
ATOM   446  C CA   . PHE A 1 1 ? -6.158  1.304  6.217  1.00 0.00 ? 1 PHE A CA   5  
ATOM   447  C C    . PHE A 1 1 ? -4.746  1.702  5.798  1.00 0.00 ? 1 PHE A C    5  
ATOM   448  O O    . PHE A 1 1 ? -4.335  2.847  5.987  1.00 0.00 ? 1 PHE A O    5  
ATOM   449  C CB   . PHE A 1 1 ? -7.182  2.216  5.538  1.00 0.00 ? 1 PHE A CB   5  
ATOM   450  C CG   . PHE A 1 1 ? -7.437  1.728  4.132  1.00 0.00 ? 1 PHE A CG   5  
ATOM   451  C CD1  . PHE A 1 1 ? -6.931  2.442  3.039  1.00 0.00 ? 1 PHE A CD1  5  
ATOM   452  C CD2  . PHE A 1 1 ? -8.181  0.560  3.922  1.00 0.00 ? 1 PHE A CD2  5  
ATOM   453  C CE1  . PHE A 1 1 ? -7.167  1.987  1.737  1.00 0.00 ? 1 PHE A CE1  5  
ATOM   454  C CE2  . PHE A 1 1 ? -8.418  0.107  2.618  1.00 0.00 ? 1 PHE A CE2  5  
ATOM   455  C CZ   . PHE A 1 1 ? -7.911  0.821  1.526  1.00 0.00 ? 1 PHE A CZ   5  
ATOM   456  H H1   . PHE A 1 1 ? -7.292  1.404  7.960  1.00 0.00 ? 1 PHE A H1   5  
ATOM   457  H H2   . PHE A 1 1 ? -5.873  2.339  8.000  1.00 0.00 ? 1 PHE A H2   5  
ATOM   458  H H3   . PHE A 1 1 ? -5.786  0.649  8.158  1.00 0.00 ? 1 PHE A H3   5  
ATOM   459  H HA   . PHE A 1 1 ? -6.346  0.280  5.930  1.00 0.00 ? 1 PHE A HA   5  
ATOM   460  H HB2  . PHE A 1 1 ? -8.105  2.203  6.098  1.00 0.00 ? 1 PHE A HB2  5  
ATOM   461  H HB3  . PHE A 1 1 ? -6.798  3.225  5.502  1.00 0.00 ? 1 PHE A HB3  5  
ATOM   462  H HD1  . PHE A 1 1 ? -6.357  3.342  3.202  1.00 0.00 ? 1 PHE A HD1  5  
ATOM   463  H HD2  . PHE A 1 1 ? -8.571  0.009  4.764  1.00 0.00 ? 1 PHE A HD2  5  
ATOM   464  H HE1  . PHE A 1 1 ? -6.776  2.538  0.894  1.00 0.00 ? 1 PHE A HE1  5  
ATOM   465  H HE2  . PHE A 1 1 ? -8.991  -0.794 2.457  1.00 0.00 ? 1 PHE A HE2  5  
ATOM   466  H HZ   . PHE A 1 1 ? -8.094  0.471  0.520  1.00 0.00 ? 1 PHE A HZ   5  
ATOM   467  N N    . SER A 1 2 ? -4.006  0.754  5.232  1.00 0.00 ? 2 SER A N    5  
ATOM   468  C CA   . SER A 1 2 ? -2.643  1.026  4.796  1.00 0.00 ? 2 SER A CA   5  
ATOM   469  C C    . SER A 1 2 ? -2.186  -0.008 3.770  1.00 0.00 ? 2 SER A C    5  
ATOM   470  O O    . SER A 1 2 ? -2.684  -1.133 3.747  1.00 0.00 ? 2 SER A O    5  
ATOM   471  C CB   . SER A 1 2 ? -1.697  1.008  5.998  1.00 0.00 ? 2 SER A CB   5  
ATOM   472  O OG   . SER A 1 2 ? -2.395  0.521  7.136  1.00 0.00 ? 2 SER A OG   5  
ATOM   473  H H    . SER A 1 2 ? -4.382  -0.143 5.105  1.00 0.00 ? 2 SER A H    5  
ATOM   474  H HA   . SER A 1 2 ? -2.609  2.006  4.341  1.00 0.00 ? 2 SER A HA   5  
ATOM   475  H HB2  . SER A 1 2 ? -0.861  0.362  5.792  1.00 0.00 ? 2 SER A HB2  5  
ATOM   476  H HB3  . SER A 1 2 ? -1.336  2.011  6.185  1.00 0.00 ? 2 SER A HB3  5  
ATOM   477  H HG   . SER A 1 2 ? -1.835  0.653  7.905  1.00 0.00 ? 2 SER A HG   5  
HETATM 478  N N    . DAL A 1 3 ? -1.238  0.383  2.927  1.00 0.00 ? 3 DAL A N    5  
HETATM 479  C CA   . DAL A 1 3 ? -0.717  -0.517 1.904  1.00 0.00 ? 3 DAL A CA   5  
HETATM 480  C CB   . DAL A 1 3 ? 0.377   0.184  1.098  1.00 0.00 ? 3 DAL A CB   5  
HETATM 481  C C    . DAL A 1 3 ? -1.833  -0.960 0.962  1.00 0.00 ? 3 DAL A C    5  
HETATM 482  O O    . DAL A 1 3 ? -3.007  -0.695 1.210  1.00 0.00 ? 3 DAL A O    5  
HETATM 483  H H    . DAL A 1 3 ? -0.878  1.293  2.994  1.00 0.00 ? 3 DAL A H    5  
HETATM 484  H HA   . DAL A 1 3 ? -0.295  -1.387 2.382  1.00 0.00 ? 3 DAL A HA   5  
HETATM 485  H HB1  . DAL A 1 3 ? -0.051  1.014  0.556  1.00 0.00 ? 3 DAL A HB1  5  
HETATM 486  H HB2  . DAL A 1 3 ? 0.813   -0.514 0.401  1.00 0.00 ? 3 DAL A HB2  5  
ATOM   487  N N    . LEU A 1 4 ? -1.447  -1.642 -0.115 1.00 0.00 ? 4 LEU A N    5  
ATOM   488  C CA   . LEU A 1 4 ? -2.412  -2.130 -1.101 1.00 0.00 ? 4 LEU A CA   5  
ATOM   489  C C    . LEU A 1 4 ? -1.698  -2.661 -2.334 1.00 0.00 ? 4 LEU A C    5  
ATOM   490  O O    . LEU A 1 4 ? -1.903  -3.808 -2.728 1.00 0.00 ? 4 LEU A O    5  
ATOM   491  C CB   . LEU A 1 4 ? -3.389  -1.015 -1.505 1.00 0.00 ? 4 LEU A CB   5  
ATOM   492  C CG   . LEU A 1 4 ? -4.830  -1.503 -1.326 1.00 0.00 ? 4 LEU A CG   5  
ATOM   493  C CD1  . LEU A 1 4 ? -5.206  -1.477 0.157  1.00 0.00 ? 4 LEU A CD1  5  
ATOM   494  C CD2  . LEU A 1 4 ? -5.776  -0.586 -2.105 1.00 0.00 ? 4 LEU A CD2  5  
ATOM   495  H H    . LEU A 1 4 ? -0.494  -1.826 -0.246 1.00 0.00 ? 4 LEU A H    5  
ATOM   496  H HA   . LEU A 1 4 ? -2.972  -2.937 -0.672 1.00 0.00 ? 4 LEU A HA   5  
ATOM   497  H HB2  . LEU A 1 4 ? -3.223  -0.145 -0.889 1.00 0.00 ? 4 LEU A HB2  5  
ATOM   498  H HB3  . LEU A 1 4 ? -3.233  -0.755 -2.541 1.00 0.00 ? 4 LEU A HB3  5  
ATOM   499  H HG   . LEU A 1 4 ? -4.915  -2.512 -1.700 1.00 0.00 ? 4 LEU A HG   5  
ATOM   500  H HD11 . LEU A 1 4 ? -6.235  -1.784 0.271  1.00 0.00 ? 4 LEU A HD11 5  
ATOM   501  H HD12 . LEU A 1 4 ? -5.085  -0.476 0.542  1.00 0.00 ? 4 LEU A HD12 5  
ATOM   502  H HD13 . LEU A 1 4 ? -4.567  -2.156 0.702  1.00 0.00 ? 4 LEU A HD13 5  
ATOM   503  H HD21 . LEU A 1 4 ? -5.989  -1.024 -3.070 1.00 0.00 ? 4 LEU A HD21 5  
ATOM   504  H HD22 . LEU A 1 4 ? -5.310  0.378  -2.243 1.00 0.00 ? 4 LEU A HD22 5  
ATOM   505  H HD23 . LEU A 1 4 ? -6.697  -0.465 -1.553 1.00 0.00 ? 4 LEU A HD23 5  
ATOM   506  N N    . ALA A 1 5 ? -0.869  -1.829 -2.948 1.00 0.00 ? 5 ALA A N    5  
ATOM   507  C CA   . ALA A 1 5 ? -0.156  -2.255 -4.136 1.00 0.00 ? 5 ALA A CA   5  
ATOM   508  C C    . ALA A 1 5 ? 1.246   -1.653 -4.180 1.00 0.00 ? 5 ALA A C    5  
ATOM   509  O O    . ALA A 1 5 ? 2.197   -2.303 -4.614 1.00 0.00 ? 5 ALA A O    5  
ATOM   510  C CB   . ALA A 1 5 ? -0.955  -1.841 -5.364 1.00 0.00 ? 5 ALA A CB   5  
ATOM   511  H H    . ALA A 1 5 ? -0.736  -0.921 -2.605 1.00 0.00 ? 5 ALA A H    5  
ATOM   512  H HA   . ALA A 1 5 ? -0.072  -3.331 -4.125 1.00 0.00 ? 5 ALA A HA   5  
ATOM   513  H HB1  . ALA A 1 5 ? -0.307  -1.815 -6.223 1.00 0.00 ? 5 ALA A HB1  5  
ATOM   514  H HB2  . ALA A 1 5 ? -1.380  -0.861 -5.197 1.00 0.00 ? 5 ALA A HB2  5  
ATOM   515  H HB3  . ALA A 1 5 ? -1.750  -2.553 -5.526 1.00 0.00 ? 5 ALA A HB3  5  
ATOM   516  N N    . LEU A 1 6 ? 1.368   -0.410 -3.726 1.00 0.00 ? 6 LEU A N    5  
ATOM   517  C CA   . LEU A 1 6 ? 2.662   0.265  -3.717 1.00 0.00 ? 6 LEU A CA   5  
ATOM   518  C C    . LEU A 1 6 ? 2.768   1.213  -2.527 1.00 0.00 ? 6 LEU A C    5  
ATOM   519  O O    . LEU A 1 6 ? 2.810   2.432  -2.695 1.00 0.00 ? 6 LEU A O    5  
ATOM   520  C CB   . LEU A 1 6 ? 2.854   1.051  -5.016 1.00 0.00 ? 6 LEU A CB   5  
ATOM   521  C CG   . LEU A 1 6 ? 1.493   1.320  -5.659 1.00 0.00 ? 6 LEU A CG   5  
ATOM   522  C CD1  . LEU A 1 6 ? 0.663   2.226  -4.747 1.00 0.00 ? 6 LEU A CD1  5  
ATOM   523  C CD2  . LEU A 1 6 ? 1.696   2.011  -7.010 1.00 0.00 ? 6 LEU A CD2  5  
ATOM   524  H H    . LEU A 1 6 ? 0.577   0.061  -3.390 1.00 0.00 ? 6 LEU A H    5  
ATOM   525  H HA   . LEU A 1 6 ? 3.443   -0.478 -3.644 1.00 0.00 ? 6 LEU A HA   5  
ATOM   526  H HB2  . LEU A 1 6 ? 3.342   1.991  -4.799 1.00 0.00 ? 6 LEU A HB2  5  
ATOM   527  H HB3  . LEU A 1 6 ? 3.464   0.478  -5.697 1.00 0.00 ? 6 LEU A HB3  5  
ATOM   528  H HG   . LEU A 1 6 ? 0.973   0.385  -5.808 1.00 0.00 ? 6 LEU A HG   5  
ATOM   529  H HD11 . LEU A 1 6 ? 1.144   3.189  -4.661 1.00 0.00 ? 6 LEU A HD11 5  
ATOM   530  H HD12 . LEU A 1 6 ? 0.584   1.775  -3.768 1.00 0.00 ? 6 LEU A HD12 5  
ATOM   531  H HD13 . LEU A 1 6 ? -0.324  2.353  -5.166 1.00 0.00 ? 6 LEU A HD13 5  
ATOM   532  H HD21 . LEU A 1 6 ? 1.992   3.038  -6.849 1.00 0.00 ? 6 LEU A HD21 5  
ATOM   533  H HD22 . LEU A 1 6 ? 0.775   1.986  -7.571 1.00 0.00 ? 6 LEU A HD22 5  
ATOM   534  H HD23 . LEU A 1 6 ? 2.470   1.498  -7.564 1.00 0.00 ? 6 LEU A HD23 5  
ATOM   535  N N    . CYS A 1 7 ? 2.809   0.647  -1.324 1.00 0.00 ? 7 CYS A N    5  
ATOM   536  C CA   . CYS A 1 7 ? 2.911   1.455  -0.115 1.00 0.00 ? 7 CYS A CA   5  
ATOM   537  C C    . CYS A 1 7 ? 4.104   2.402  -0.206 1.00 0.00 ? 7 CYS A C    5  
ATOM   538  O O    . CYS A 1 7 ? 4.080   3.503  0.345  1.00 0.00 ? 7 CYS A O    5  
ATOM   539  C CB   . CYS A 1 7 ? 3.065   0.549  1.110  1.00 0.00 ? 7 CYS A CB   5  
ATOM   540  S SG   . CYS A 1 7 ? 1.657   0.794  2.221  1.00 0.00 ? 7 CYS A SG   5  
ATOM   541  H H    . CYS A 1 7 ? 2.773   -0.328 -1.249 1.00 0.00 ? 7 CYS A H    5  
ATOM   542  H HA   . CYS A 1 7 ? 2.010   2.038  -0.006 1.00 0.00 ? 7 CYS A HA   5  
ATOM   543  H HB2  . CYS A 1 7 ? 3.097   -0.483 0.793  1.00 0.00 ? 7 CYS A HB2  5  
ATOM   544  H HB3  . CYS A 1 7 ? 3.980   0.795  1.628  1.00 0.00 ? 7 CYS A HB3  5  
ATOM   545  N N    . ALA A 1 8 ? 5.146   1.965  -0.904 1.00 0.00 ? 8 ALA A N    5  
ATOM   546  C CA   . ALA A 1 8 ? 6.346   2.779  -1.063 1.00 0.00 ? 8 ALA A CA   5  
ATOM   547  C C    . ALA A 1 8 ? 5.975   4.216  -1.420 1.00 0.00 ? 8 ALA A C    5  
ATOM   548  O O    . ALA A 1 8 ? 4.797   4.475  -1.601 1.00 0.00 ? 8 ALA A O    5  
ATOM   549  C CB   . ALA A 1 8 ? 7.233   2.192  -2.162 1.00 0.00 ? 8 ALA A CB   5  
ATOM   550  O OXT  . ALA A 1 8 ? 6.876   5.034  -1.506 1.00 0.00 ? 8 ALA A OXT  5  
ATOM   551  H H    . ALA A 1 8 ? 5.108   1.079  -1.322 1.00 0.00 ? 8 ALA A H    5  
ATOM   552  H HA   . ALA A 1 8 ? 6.895   2.780  -0.135 1.00 0.00 ? 8 ALA A HA   5  
ATOM   553  H HB1  . ALA A 1 8 ? 7.244   1.116  -2.077 1.00 0.00 ? 8 ALA A HB1  5  
ATOM   554  H HB2  . ALA A 1 8 ? 8.238   2.573  -2.055 1.00 0.00 ? 8 ALA A HB2  5  
ATOM   555  H HB3  . ALA A 1 8 ? 6.843   2.473  -3.128 1.00 0.00 ? 8 ALA A HB3  5  
ATOM   556  N N    . PHE A 1 1 ? -6.504  0.262  7.908  1.00 0.00 1 1 PHE A N    6  
ATOM   557  C CA   . PHE A 1 1 ? -6.426  0.286  6.420  1.00 0.00 ? 1 PHE A CA   6  
ATOM   558  C C    . PHE A 1 1 ? -5.110  0.929  5.993  1.00 0.00 ? 1 PHE A C    6  
ATOM   559  O O    . PHE A 1 1 ? -4.915  2.134  6.160  1.00 0.00 ? 1 PHE A O    6  
ATOM   560  C CB   . PHE A 1 1 ? -7.601  1.092  5.864  1.00 0.00 ? 1 PHE A CB   6  
ATOM   561  C CG   . PHE A 1 1 ? -7.450  1.237  4.368  1.00 0.00 ? 1 PHE A CG   6  
ATOM   562  C CD1  . PHE A 1 1 ? -7.139  2.485  3.814  1.00 0.00 ? 1 PHE A CD1  6  
ATOM   563  C CD2  . PHE A 1 1 ? -7.625  0.125  3.536  1.00 0.00 ? 1 PHE A CD2  6  
ATOM   564  C CE1  . PHE A 1 1 ? -7.000  2.619  2.427  1.00 0.00 ? 1 PHE A CE1  6  
ATOM   565  C CE2  . PHE A 1 1 ? -7.485  0.259  2.149  1.00 0.00 ? 1 PHE A CE2  6  
ATOM   566  C CZ   . PHE A 1 1 ? -7.174  1.507  1.595  1.00 0.00 ? 1 PHE A CZ   6  
ATOM   567  H H1   . PHE A 1 1 ? -5.609  -0.096 8.296  1.00 0.00 ? 1 PHE A H1   6  
ATOM   568  H H2   . PHE A 1 1 ? -7.285  -0.361 8.203  1.00 0.00 ? 1 PHE A H2   6  
ATOM   569  H H3   . PHE A 1 1 ? -6.674  1.223  8.262  1.00 0.00 ? 1 PHE A H3   6  
ATOM   570  H HA   . PHE A 1 1 ? -6.474  -0.724 6.041  1.00 0.00 ? 1 PHE A HA   6  
ATOM   571  H HB2  . PHE A 1 1 ? -8.526  0.580  6.087  1.00 0.00 ? 1 PHE A HB2  6  
ATOM   572  H HB3  . PHE A 1 1 ? -7.612  2.071  6.319  1.00 0.00 ? 1 PHE A HB3  6  
ATOM   573  H HD1  . PHE A 1 1 ? -7.005  3.342  4.456  1.00 0.00 ? 1 PHE A HD1  6  
ATOM   574  H HD2  . PHE A 1 1 ? -7.866  -0.838 3.963  1.00 0.00 ? 1 PHE A HD2  6  
ATOM   575  H HE1  . PHE A 1 1 ? -6.760  3.582  2.000  1.00 0.00 ? 1 PHE A HE1  6  
ATOM   576  H HE2  . PHE A 1 1 ? -7.619  -0.598 1.507  1.00 0.00 ? 1 PHE A HE2  6  
ATOM   577  H HZ   . PHE A 1 1 ? -7.066  1.612  0.526  1.00 0.00 ? 1 PHE A HZ   6  
ATOM   578  N N    . SER A 1 2 ? -4.211  0.121  5.441  1.00 0.00 ? 2 SER A N    6  
ATOM   579  C CA   . SER A 1 2 ? -2.919  0.626  4.994  1.00 0.00 ? 2 SER A CA   6  
ATOM   580  C C    . SER A 1 2 ? -2.286  -0.337 3.994  1.00 0.00 ? 2 SER A C    6  
ATOM   581  O O    . SER A 1 2 ? -2.539  -1.541 4.030  1.00 0.00 ? 2 SER A O    6  
ATOM   582  C CB   . SER A 1 2 ? -1.985  0.806  6.191  1.00 0.00 ? 2 SER A CB   6  
ATOM   583  O OG   . SER A 1 2 ? -0.659  0.474  5.804  1.00 0.00 ? 2 SER A OG   6  
ATOM   584  H H    . SER A 1 2 ? -4.421  -0.829 5.330  1.00 0.00 ? 2 SER A H    6  
ATOM   585  H HA   . SER A 1 2 ? -3.061  1.583  4.515  1.00 0.00 ? 2 SER A HA   6  
ATOM   586  H HB2  . SER A 1 2 ? -2.013  1.831  6.520  1.00 0.00 ? 2 SER A HB2  6  
ATOM   587  H HB3  . SER A 1 2 ? -2.309  0.161  6.996  1.00 0.00 ? 2 SER A HB3  6  
ATOM   588  H HG   . SER A 1 2 ? -0.158  0.280  6.600  1.00 0.00 ? 2 SER A HG   6  
HETATM 589  N N    . DAL A 1 3 ? -1.465  0.203  3.098  1.00 0.00 ? 3 DAL A N    6  
HETATM 590  C CA   . DAL A 1 3 ? -0.804  -0.619 2.091  1.00 0.00 ? 3 DAL A CA   6  
HETATM 591  C CB   . DAL A 1 3 ? 0.210   0.225  1.315  1.00 0.00 ? 3 DAL A CB   6  
HETATM 592  C C    . DAL A 1 3 ? -1.831  -1.205 1.126  1.00 0.00 ? 3 DAL A C    6  
HETATM 593  O O    . DAL A 1 3 ? -2.953  -1.523 1.518  1.00 0.00 ? 3 DAL A O    6  
HETATM 594  H H    . DAL A 1 3 ? -1.302  1.169  3.115  1.00 0.00 ? 3 DAL A H    6  
HETATM 595  H HA   . DAL A 1 3 ? -0.283  -1.427 2.584  1.00 0.00 ? 3 DAL A HA   6  
HETATM 596  H HB1  . DAL A 1 3 ? 0.555   1.036  1.938  1.00 0.00 ? 3 DAL A HB1  6  
HETATM 597  H HB2  . DAL A 1 3 ? -0.258  0.625  0.428  1.00 0.00 ? 3 DAL A HB2  6  
ATOM   598  N N    . LEU A 1 4 ? -1.437  -1.347 -0.134 1.00 0.00 ? 4 LEU A N    6  
ATOM   599  C CA   . LEU A 1 4 ? -2.331  -1.896 -1.150 1.00 0.00 ? 4 LEU A CA   6  
ATOM   600  C C    . LEU A 1 4 ? -1.542  -2.592 -2.251 1.00 0.00 ? 4 LEU A C    6  
ATOM   601  O O    . LEU A 1 4 ? -1.603  -3.814 -2.384 1.00 0.00 ? 4 LEU A O    6  
ATOM   602  C CB   . LEU A 1 4 ? -3.202  -0.784 -1.745 1.00 0.00 ? 4 LEU A CB   6  
ATOM   603  C CG   . LEU A 1 4 ? -4.570  -0.788 -1.062 1.00 0.00 ? 4 LEU A CG   6  
ATOM   604  C CD1  . LEU A 1 4 ? -5.239  0.576  -1.246 1.00 0.00 ? 4 LEU A CD1  6  
ATOM   605  C CD2  . LEU A 1 4 ? -5.449  -1.875 -1.684 1.00 0.00 ? 4 LEU A CD2  6  
ATOM   606  H H    . LEU A 1 4 ? -0.529  -1.077 -0.386 1.00 0.00 ? 4 LEU A H    6  
ATOM   607  H HA   . LEU A 1 4 ? -2.973  -2.624 -0.691 1.00 0.00 ? 4 LEU A HA   6  
ATOM   608  H HB2  . LEU A 1 4 ? -2.726  0.174  -1.588 1.00 0.00 ? 4 LEU A HB2  6  
ATOM   609  H HB3  . LEU A 1 4 ? -3.333  -0.953 -2.804 1.00 0.00 ? 4 LEU A HB3  6  
ATOM   610  H HG   . LEU A 1 4 ? -4.443  -0.984 -0.006 1.00 0.00 ? 4 LEU A HG   6  
ATOM   611  H HD11 . LEU A 1 4 ? -4.919  1.010  -2.182 1.00 0.00 ? 4 LEU A HD11 6  
ATOM   612  H HD12 . LEU A 1 4 ? -4.958  1.228  -0.432 1.00 0.00 ? 4 LEU A HD12 6  
ATOM   613  H HD13 . LEU A 1 4 ? -6.311  0.452  -1.253 1.00 0.00 ? 4 LEU A HD13 6  
ATOM   614  H HD21 . LEU A 1 4 ? -5.884  -2.479 -0.900 1.00 0.00 ? 4 LEU A HD21 6  
ATOM   615  H HD22 . LEU A 1 4 ? -4.847  -2.499 -2.328 1.00 0.00 ? 4 LEU A HD22 6  
ATOM   616  H HD23 . LEU A 1 4 ? -6.235  -1.416 -2.263 1.00 0.00 ? 4 LEU A HD23 6  
ATOM   617  N N    . ALA A 1 5 ? -0.810  -1.822 -3.045 1.00 0.00 ? 5 ALA A N    6  
ATOM   618  C CA   . ALA A 1 5 ? -0.034  -2.402 -4.123 1.00 0.00 ? 5 ALA A CA   6  
ATOM   619  C C    . ALA A 1 5 ? 1.289   -1.663 -4.292 1.00 0.00 ? 5 ALA A C    6  
ATOM   620  O O    . ALA A 1 5 ? 2.221   -2.171 -4.914 1.00 0.00 ? 5 ALA A O    6  
ATOM   621  C CB   . ALA A 1 5 ? -0.847  -2.338 -5.412 1.00 0.00 ? 5 ALA A CB   6  
ATOM   622  H H    . ALA A 1 5 ? -0.793  -0.853 -2.907 1.00 0.00 ? 5 ALA A H    6  
ATOM   623  H HA   . ALA A 1 5 ? 0.169   -3.437 -3.892 1.00 0.00 ? 5 ALA A HA   6  
ATOM   624  H HB1  . ALA A 1 5 ? -1.527  -3.177 -5.446 1.00 0.00 ? 5 ALA A HB1  6  
ATOM   625  H HB2  . ALA A 1 5 ? -0.184  -2.374 -6.258 1.00 0.00 ? 5 ALA A HB2  6  
ATOM   626  H HB3  . ALA A 1 5 ? -1.413  -1.417 -5.431 1.00 0.00 ? 5 ALA A HB3  6  
ATOM   627  N N    . LEU A 1 6 ? 1.361   -0.463 -3.726 1.00 0.00 ? 6 LEU A N    6  
ATOM   628  C CA   . LEU A 1 6 ? 2.575   0.341  -3.811 1.00 0.00 ? 6 LEU A CA   6  
ATOM   629  C C    . LEU A 1 6 ? 2.698   1.246  -2.590 1.00 0.00 ? 6 LEU A C    6  
ATOM   630  O O    . LEU A 1 6 ? 2.732   2.470  -2.712 1.00 0.00 ? 6 LEU A O    6  
ATOM   631  C CB   . LEU A 1 6 ? 2.551   1.192  -5.082 1.00 0.00 ? 6 LEU A CB   6  
ATOM   632  C CG   . LEU A 1 6 ? 1.253   1.998  -5.135 1.00 0.00 ? 6 LEU A CG   6  
ATOM   633  C CD1  . LEU A 1 6 ? 1.560   3.434  -5.564 1.00 0.00 ? 6 LEU A CD1  6  
ATOM   634  C CD2  . LEU A 1 6 ? 0.299   1.359  -6.146 1.00 0.00 ? 6 LEU A CD2  6  
ATOM   635  H H    . LEU A 1 6 ? 0.588   -0.114 -3.240 1.00 0.00 ? 6 LEU A H    6  
ATOM   636  H HA   . LEU A 1 6 ? 3.430   -0.316 -3.849 1.00 0.00 ? 6 LEU A HA   6  
ATOM   637  H HB2  . LEU A 1 6 ? 3.395   1.867  -5.079 1.00 0.00 ? 6 LEU A HB2  6  
ATOM   638  H HB3  . LEU A 1 6 ? 2.607   0.548  -5.949 1.00 0.00 ? 6 LEU A HB3  6  
ATOM   639  H HG   . LEU A 1 6 ? 0.794   2.005  -4.157 1.00 0.00 ? 6 LEU A HG   6  
ATOM   640  H HD11 . LEU A 1 6 ? 2.185   3.906  -4.821 1.00 0.00 ? 6 LEU A HD11 6  
ATOM   641  H HD12 . LEU A 1 6 ? 0.637   3.987  -5.662 1.00 0.00 ? 6 LEU A HD12 6  
ATOM   642  H HD13 . LEU A 1 6 ? 2.074   3.424  -6.515 1.00 0.00 ? 6 LEU A HD13 6  
ATOM   643  H HD21 . LEU A 1 6 ? -0.538  2.021  -6.321 1.00 0.00 ? 6 LEU A HD21 6  
ATOM   644  H HD22 . LEU A 1 6 ? -0.063  0.419  -5.756 1.00 0.00 ? 6 LEU A HD22 6  
ATOM   645  H HD23 . LEU A 1 6 ? 0.821   1.186  -7.075 1.00 0.00 ? 6 LEU A HD23 6  
ATOM   646  N N    . CYS A 1 7 ? 2.765   0.634  -1.412 1.00 0.00 ? 7 CYS A N    6  
ATOM   647  C CA   . CYS A 1 7 ? 2.882   1.394  -0.173 1.00 0.00 ? 7 CYS A CA   6  
ATOM   648  C C    . CYS A 1 7 ? 4.151   2.239  -0.183 1.00 0.00 ? 7 CYS A C    6  
ATOM   649  O O    . CYS A 1 7 ? 4.206   3.302  0.436  1.00 0.00 ? 7 CYS A O    6  
ATOM   650  C CB   . CYS A 1 7 ? 2.911   0.440  1.026  1.00 0.00 ? 7 CYS A CB   6  
ATOM   651  S SG   . CYS A 1 7 ? 1.616   -0.813 0.836  1.00 0.00 ? 7 CYS A SG   6  
ATOM   652  H H    . CYS A 1 7 ? 2.733   -0.344 -1.375 1.00 0.00 ? 7 CYS A H    6  
ATOM   653  H HA   . CYS A 1 7 ? 2.026   2.045  -0.079 1.00 0.00 ? 7 CYS A HA   6  
ATOM   654  H HB2  . CYS A 1 7 ? 3.876   -0.044 1.075  1.00 0.00 ? 7 CYS A HB2  6  
ATOM   655  H HB3  . CYS A 1 7 ? 2.743   0.999  1.933  1.00 0.00 ? 7 CYS A HB3  6  
ATOM   656  N N    . ALA A 1 8 ? 5.169   1.761  -0.891 1.00 0.00 ? 8 ALA A N    6  
ATOM   657  C CA   . ALA A 1 8 ? 6.433   2.482  -0.978 1.00 0.00 ? 8 ALA A CA   6  
ATOM   658  C C    . ALA A 1 8 ? 6.189   3.987  -1.042 1.00 0.00 ? 8 ALA A C    6  
ATOM   659  O O    . ALA A 1 8 ? 5.568   4.425  -1.996 1.00 0.00 ? 8 ALA A O    6  
ATOM   660  C CB   . ALA A 1 8 ? 7.206   2.034  -2.220 1.00 0.00 ? 8 ALA A CB   6  
ATOM   661  O OXT  . ALA A 1 8 ? 6.626   4.677  -0.137 1.00 0.00 ? 8 ALA A OXT  6  
ATOM   662  H H    . ALA A 1 8 ? 5.066   0.909  -1.365 1.00 0.00 ? 8 ALA A H    6  
ATOM   663  H HA   . ALA A 1 8 ? 7.023   2.260  -0.101 1.00 0.00 ? 8 ALA A HA   6  
ATOM   664  H HB1  . ALA A 1 8 ? 6.683   2.362  -3.106 1.00 0.00 ? 8 ALA A HB1  6  
ATOM   665  H HB2  . ALA A 1 8 ? 7.285   0.957  -2.225 1.00 0.00 ? 8 ALA A HB2  6  
ATOM   666  H HB3  . ALA A 1 8 ? 8.195   2.468  -2.204 1.00 0.00 ? 8 ALA A HB3  6  
ATOM   667  N N    . PHE A 1 1 ? -2.389  3.894  7.169  1.00 0.00 1 1 PHE A N    7  
ATOM   668  C CA   . PHE A 1 1 ? -3.349  3.144  6.314  1.00 0.00 ? 1 PHE A CA   7  
ATOM   669  C C    . PHE A 1 1 ? -2.652  1.924  5.719  1.00 0.00 ? 1 PHE A C    7  
ATOM   670  O O    . PHE A 1 1 ? -1.579  2.039  5.126  1.00 0.00 ? 1 PHE A O    7  
ATOM   671  C CB   . PHE A 1 1 ? -3.851  4.058  5.194  1.00 0.00 ? 1 PHE A CB   7  
ATOM   672  C CG   . PHE A 1 1 ? -4.640  3.246  4.194  1.00 0.00 ? 1 PHE A CG   7  
ATOM   673  C CD1  . PHE A 1 1 ? -4.251  3.223  2.850  1.00 0.00 ? 1 PHE A CD1  7  
ATOM   674  C CD2  . PHE A 1 1 ? -5.760  2.518  4.612  1.00 0.00 ? 1 PHE A CD2  7  
ATOM   675  C CE1  . PHE A 1 1 ? -4.982  2.471  1.922  1.00 0.00 ? 1 PHE A CE1  7  
ATOM   676  C CE2  . PHE A 1 1 ? -6.490  1.764  3.686  1.00 0.00 ? 1 PHE A CE2  7  
ATOM   677  C CZ   . PHE A 1 1 ? -6.102  1.741  2.341  1.00 0.00 ? 1 PHE A CZ   7  
ATOM   678  H H1   . PHE A 1 1 ? -2.906  4.574  7.761  1.00 0.00 ? 1 PHE A H1   7  
ATOM   679  H H2   . PHE A 1 1 ? -1.713  4.405  6.564  1.00 0.00 ? 1 PHE A H2   7  
ATOM   680  H H3   . PHE A 1 1 ? -1.874  3.229  7.781  1.00 0.00 ? 1 PHE A H3   7  
ATOM   681  H HA   . PHE A 1 1 ? -4.187  2.822  6.915  1.00 0.00 ? 1 PHE A HA   7  
ATOM   682  H HB2  . PHE A 1 1 ? -4.483  4.827  5.613  1.00 0.00 ? 1 PHE A HB2  7  
ATOM   683  H HB3  . PHE A 1 1 ? -3.008  4.516  4.699  1.00 0.00 ? 1 PHE A HB3  7  
ATOM   684  H HD1  . PHE A 1 1 ? -3.388  3.785  2.527  1.00 0.00 ? 1 PHE A HD1  7  
ATOM   685  H HD2  . PHE A 1 1 ? -6.059  2.535  5.651  1.00 0.00 ? 1 PHE A HD2  7  
ATOM   686  H HE1  . PHE A 1 1 ? -4.684  2.452  0.885  1.00 0.00 ? 1 PHE A HE1  7  
ATOM   687  H HE2  . PHE A 1 1 ? -7.354  1.202  4.008  1.00 0.00 ? 1 PHE A HE2  7  
ATOM   688  H HZ   . PHE A 1 1 ? -6.666  1.161  1.626  1.00 0.00 ? 1 PHE A HZ   7  
ATOM   689  N N    . SER A 1 2 ? -3.265  0.755  5.881  1.00 0.00 ? 2 SER A N    7  
ATOM   690  C CA   . SER A 1 2 ? -2.692  -0.480 5.358  1.00 0.00 ? 2 SER A CA   7  
ATOM   691  C C    . SER A 1 2 ? -2.195  -0.282 3.929  1.00 0.00 ? 2 SER A C    7  
ATOM   692  O O    . SER A 1 2 ? -2.611  0.650  3.240  1.00 0.00 ? 2 SER A O    7  
ATOM   693  C CB   . SER A 1 2 ? -3.742  -1.592 5.385  1.00 0.00 ? 2 SER A CB   7  
ATOM   694  O OG   . SER A 1 2 ? -5.002  -1.038 5.739  1.00 0.00 ? 2 SER A OG   7  
ATOM   695  H H    . SER A 1 2 ? -4.118  0.722  6.364  1.00 0.00 ? 2 SER A H    7  
ATOM   696  H HA   . SER A 1 2 ? -1.861  -0.771 5.981  1.00 0.00 ? 2 SER A HA   7  
ATOM   697  H HB2  . SER A 1 2 ? -3.814  -2.047 4.412  1.00 0.00 ? 2 SER A HB2  7  
ATOM   698  H HB3  . SER A 1 2 ? -3.451  -2.341 6.110  1.00 0.00 ? 2 SER A HB3  7  
ATOM   699  H HG   . SER A 1 2 ? -5.433  -0.745 4.932  1.00 0.00 ? 2 SER A HG   7  
HETATM 700  N N    . DAL A 1 3 ? -1.304  -1.165 3.490  1.00 0.00 ? 3 DAL A N    7  
HETATM 701  C CA   . DAL A 1 3 ? -0.758  -1.079 2.139  1.00 0.00 ? 3 DAL A CA   7  
HETATM 702  C CB   . DAL A 1 3 ? 0.011   0.230  1.968  1.00 0.00 ? 3 DAL A CB   7  
HETATM 703  C C    . DAL A 1 3 ? -1.879  -1.154 1.108  1.00 0.00 ? 3 DAL A C    7  
HETATM 704  O O    . DAL A 1 3 ? -2.989  -0.687 1.353  1.00 0.00 ? 3 DAL A O    7  
HETATM 705  H H    . DAL A 1 3 ? -1.010  -1.888 4.083  1.00 0.00 ? 3 DAL A H    7  
HETATM 706  H HA   . DAL A 1 3 ? -0.081  -1.905 1.982  1.00 0.00 ? 3 DAL A HA   7  
HETATM 707  H HB1  . DAL A 1 3 ? 0.643   0.392  2.830  1.00 0.00 ? 3 DAL A HB1  7  
HETATM 708  H HB2  . DAL A 1 3 ? -0.687  1.049  1.877  1.00 0.00 ? 3 DAL A HB2  7  
ATOM   709  N N    . LEU A 1 4 ? -1.577  -1.749 -0.041 1.00 0.00 ? 4 LEU A N    7  
ATOM   710  C CA   . LEU A 1 4 ? -2.560  -1.892 -1.113 1.00 0.00 ? 4 LEU A CA   7  
ATOM   711  C C    . LEU A 1 4 ? -1.900  -2.402 -2.382 1.00 0.00 ? 4 LEU A C    7  
ATOM   712  O O    . LEU A 1 4 ? -2.306  -3.428 -2.928 1.00 0.00 ? 4 LEU A O    7  
ATOM   713  C CB   . LEU A 1 4 ? -3.262  -0.554 -1.391 1.00 0.00 ? 4 LEU A CB   7  
ATOM   714  C CG   . LEU A 1 4 ? -4.780  -0.745 -1.326 1.00 0.00 ? 4 LEU A CG   7  
ATOM   715  C CD1  . LEU A 1 4 ? -5.241  -0.749 0.132  1.00 0.00 ? 4 LEU A CD1  7  
ATOM   716  C CD2  . LEU A 1 4 ? -5.471  0.398  -2.076 1.00 0.00 ? 4 LEU A CD2  7  
ATOM   717  H H    . LEU A 1 4 ? -0.673  -2.107 -0.169 1.00 0.00 ? 4 LEU A H    7  
ATOM   718  H HA   . LEU A 1 4 ? -3.299  -2.611 -0.814 1.00 0.00 ? 4 LEU A HA   7  
ATOM   719  H HB2  . LEU A 1 4 ? -2.958  0.176  -0.656 1.00 0.00 ? 4 LEU A HB2  7  
ATOM   720  H HB3  . LEU A 1 4 ? -2.995  -0.201 -2.376 1.00 0.00 ? 4 LEU A HB3  7  
ATOM   721  H HG   . LEU A 1 4 ? -5.042  -1.688 -1.786 1.00 0.00 ? 4 LEU A HG   7  
ATOM   722  H HD11 . LEU A 1 4 ? -4.842  -1.618 0.635  1.00 0.00 ? 4 LEU A HD11 7  
ATOM   723  H HD12 . LEU A 1 4 ? -6.320  -0.777 0.169  1.00 0.00 ? 4 LEU A HD12 7  
ATOM   724  H HD13 . LEU A 1 4 ? -4.889  0.146  0.623  1.00 0.00 ? 4 LEU A HD13 7  
ATOM   725  H HD21 . LEU A 1 4 ? -6.218  0.848  -1.439 1.00 0.00 ? 4 LEU A HD21 7  
ATOM   726  H HD22 . LEU A 1 4 ? -5.944  0.011  -2.966 1.00 0.00 ? 4 LEU A HD22 7  
ATOM   727  H HD23 . LEU A 1 4 ? -4.738  1.142  -2.352 1.00 0.00 ? 4 LEU A HD23 7  
ATOM   728  N N    . ALA A 1 5 ? -0.889  -1.690 -2.855 1.00 0.00 ? 5 ALA A N    7  
ATOM   729  C CA   . ALA A 1 5 ? -0.208  -2.102 -4.064 1.00 0.00 ? 5 ALA A CA   7  
ATOM   730  C C    . ALA A 1 5 ? 1.282   -1.791 -3.983 1.00 0.00 ? 5 ALA A C    7  
ATOM   731  O O    . ALA A 1 5 ? 2.121   -2.679 -4.132 1.00 0.00 ? 5 ALA A O    7  
ATOM   732  C CB   . ALA A 1 5 ? -0.840  -1.389 -5.251 1.00 0.00 ? 5 ALA A CB   7  
ATOM   733  H H    . ALA A 1 5 ? -0.599  -0.878 -2.390 1.00 0.00 ? 5 ALA A H    7  
ATOM   734  H HA   . ALA A 1 5 ? -0.336  -3.165 -4.192 1.00 0.00 ? 5 ALA A HA   7  
ATOM   735  H HB1  . ALA A 1 5 ? -0.934  -2.078 -6.074 1.00 0.00 ? 5 ALA A HB1  7  
ATOM   736  H HB2  . ALA A 1 5 ? -0.223  -0.554 -5.540 1.00 0.00 ? 5 ALA A HB2  7  
ATOM   737  H HB3  . ALA A 1 5 ? -1.822  -1.032 -4.968 1.00 0.00 ? 5 ALA A HB3  7  
ATOM   738  N N    . LEU A 1 6 ? 1.604   -0.523 -3.746 1.00 0.00 ? 6 LEU A N    7  
ATOM   739  C CA   . LEU A 1 6 ? 2.999   -0.105 -3.647 1.00 0.00 ? 6 LEU A CA   7  
ATOM   740  C C    . LEU A 1 6 ? 3.139   1.091  -2.708 1.00 0.00 ? 6 LEU A C    7  
ATOM   741  O O    . LEU A 1 6 ? 3.622   2.150  -3.109 1.00 0.00 ? 6 LEU A O    7  
ATOM   742  C CB   . LEU A 1 6 ? 3.528   0.276  -5.034 1.00 0.00 ? 6 LEU A CB   7  
ATOM   743  C CG   . LEU A 1 6 ? 3.798   -0.986 -5.859 1.00 0.00 ? 6 LEU A CG   7  
ATOM   744  C CD1  . LEU A 1 6 ? 2.665   -1.190 -6.866 1.00 0.00 ? 6 LEU A CD1  7  
ATOM   745  C CD2  . LEU A 1 6 ? 5.123   -0.824 -6.612 1.00 0.00 ? 6 LEU A CD2  7  
ATOM   746  H H    . LEU A 1 6 ? 0.893   0.142  -3.636 1.00 0.00 ? 6 LEU A H    7  
ATOM   747  H HA   . LEU A 1 6 ? 3.585   -0.924 -3.260 1.00 0.00 ? 6 LEU A HA   7  
ATOM   748  H HB2  . LEU A 1 6 ? 2.796   0.887  -5.543 1.00 0.00 ? 6 LEU A HB2  7  
ATOM   749  H HB3  . LEU A 1 6 ? 4.446   0.833  -4.926 1.00 0.00 ? 6 LEU A HB3  7  
ATOM   750  H HG   . LEU A 1 6 ? 3.856   -1.844 -5.206 1.00 0.00 ? 6 LEU A HG   7  
ATOM   751  H HD11 . LEU A 1 6 ? 1.733   -1.319 -6.338 1.00 0.00 ? 6 LEU A HD11 7  
ATOM   752  H HD12 . LEU A 1 6 ? 2.867   -2.067 -7.463 1.00 0.00 ? 6 LEU A HD12 7  
ATOM   753  H HD13 . LEU A 1 6 ? 2.598   -0.324 -7.510 1.00 0.00 ? 6 LEU A HD13 7  
ATOM   754  H HD21 . LEU A 1 6 ? 5.089   0.075  -7.207 1.00 0.00 ? 6 LEU A HD21 7  
ATOM   755  H HD22 . LEU A 1 6 ? 5.276   -1.678 -7.255 1.00 0.00 ? 6 LEU A HD22 7  
ATOM   756  H HD23 . LEU A 1 6 ? 5.933   -0.757 -5.902 1.00 0.00 ? 6 LEU A HD23 7  
ATOM   757  N N    . CYS A 1 7 ? 2.720   0.918  -1.458 1.00 0.00 ? 7 CYS A N    7  
ATOM   758  C CA   . CYS A 1 7 ? 2.817   1.996  -0.481 1.00 0.00 ? 7 CYS A CA   7  
ATOM   759  C C    . CYS A 1 7 ? 4.250   2.135  0.018  1.00 0.00 ? 7 CYS A C    7  
ATOM   760  O O    . CYS A 1 7 ? 4.788   3.240  0.096  1.00 0.00 ? 7 CYS A O    7  
ATOM   761  C CB   . CYS A 1 7 ? 1.884   1.728  0.706  1.00 0.00 ? 7 CYS A CB   7  
ATOM   762  S SG   . CYS A 1 7 ? 1.036   0.146  0.477  1.00 0.00 ? 7 CYS A SG   7  
ATOM   763  H H    . CYS A 1 7 ? 2.347   0.052  -1.188 1.00 0.00 ? 7 CYS A H    7  
ATOM   764  H HA   . CYS A 1 7 ? 2.520   2.921  -0.953 1.00 0.00 ? 7 CYS A HA   7  
ATOM   765  H HB2  . CYS A 1 7 ? 2.461   1.696  1.618  1.00 0.00 ? 7 CYS A HB2  7  
ATOM   766  H HB3  . CYS A 1 7 ? 1.152   2.520  0.772  1.00 0.00 ? 7 CYS A HB3  7  
ATOM   767  N N    . ALA A 1 8 ? 4.864   1.004  0.352  1.00 0.00 ? 8 ALA A N    7  
ATOM   768  C CA   . ALA A 1 8 ? 6.238   1.008  0.842  1.00 0.00 ? 8 ALA A CA   7  
ATOM   769  C C    . ALA A 1 8 ? 7.168   1.664  -0.173 1.00 0.00 ? 8 ALA A C    7  
ATOM   770  O O    . ALA A 1 8 ? 6.763   1.805  -1.314 1.00 0.00 ? 8 ALA A O    7  
ATOM   771  C CB   . ALA A 1 8 ? 6.699   -0.426 1.107  1.00 0.00 ? 8 ALA A CB   7  
ATOM   772  O OXT  . ALA A 1 8 ? 8.274   2.014  0.207  1.00 0.00 ? 8 ALA A OXT  7  
ATOM   773  H H    . ALA A 1 8 ? 4.386   0.154  0.269  1.00 0.00 ? 8 ALA A H    7  
ATOM   774  H HA   . ALA A 1 8 ? 6.280   1.563  1.768  1.00 0.00 ? 8 ALA A HA   7  
ATOM   775  H HB1  . ALA A 1 8 ? 6.209   -1.095 0.417  1.00 0.00 ? 8 ALA A HB1  7  
ATOM   776  H HB2  . ALA A 1 8 ? 6.448   -0.706 2.119  1.00 0.00 ? 8 ALA A HB2  7  
ATOM   777  H HB3  . ALA A 1 8 ? 7.769   -0.491 0.971  1.00 0.00 ? 8 ALA A HB3  7  
ATOM   778  N N    . PHE A 1 1 ? -3.959  5.880  -0.633 1.00 0.00 1 1 PHE A N    8  
ATOM   779  C CA   . PHE A 1 1 ? -3.306  4.563  -0.878 1.00 0.00 ? 1 PHE A CA   8  
ATOM   780  C C    . PHE A 1 1 ? -2.403  4.215  0.300  1.00 0.00 ? 1 PHE A C    8  
ATOM   781  O O    . PHE A 1 1 ? -1.278  4.706  0.399  1.00 0.00 ? 1 PHE A O    8  
ATOM   782  C CB   . PHE A 1 1 ? -2.479  4.633  -2.163 1.00 0.00 ? 1 PHE A CB   8  
ATOM   783  C CG   . PHE A 1 1 ? -3.197  3.896  -3.266 1.00 0.00 ? 1 PHE A CG   8  
ATOM   784  C CD1  . PHE A 1 1 ? -4.344  4.450  -3.845 1.00 0.00 ? 1 PHE A CD1  8  
ATOM   785  C CD2  . PHE A 1 1 ? -2.719  2.658  -3.709 1.00 0.00 ? 1 PHE A CD2  8  
ATOM   786  C CE1  . PHE A 1 1 ? -5.013  3.766  -4.867 1.00 0.00 ? 1 PHE A CE1  8  
ATOM   787  C CE2  . PHE A 1 1 ? -3.387  1.973  -4.732 1.00 0.00 ? 1 PHE A CE2  8  
ATOM   788  C CZ   . PHE A 1 1 ? -4.535  2.527  -5.310 1.00 0.00 ? 1 PHE A CZ   8  
ATOM   789  H H1   . PHE A 1 1 ? -3.290  6.644  -0.850 1.00 0.00 ? 1 PHE A H1   8  
ATOM   790  H H2   . PHE A 1 1 ? -4.250  5.943  0.364  1.00 0.00 ? 1 PHE A H2   8  
ATOM   791  H H3   . PHE A 1 1 ? -4.795  5.971  -1.245 1.00 0.00 ? 1 PHE A H3   8  
ATOM   792  H HA   . PHE A 1 1 ? -4.066  3.802  -0.983 1.00 0.00 ? 1 PHE A HA   8  
ATOM   793  H HB2  . PHE A 1 1 ? -2.345  5.668  -2.449 1.00 0.00 ? 1 PHE A HB2  8  
ATOM   794  H HB3  . PHE A 1 1 ? -1.514  4.180  -1.997 1.00 0.00 ? 1 PHE A HB3  8  
ATOM   795  H HD1  . PHE A 1 1 ? -4.714  5.405  -3.503 1.00 0.00 ? 1 PHE A HD1  8  
ATOM   796  H HD2  . PHE A 1 1 ? -1.834  2.228  -3.263 1.00 0.00 ? 1 PHE A HD2  8  
ATOM   797  H HE1  . PHE A 1 1 ? -5.898  4.195  -5.312 1.00 0.00 ? 1 PHE A HE1  8  
ATOM   798  H HE2  . PHE A 1 1 ? -3.018  1.018  -5.074 1.00 0.00 ? 1 PHE A HE2  8  
ATOM   799  H HZ   . PHE A 1 1 ? -5.051  2.000  -6.098 1.00 0.00 ? 1 PHE A HZ   8  
ATOM   800  N N    . SER A 1 2 ? -2.902  3.361  1.187  1.00 0.00 ? 2 SER A N    8  
ATOM   801  C CA   . SER A 1 2 ? -2.130  2.947  2.351  1.00 0.00 ? 2 SER A CA   8  
ATOM   802  C C    . SER A 1 2 ? -2.102  1.426  2.451  1.00 0.00 ? 2 SER A C    8  
ATOM   803  O O    . SER A 1 2 ? -3.084  0.803  2.858  1.00 0.00 ? 2 SER A O    8  
ATOM   804  C CB   . SER A 1 2 ? -2.743  3.535  3.621  1.00 0.00 ? 2 SER A CB   8  
ATOM   805  O OG   . SER A 1 2 ? -1.802  4.405  4.236  1.00 0.00 ? 2 SER A OG   8  
ATOM   806  H H    . SER A 1 2 ? -3.803  2.999  1.054  1.00 0.00 ? 2 SER A H    8  
ATOM   807  H HA   . SER A 1 2 ? -1.119  3.312  2.250  1.00 0.00 ? 2 SER A HA   8  
ATOM   808  H HB2  . SER A 1 2 ? -3.629  4.091  3.371  1.00 0.00 ? 2 SER A HB2  8  
ATOM   809  H HB3  . SER A 1 2 ? -3.005  2.733  4.300  1.00 0.00 ? 2 SER A HB3  8  
ATOM   810  H HG   . SER A 1 2 ? -2.168  5.293  4.227  1.00 0.00 ? 2 SER A HG   8  
HETATM 811  N N    . DAL A 1 3 ? -0.975  0.834  2.076  1.00 0.00 ? 3 DAL A N    8  
HETATM 812  C CA   . DAL A 1 3 ? -0.833  -0.615 2.125  1.00 0.00 ? 3 DAL A CA   8  
HETATM 813  C CB   . DAL A 1 3 ? 0.600   -1.013 1.767  1.00 0.00 ? 3 DAL A CB   8  
HETATM 814  C C    . DAL A 1 3 ? -1.808  -1.278 1.156  1.00 0.00 ? 3 DAL A C    8  
HETATM 815  O O    . DAL A 1 3 ? -2.852  -1.787 1.564  1.00 0.00 ? 3 DAL A O    8  
HETATM 816  H H    . DAL A 1 3 ? -0.227  1.382  1.760  1.00 0.00 ? 3 DAL A H    8  
HETATM 817  H HA   . DAL A 1 3 ? -1.050  -0.954 3.127  1.00 0.00 ? 3 DAL A HA   8  
HETATM 818  H HB1  . DAL A 1 3 ? 0.656   -1.258 0.719  1.00 0.00 ? 3 DAL A HB1  8  
HETATM 819  H HB2  . DAL A 1 3 ? 0.888   -1.873 2.353  1.00 0.00 ? 3 DAL A HB2  8  
ATOM   820  N N    . LEU A 1 4 ? -1.462  -1.266 -0.128 1.00 0.00 ? 4 LEU A N    8  
ATOM   821  C CA   . LEU A 1 4 ? -2.321  -1.866 -1.144 1.00 0.00 ? 4 LEU A CA   8  
ATOM   822  C C    . LEU A 1 4 ? -1.505  -2.577 -2.217 1.00 0.00 ? 4 LEU A C    8  
ATOM   823  O O    . LEU A 1 4 ? -1.539  -3.802 -2.317 1.00 0.00 ? 4 LEU A O    8  
ATOM   824  C CB   . LEU A 1 4 ? -3.213  -0.796 -1.785 1.00 0.00 ? 4 LEU A CB   8  
ATOM   825  C CG   . LEU A 1 4 ? -4.594  -0.831 -1.131 1.00 0.00 ? 4 LEU A CG   8  
ATOM   826  C CD1  . LEU A 1 4 ? -5.305  0.503  -1.361 1.00 0.00 ? 4 LEU A CD1  8  
ATOM   827  C CD2  . LEU A 1 4 ? -5.419  -1.962 -1.754 1.00 0.00 ? 4 LEU A CD2  8  
ATOM   828  H H    . LEU A 1 4 ? -0.618  -0.843 -0.393 1.00 0.00 ? 4 LEU A H    8  
ATOM   829  H HA   . LEU A 1 4 ? -2.952  -2.596 -0.675 1.00 0.00 ? 4 LEU A HA   8  
ATOM   830  H HB2  . LEU A 1 4 ? -2.770  0.179  -1.639 1.00 0.00 ? 4 LEU A HB2  8  
ATOM   831  H HB3  . LEU A 1 4 ? -3.315  -0.992 -2.842 1.00 0.00 ? 4 LEU A HB3  8  
ATOM   832  H HG   . LEU A 1 4 ? -4.488  -1.003 -0.070 1.00 0.00 ? 4 LEU A HG   8  
ATOM   833  H HD11 . LEU A 1 4 ? -4.933  1.236  -0.659 1.00 0.00 ? 4 LEU A HD11 8  
ATOM   834  H HD12 . LEU A 1 4 ? -6.368  0.376  -1.219 1.00 0.00 ? 4 LEU A HD12 8  
ATOM   835  H HD13 . LEU A 1 4 ? -5.116  0.844  -2.369 1.00 0.00 ? 4 LEU A HD13 8  
ATOM   836  H HD21 . LEU A 1 4 ? -4.913  -2.903 -1.601 1.00 0.00 ? 4 LEU A HD21 8  
ATOM   837  H HD22 . LEU A 1 4 ? -5.533  -1.782 -2.813 1.00 0.00 ? 4 LEU A HD22 8  
ATOM   838  H HD23 . LEU A 1 4 ? -6.392  -1.997 -1.288 1.00 0.00 ? 4 LEU A HD23 8  
ATOM   839  N N    . ALA A 1 5 ? -0.780  -1.815 -3.026 1.00 0.00 ? 5 ALA A N    8  
ATOM   840  C CA   . ALA A 1 5 ? 0.013   -2.410 -4.084 1.00 0.00 ? 5 ALA A CA   8  
ATOM   841  C C    . ALA A 1 5 ? 1.332   -1.662 -4.254 1.00 0.00 ? 5 ALA A C    8  
ATOM   842  O O    . ALA A 1 5 ? 2.299   -2.199 -4.795 1.00 0.00 ? 5 ALA A O    8  
ATOM   843  C CB   . ALA A 1 5 ? -0.787  -2.381 -5.382 1.00 0.00 ? 5 ALA A CB   8  
ATOM   844  H H    . ALA A 1 5 ? -0.787  -0.841 -2.919 1.00 0.00 ? 5 ALA A H    8  
ATOM   845  H HA   . ALA A 1 5 ? 0.224   -3.438 -3.828 1.00 0.00 ? 5 ALA A HA   8  
ATOM   846  H HB1  . ALA A 1 5 ? -1.560  -1.628 -5.306 1.00 0.00 ? 5 ALA A HB1  8  
ATOM   847  H HB2  . ALA A 1 5 ? -1.241  -3.347 -5.544 1.00 0.00 ? 5 ALA A HB2  8  
ATOM   848  H HB3  . ALA A 1 5 ? -0.133  -2.144 -6.204 1.00 0.00 ? 5 ALA A HB3  8  
ATOM   849  N N    . LEU A 1 6 ? 1.364   -0.424 -3.778 1.00 0.00 ? 6 LEU A N    8  
ATOM   850  C CA   . LEU A 1 6 ? 2.570   0.391  -3.868 1.00 0.00 ? 6 LEU A CA   8  
ATOM   851  C C    . LEU A 1 6 ? 2.710   1.258  -2.622 1.00 0.00 ? 6 LEU A C    8  
ATOM   852  O O    . LEU A 1 6 ? 2.786   2.484  -2.707 1.00 0.00 ? 6 LEU A O    8  
ATOM   853  C CB   . LEU A 1 6 ? 2.521   1.279  -5.111 1.00 0.00 ? 6 LEU A CB   8  
ATOM   854  C CG   . LEU A 1 6 ? 1.234   2.106  -5.100 1.00 0.00 ? 6 LEU A CG   8  
ATOM   855  C CD1  . LEU A 1 6 ? 1.476   3.438  -5.811 1.00 0.00 ? 6 LEU A CD1  8  
ATOM   856  C CD2  . LEU A 1 6 ? 0.128   1.334  -5.822 1.00 0.00 ? 6 LEU A CD2  8  
ATOM   857  H H    . LEU A 1 6 ? 0.564   -0.053 -3.350 1.00 0.00 ? 6 LEU A H    8  
ATOM   858  H HA   . LEU A 1 6 ? 3.429   -0.260 -3.937 1.00 0.00 ? 6 LEU A HA   8  
ATOM   859  H HB2  . LEU A 1 6 ? 3.375   1.942  -5.114 1.00 0.00 ? 6 LEU A HB2  8  
ATOM   860  H HB3  . LEU A 1 6 ? 2.542   0.662  -5.996 1.00 0.00 ? 6 LEU A HB3  8  
ATOM   861  H HG   . LEU A 1 6 ? 0.937   2.293  -4.078 1.00 0.00 ? 6 LEU A HG   8  
ATOM   862  H HD11 . LEU A 1 6 ? 2.073   3.271  -6.696 1.00 0.00 ? 6 LEU A HD11 8  
ATOM   863  H HD12 . LEU A 1 6 ? 1.997   4.111  -5.147 1.00 0.00 ? 6 LEU A HD12 8  
ATOM   864  H HD13 . LEU A 1 6 ? 0.528   3.872  -6.094 1.00 0.00 ? 6 LEU A HD13 8  
ATOM   865  H HD21 . LEU A 1 6 ? 0.494   0.981  -6.775 1.00 0.00 ? 6 LEU A HD21 8  
ATOM   866  H HD22 . LEU A 1 6 ? -0.720  1.984  -5.980 1.00 0.00 ? 6 LEU A HD22 8  
ATOM   867  H HD23 . LEU A 1 6 ? -0.175  0.489  -5.218 1.00 0.00 ? 6 LEU A HD23 8  
ATOM   868  N N    . CYS A 1 7 ? 2.734   0.606  -1.464 1.00 0.00 ? 7 CYS A N    8  
ATOM   869  C CA   . CYS A 1 7 ? 2.858   1.318  -0.195 1.00 0.00 ? 7 CYS A CA   8  
ATOM   870  C C    . CYS A 1 7 ? 3.991   0.733  0.651  1.00 0.00 ? 7 CYS A C    8  
ATOM   871  O O    . CYS A 1 7 ? 4.980   1.412  0.926  1.00 0.00 ? 7 CYS A O    8  
ATOM   872  C CB   . CYS A 1 7 ? 1.521   1.262  0.564  1.00 0.00 ? 7 CYS A CB   8  
ATOM   873  S SG   . CYS A 1 7 ? 1.714   0.368  2.131  1.00 0.00 ? 7 CYS A SG   8  
ATOM   874  H H    . CYS A 1 7 ? 2.664   -0.370 -1.466 1.00 0.00 ? 7 CYS A H    8  
ATOM   875  H HA   . CYS A 1 7 ? 3.088   2.352  -0.406 1.00 0.00 ? 7 CYS A HA   8  
ATOM   876  H HB2  . CYS A 1 7 ? 1.189   2.267  0.770  1.00 0.00 ? 7 CYS A HB2  8  
ATOM   877  H HB3  . CYS A 1 7 ? 0.785   0.763  -0.047 1.00 0.00 ? 7 CYS A HB3  8  
ATOM   878  N N    . ALA A 1 8 ? 3.844   -0.525 1.067  1.00 0.00 ? 8 ALA A N    8  
ATOM   879  C CA   . ALA A 1 8 ? 4.868   -1.172 1.884  1.00 0.00 ? 8 ALA A CA   8  
ATOM   880  C C    . ALA A 1 8 ? 5.754   -2.070 1.028  1.00 0.00 ? 8 ALA A C    8  
ATOM   881  O O    . ALA A 1 8 ? 5.543   -2.109 -0.173 1.00 0.00 ? 8 ALA A O    8  
ATOM   882  C CB   . ALA A 1 8 ? 4.208   -2.005 2.983  1.00 0.00 ? 8 ALA A CB   8  
ATOM   883  O OXT  . ALA A 1 8 ? 6.630   -2.709 1.587  1.00 0.00 ? 8 ALA A OXT  8  
ATOM   884  H H    . ALA A 1 8 ? 3.036   -1.023 0.829  1.00 0.00 ? 8 ALA A H    8  
ATOM   885  H HA   . ALA A 1 8 ? 5.480   -0.412 2.343  1.00 0.00 ? 8 ALA A HA   8  
ATOM   886  H HB1  . ALA A 1 8 ? 4.970   -2.429 3.619  1.00 0.00 ? 8 ALA A HB1  8  
ATOM   887  H HB2  . ALA A 1 8 ? 3.630   -2.800 2.533  1.00 0.00 ? 8 ALA A HB2  8  
ATOM   888  H HB3  . ALA A 1 8 ? 3.557   -1.375 3.570  1.00 0.00 ? 8 ALA A HB3  8  
ATOM   889  N N    . PHE A 1 1 ? -6.457  4.754  2.211  1.00 0.00 1 1 PHE A N    9  
ATOM   890  C CA   . PHE A 1 1 ? -5.494  4.238  1.199  1.00 0.00 ? 1 PHE A CA   9  
ATOM   891  C C    . PHE A 1 1 ? -4.124  4.061  1.850  1.00 0.00 ? 1 PHE A C    9  
ATOM   892  O O    . PHE A 1 1 ? -3.614  4.972  2.502  1.00 0.00 ? 1 PHE A O    9  
ATOM   893  C CB   . PHE A 1 1 ? -5.397  5.232  0.038  1.00 0.00 ? 1 PHE A CB   9  
ATOM   894  C CG   . PHE A 1 1 ? -5.837  4.562  -1.243 1.00 0.00 ? 1 PHE A CG   9  
ATOM   895  C CD1  . PHE A 1 1 ? -5.035  4.643  -2.388 1.00 0.00 ? 1 PHE A CD1  9  
ATOM   896  C CD2  . PHE A 1 1 ? -7.049  3.862  -1.284 1.00 0.00 ? 1 PHE A CD2  9  
ATOM   897  C CE1  . PHE A 1 1 ? -5.445  4.021  -3.574 1.00 0.00 ? 1 PHE A CE1  9  
ATOM   898  C CE2  . PHE A 1 1 ? -7.458  3.241  -2.470 1.00 0.00 ? 1 PHE A CE2  9  
ATOM   899  C CZ   . PHE A 1 1 ? -6.656  3.320  -3.615 1.00 0.00 ? 1 PHE A CZ   9  
ATOM   900  H H1   . PHE A 1 1 ? -7.400  4.358  2.025  1.00 0.00 ? 1 PHE A H1   9  
ATOM   901  H H2   . PHE A 1 1 ? -6.499  5.792  2.152  1.00 0.00 ? 1 PHE A H2   9  
ATOM   902  H H3   . PHE A 1 1 ? -6.147  4.471  3.161  1.00 0.00 ? 1 PHE A H3   9  
ATOM   903  H HA   . PHE A 1 1 ? -5.841  3.284  0.829  1.00 0.00 ? 1 PHE A HA   9  
ATOM   904  H HB2  . PHE A 1 1 ? -6.035  6.080  0.237  1.00 0.00 ? 1 PHE A HB2  9  
ATOM   905  H HB3  . PHE A 1 1 ? -4.375  5.567  -0.065 1.00 0.00 ? 1 PHE A HB3  9  
ATOM   906  H HD1  . PHE A 1 1 ? -4.101  5.182  -2.356 1.00 0.00 ? 1 PHE A HD1  9  
ATOM   907  H HD2  . PHE A 1 1 ? -7.667  3.800  -0.401 1.00 0.00 ? 1 PHE A HD2  9  
ATOM   908  H HE1  . PHE A 1 1 ? -4.827  4.083  -4.457 1.00 0.00 ? 1 PHE A HE1  9  
ATOM   909  H HE2  . PHE A 1 1 ? -8.392  2.701  -2.502 1.00 0.00 ? 1 PHE A HE2  9  
ATOM   910  H HZ   . PHE A 1 1 ? -6.973  2.842  -4.530 1.00 0.00 ? 1 PHE A HZ   9  
ATOM   911  N N    . SER A 1 2 ? -3.534  2.883  1.670  1.00 0.00 ? 2 SER A N    9  
ATOM   912  C CA   . SER A 1 2 ? -2.224  2.597  2.245  1.00 0.00 ? 2 SER A CA   9  
ATOM   913  C C    . SER A 1 2 ? -1.663  1.299  1.662  1.00 0.00 ? 2 SER A C    9  
ATOM   914  O O    . SER A 1 2 ? -1.611  1.135  0.445  1.00 0.00 ? 2 SER A O    9  
ATOM   915  C CB   . SER A 1 2 ? -2.341  2.497  3.768  1.00 0.00 ? 2 SER A CB   9  
ATOM   916  O OG   . SER A 1 2 ? -1.180  1.866  4.290  1.00 0.00 ? 2 SER A OG   9  
ATOM   917  H H    . SER A 1 2 ? -3.988  2.193  1.142  1.00 0.00 ? 2 SER A H    9  
ATOM   918  H HA   . SER A 1 2 ? -1.554  3.405  2.000  1.00 0.00 ? 2 SER A HA   9  
ATOM   919  H HB2  . SER A 1 2 ? -2.426  3.488  4.188  1.00 0.00 ? 2 SER A HB2  9  
ATOM   920  H HB3  . SER A 1 2 ? -3.225  1.927  4.026  1.00 0.00 ? 2 SER A HB3  9  
ATOM   921  H HG   . SER A 1 2 ? -1.335  1.678  5.217  1.00 0.00 ? 2 SER A HG   9  
HETATM 922  N N    . DAL A 1 3 ? -1.248  0.377  2.528  1.00 0.00 ? 3 DAL A N    9  
HETATM 923  C CA   . DAL A 1 3 ? -0.700  -0.893 2.067  1.00 0.00 ? 3 DAL A CA   9  
HETATM 924  C CB   . DAL A 1 3 ? 0.662   -0.668 1.405  1.00 0.00 ? 3 DAL A CB   9  
HETATM 925  C C    . DAL A 1 3 ? -1.655  -1.557 1.078  1.00 0.00 ? 3 DAL A C    9  
HETATM 926  O O    . DAL A 1 3 ? -2.440  -2.429 1.452  1.00 0.00 ? 3 DAL A O    9  
HETATM 927  H H    . DAL A 1 3 ? -1.310  0.552  3.487  1.00 0.00 ? 3 DAL A H    9  
HETATM 928  H HA   . DAL A 1 3 ? -0.570  -1.547 2.917  1.00 0.00 ? 3 DAL A HA   9  
HETATM 929  H HB1  . DAL A 1 3 ? 0.550   -0.686 0.332  1.00 0.00 ? 3 DAL A HB1  9  
HETATM 930  H HB2  . DAL A 1 3 ? 1.342   -1.450 1.709  1.00 0.00 ? 3 DAL A HB2  9  
ATOM   931  N N    . LEU A 1 4 ? -1.587  -1.137 -0.181 1.00 0.00 ? 4 LEU A N    9  
ATOM   932  C CA   . LEU A 1 4 ? -2.455  -1.701 -1.211 1.00 0.00 ? 4 LEU A CA   9  
ATOM   933  C C    . LEU A 1 4 ? -1.648  -2.488 -2.233 1.00 0.00 ? 4 LEU A C    9  
ATOM   934  O O    . LEU A 1 4 ? -1.760  -3.711 -2.312 1.00 0.00 ? 4 LEU A O    9  
ATOM   935  C CB   . LEU A 1 4 ? -3.244  -0.589 -1.907 1.00 0.00 ? 4 LEU A CB   9  
ATOM   936  C CG   . LEU A 1 4 ? -4.660  -0.523 -1.327 1.00 0.00 ? 4 LEU A CG   9  
ATOM   937  C CD1  . LEU A 1 4 ? -4.590  -0.174 0.162  1.00 0.00 ? 4 LEU A CD1  9  
ATOM   938  C CD2  . LEU A 1 4 ? -5.462  0.549  -2.068 1.00 0.00 ? 4 LEU A CD2  9  
ATOM   939  H H    . LEU A 1 4 ? -0.941  -0.438 -0.421 1.00 0.00 ? 4 LEU A H    9  
ATOM   940  H HA   . LEU A 1 4 ? -3.152  -2.376 -0.748 1.00 0.00 ? 4 LEU A HA   9  
ATOM   941  H HB2  . LEU A 1 4 ? -2.749  0.358  -1.752 1.00 0.00 ? 4 LEU A HB2  9  
ATOM   942  H HB3  . LEU A 1 4 ? -3.307  -0.797 -2.966 1.00 0.00 ? 4 LEU A HB3  9  
ATOM   943  H HG   . LEU A 1 4 ? -5.141  -1.483 -1.449 1.00 0.00 ? 4 LEU A HG   9  
ATOM   944  H HD11 . LEU A 1 4 ? -3.571  0.063  0.430  1.00 0.00 ? 4 LEU A HD11 9  
ATOM   945  H HD12 . LEU A 1 4 ? -4.930  -1.016 0.747  1.00 0.00 ? 4 LEU A HD12 9  
ATOM   946  H HD13 . LEU A 1 4 ? -5.222  0.681  0.361  1.00 0.00 ? 4 LEU A HD13 9  
ATOM   947  H HD21 . LEU A 1 4 ? -5.872  1.250  -1.356 1.00 0.00 ? 4 LEU A HD21 9  
ATOM   948  H HD22 . LEU A 1 4 ? -6.267  0.083  -2.616 1.00 0.00 ? 4 LEU A HD22 9  
ATOM   949  H HD23 . LEU A 1 4 ? -4.815  1.075  -2.757 1.00 0.00 ? 4 LEU A HD23 9  
ATOM   950  N N    . ALA A 1 5 ? -0.841  -1.791 -3.019 1.00 0.00 ? 5 ALA A N    9  
ATOM   951  C CA   . ALA A 1 5 ? -0.041  -2.454 -4.028 1.00 0.00 ? 5 ALA A CA   9  
ATOM   952  C C    . ALA A 1 5 ? 1.319   -1.779 -4.155 1.00 0.00 ? 5 ALA A C    9  
ATOM   953  O O    . ALA A 1 5 ? 2.277   -2.376 -4.647 1.00 0.00 ? 5 ALA A O    9  
ATOM   954  C CB   . ALA A 1 5 ? -0.785  -2.409 -5.357 1.00 0.00 ? 5 ALA A CB   9  
ATOM   955  H H    . ALA A 1 5 ? -0.785  -0.819 -2.925 1.00 0.00 ? 5 ALA A H    9  
ATOM   956  H HA   . ALA A 1 5 ? 0.103   -3.484 -3.743 1.00 0.00 ? 5 ALA A HA   9  
ATOM   957  H HB1  . ALA A 1 5 ? -0.130  -2.732 -6.148 1.00 0.00 ? 5 ALA A HB1  9  
ATOM   958  H HB2  . ALA A 1 5 ? -1.117  -1.400 -5.545 1.00 0.00 ? 5 ALA A HB2  9  
ATOM   959  H HB3  . ALA A 1 5 ? -1.642  -3.066 -5.305 1.00 0.00 ? 5 ALA A HB3  9  
ATOM   960  N N    . LEU A 1 6 ? 1.397   -0.533 -3.700 1.00 0.00 ? 6 LEU A N    9  
ATOM   961  C CA   . LEU A 1 6 ? 2.645   0.219  -3.757 1.00 0.00 ? 6 LEU A CA   9  
ATOM   962  C C    . LEU A 1 6 ? 2.704   1.248  -2.632 1.00 0.00 ? 6 LEU A C    9  
ATOM   963  O O    . LEU A 1 6 ? 2.677   2.454  -2.878 1.00 0.00 ? 6 LEU A O    9  
ATOM   964  C CB   . LEU A 1 6 ? 2.775   0.921  -5.110 1.00 0.00 ? 6 LEU A CB   9  
ATOM   965  C CG   . LEU A 1 6 ? 1.575   1.843  -5.324 1.00 0.00 ? 6 LEU A CG   9  
ATOM   966  C CD1  . LEU A 1 6 ? 2.059   3.200  -5.833 1.00 0.00 ? 6 LEU A CD1  9  
ATOM   967  C CD2  . LEU A 1 6 ? 0.632   1.218  -6.356 1.00 0.00 ? 6 LEU A CD2  9  
ATOM   968  H H    . LEU A 1 6 ? 0.601   -0.111 -3.314 1.00 0.00 ? 6 LEU A H    9  
ATOM   969  H HA   . LEU A 1 6 ? 3.467   -0.469 -3.641 1.00 0.00 ? 6 LEU A HA   9  
ATOM   970  H HB2  . LEU A 1 6 ? 3.684   1.503  -5.128 1.00 0.00 ? 6 LEU A HB2  9  
ATOM   971  H HB3  . LEU A 1 6 ? 2.803   0.183  -5.898 1.00 0.00 ? 6 LEU A HB3  9  
ATOM   972  H HG   . LEU A 1 6 ? 1.051   1.974  -4.387 1.00 0.00 ? 6 LEU A HG   9  
ATOM   973  H HD11 . LEU A 1 6 ? 2.518   3.746  -5.021 1.00 0.00 ? 6 LEU A HD11 9  
ATOM   974  H HD12 . LEU A 1 6 ? 1.219   3.764  -6.214 1.00 0.00 ? 6 LEU A HD12 9  
ATOM   975  H HD13 . LEU A 1 6 ? 2.781   3.053  -6.621 1.00 0.00 ? 6 LEU A HD13 9  
ATOM   976  H HD21 . LEU A 1 6 ? 0.290   0.260  -5.996 1.00 0.00 ? 6 LEU A HD21 9  
ATOM   977  H HD22 . LEU A 1 6 ? 1.157   1.084  -7.290 1.00 0.00 ? 6 LEU A HD22 9  
ATOM   978  H HD23 . LEU A 1 6 ? -0.216  1.869  -6.509 1.00 0.00 ? 6 LEU A HD23 9  
ATOM   979  N N    . CYS A 1 7 ? 2.781   0.762  -1.396 1.00 0.00 ? 7 CYS A N    9  
ATOM   980  C CA   . CYS A 1 7 ? 2.839   1.648  -0.237 1.00 0.00 ? 7 CYS A CA   9  
ATOM   981  C C    . CYS A 1 7 ? 4.058   2.563  -0.318 1.00 0.00 ? 7 CYS A C    9  
ATOM   982  O O    . CYS A 1 7 ? 4.011   3.714  0.119  1.00 0.00 ? 7 CYS A O    9  
ATOM   983  C CB   . CYS A 1 7 ? 2.903   0.820  1.046  1.00 0.00 ? 7 CYS A CB   9  
ATOM   984  S SG   . CYS A 1 7 ? 1.320   0.938  1.917  1.00 0.00 ? 7 CYS A SG   9  
ATOM   985  H H    . CYS A 1 7 ? 2.796   -0.207 -1.261 1.00 0.00 ? 7 CYS A H    9  
ATOM   986  H HA   . CYS A 1 7 ? 1.947   2.255  -0.216 1.00 0.00 ? 7 CYS A HA   9  
ATOM   987  H HB2  . CYS A 1 7 ? 3.101   -0.213 0.800  1.00 0.00 ? 7 CYS A HB2  9  
ATOM   988  H HB3  . CYS A 1 7 ? 3.692   1.196  1.681  1.00 0.00 ? 7 CYS A HB3  9  
ATOM   989  N N    . ALA A 1 8 ? 5.145   2.046  -0.876 1.00 0.00 ? 8 ALA A N    9  
ATOM   990  C CA   . ALA A 1 8 ? 6.369   2.829  -1.007 1.00 0.00 ? 8 ALA A CA   9  
ATOM   991  C C    . ALA A 1 8 ? 6.377   3.594  -2.327 1.00 0.00 ? 8 ALA A C    9  
ATOM   992  O O    . ALA A 1 8 ? 5.626   3.217  -3.211 1.00 0.00 ? 8 ALA A O    9  
ATOM   993  C CB   . ALA A 1 8 ? 7.588   1.907  -0.944 1.00 0.00 ? 8 ALA A CB   9  
ATOM   994  O OXT  . ALA A 1 8 ? 7.132   4.546  -2.431 1.00 0.00 ? 8 ALA A OXT  9  
ATOM   995  H H    . ALA A 1 8 ? 5.126   1.124  -1.206 1.00 0.00 ? 8 ALA A H    9  
ATOM   996  H HA   . ALA A 1 8 ? 6.423   3.534  -0.191 1.00 0.00 ? 8 ALA A HA   9  
ATOM   997  H HB1  . ALA A 1 8 ? 7.335   1.016  -0.388 1.00 0.00 ? 8 ALA A HB1  9  
ATOM   998  H HB2  . ALA A 1 8 ? 8.400   2.420  -0.452 1.00 0.00 ? 8 ALA A HB2  9  
ATOM   999  H HB3  . ALA A 1 8 ? 7.886   1.635  -1.945 1.00 0.00 ? 8 ALA A HB3  9  
ATOM   1000 N N    . PHE A 1 1 ? -7.568  4.185  0.927  1.00 0.00 1 1 PHE A N    10 
ATOM   1001 C CA   . PHE A 1 1 ? -6.968  2.824  1.009  1.00 0.00 ? 1 PHE A CA   10 
ATOM   1002 C C    . PHE A 1 1 ? -5.642  2.896  1.758  1.00 0.00 ? 1 PHE A C    10 
ATOM   1003 O O    . PHE A 1 1 ? -4.833  3.794  1.523  1.00 0.00 ? 1 PHE A O    10 
ATOM   1004 C CB   . PHE A 1 1 ? -6.738  2.282  -0.402 1.00 0.00 ? 1 PHE A CB   10 
ATOM   1005 C CG   . PHE A 1 1 ? -7.123  0.823  -0.450 1.00 0.00 ? 1 PHE A CG   10 
ATOM   1006 C CD1  . PHE A 1 1 ? -6.320  -0.134 0.181  1.00 0.00 ? 1 PHE A CD1  10 
ATOM   1007 C CD2  . PHE A 1 1 ? -8.284  0.430  -1.124 1.00 0.00 ? 1 PHE A CD2  10 
ATOM   1008 C CE1  . PHE A 1 1 ? -6.680  -1.486 0.138  1.00 0.00 ? 1 PHE A CE1  10 
ATOM   1009 C CE2  . PHE A 1 1 ? -8.643  -0.923 -1.169 1.00 0.00 ? 1 PHE A CE2  10 
ATOM   1010 C CZ   . PHE A 1 1 ? -7.841  -1.882 -0.537 1.00 0.00 ? 1 PHE A CZ   10 
ATOM   1011 H H1   . PHE A 1 1 ? -7.790  4.525  1.884  1.00 0.00 ? 1 PHE A H1   10 
ATOM   1012 H H2   . PHE A 1 1 ? -8.441  4.143  0.360  1.00 0.00 ? 1 PHE A H2   10 
ATOM   1013 H H3   . PHE A 1 1 ? -6.893  4.835  0.477  1.00 0.00 ? 1 PHE A H3   10 
ATOM   1014 H HA   . PHE A 1 1 ? -7.643  2.167  1.539  1.00 0.00 ? 1 PHE A HA   10 
ATOM   1015 H HB2  . PHE A 1 1 ? -7.342  2.839  -1.104 1.00 0.00 ? 1 PHE A HB2  10 
ATOM   1016 H HB3  . PHE A 1 1 ? -5.695  2.387  -0.662 1.00 0.00 ? 1 PHE A HB3  10 
ATOM   1017 H HD1  . PHE A 1 1 ? -5.424  0.171  0.701  1.00 0.00 ? 1 PHE A HD1  10 
ATOM   1018 H HD2  . PHE A 1 1 ? -8.902  1.168  -1.613 1.00 0.00 ? 1 PHE A HD2  10 
ATOM   1019 H HE1  . PHE A 1 1 ? -6.060  -2.227 0.625  1.00 0.00 ? 1 PHE A HE1  10 
ATOM   1020 H HE2  . PHE A 1 1 ? -9.538  -1.227 -1.690 1.00 0.00 ? 1 PHE A HE2  10 
ATOM   1021 H HZ   . PHE A 1 1 ? -8.118  -2.924 -0.570 1.00 0.00 ? 1 PHE A HZ   10 
ATOM   1022 N N    . SER A 1 2 ? -5.425  1.942  2.657  1.00 0.00 ? 2 SER A N    10 
ATOM   1023 C CA   . SER A 1 2 ? -4.190  1.904  3.430  1.00 0.00 ? 2 SER A CA   10 
ATOM   1024 C C    . SER A 1 2 ? -3.305  0.758  2.956  1.00 0.00 ? 2 SER A C    10 
ATOM   1025 O O    . SER A 1 2 ? -3.588  -0.409 3.225  1.00 0.00 ? 2 SER A O    10 
ATOM   1026 C CB   . SER A 1 2 ? -4.504  1.724  4.910  1.00 0.00 ? 2 SER A CB   10 
ATOM   1027 O OG   . SER A 1 2 ? -3.421  2.222  5.684  1.00 0.00 ? 2 SER A OG   10 
ATOM   1028 H H    . SER A 1 2 ? -6.104  1.250  2.799  1.00 0.00 ? 2 SER A H    10 
ATOM   1029 H HA   . SER A 1 2 ? -3.665  2.838  3.296  1.00 0.00 ? 2 SER A HA   10 
ATOM   1030 H HB2  . SER A 1 2 ? -5.397  2.269  5.158  1.00 0.00 ? 2 SER A HB2  10 
ATOM   1031 H HB3  . SER A 1 2 ? -4.655  0.673  5.116  1.00 0.00 ? 2 SER A HB3  10 
ATOM   1032 H HG   . SER A 1 2 ? -3.617  3.131  5.920  1.00 0.00 ? 2 SER A HG   10 
HETATM 1033 N N    . DAL A 1 3 ? -2.236  1.100  2.252  1.00 0.00 ? 3 DAL A N    10 
HETATM 1034 C CA   . DAL A 1 3 ? -1.315  0.093  1.743  1.00 0.00 ? 3 DAL A CA   10 
HETATM 1035 C CB   . DAL A 1 3 ? -0.241  0.755  0.879  1.00 0.00 ? 3 DAL A CB   10 
HETATM 1036 C C    . DAL A 1 3 ? -2.066  -0.952 0.922  1.00 0.00 ? 3 DAL A C    10 
HETATM 1037 O O    . DAL A 1 3 ? -3.197  -1.313 1.250  1.00 0.00 ? 3 DAL A O    10 
HETATM 1038 H H    . DAL A 1 3 ? -2.064  2.046  2.072  1.00 0.00 ? 3 DAL A H    10 
HETATM 1039 H HA   . DAL A 1 3 ? -0.835  -0.398 2.577  1.00 0.00 ? 3 DAL A HA   10 
HETATM 1040 H HB1  . DAL A 1 3 ? 0.051   1.692  1.331  1.00 0.00 ? 3 DAL A HB1  10 
HETATM 1041 H HB2  . DAL A 1 3 ? -0.635  0.939  -0.109 1.00 0.00 ? 3 DAL A HB2  10 
ATOM   1042 N N    . LEU A 1 4 ? -1.437  -1.441 -0.143 1.00 0.00 ? 4 LEU A N    10 
ATOM   1043 C CA   . LEU A 1 4 ? -2.074  -2.446 -0.987 1.00 0.00 ? 4 LEU A CA   10 
ATOM   1044 C C    . LEU A 1 4 ? -1.128  -2.911 -2.082 1.00 0.00 ? 4 LEU A C    10 
ATOM   1045 O O    . LEU A 1 4 ? -0.756  -4.084 -2.132 1.00 0.00 ? 4 LEU A O    10 
ATOM   1046 C CB   . LEU A 1 4 ? -3.368  -1.883 -1.591 1.00 0.00 ? 4 LEU A CB   10 
ATOM   1047 C CG   . LEU A 1 4 ? -3.634  -2.520 -2.959 1.00 0.00 ? 4 LEU A CG   10 
ATOM   1048 C CD1  . LEU A 1 4 ? -3.602  -4.044 -2.825 1.00 0.00 ? 4 LEU A CD1  10 
ATOM   1049 C CD2  . LEU A 1 4 ? -5.012  -2.084 -3.467 1.00 0.00 ? 4 LEU A CD2  10 
ATOM   1050 H H    . LEU A 1 4 ? -0.533  -1.123 -0.362 1.00 0.00 ? 4 LEU A H    10 
ATOM   1051 H HA   . LEU A 1 4 ? -2.322  -3.299 -0.383 1.00 0.00 ? 4 LEU A HA   10 
ATOM   1052 H HB2  . LEU A 1 4 ? -4.194  -2.103 -0.931 1.00 0.00 ? 4 LEU A HB2  10 
ATOM   1053 H HB3  . LEU A 1 4 ? -3.282  -0.813 -1.705 1.00 0.00 ? 4 LEU A HB3  10 
ATOM   1054 H HG   . LEU A 1 4 ? -2.874  -2.204 -3.659 1.00 0.00 ? 4 LEU A HG   10 
ATOM   1055 H HD11 . LEU A 1 4 ? -2.681  -4.424 -3.242 1.00 0.00 ? 4 LEU A HD11 10 
ATOM   1056 H HD12 . LEU A 1 4 ? -4.440  -4.470 -3.359 1.00 0.00 ? 4 LEU A HD12 10 
ATOM   1057 H HD13 . LEU A 1 4 ? -3.665  -4.317 -1.782 1.00 0.00 ? 4 LEU A HD13 10 
ATOM   1058 H HD21 . LEU A 1 4 ? -4.927  -1.128 -3.960 1.00 0.00 ? 4 LEU A HD21 10 
ATOM   1059 H HD22 . LEU A 1 4 ? -5.693  -2.001 -2.632 1.00 0.00 ? 4 LEU A HD22 10 
ATOM   1060 H HD23 . LEU A 1 4 ? -5.388  -2.817 -4.166 1.00 0.00 ? 4 LEU A HD23 10 
ATOM   1061 N N    . ALA A 1 5 ? -0.747  -2.003 -2.962 1.00 0.00 ? 5 ALA A N    10 
ATOM   1062 C CA   . ALA A 1 5 ? 0.147   -2.357 -4.046 1.00 0.00 ? 5 ALA A CA   10 
ATOM   1063 C C    . ALA A 1 5 ? 1.116   -1.218 -4.337 1.00 0.00 ? 5 ALA A C    10 
ATOM   1064 O O    . ALA A 1 5 ? 1.878   -1.267 -5.301 1.00 0.00 ? 5 ALA A O    10 
ATOM   1065 C CB   . ALA A 1 5 ? -0.682  -2.686 -5.282 1.00 0.00 ? 5 ALA A CB   10 
ATOM   1066 H H    . ALA A 1 5 ? -1.072  -1.082 -2.886 1.00 0.00 ? 5 ALA A H    10 
ATOM   1067 H HA   . ALA A 1 5 ? 0.710   -3.233 -3.762 1.00 0.00 ? 5 ALA A HA   10 
ATOM   1068 H HB1  . ALA A 1 5 ? -1.405  -3.449 -5.031 1.00 0.00 ? 5 ALA A HB1  10 
ATOM   1069 H HB2  . ALA A 1 5 ? -0.033  -3.045 -6.064 1.00 0.00 ? 5 ALA A HB2  10 
ATOM   1070 H HB3  . ALA A 1 5 ? -1.197  -1.799 -5.613 1.00 0.00 ? 5 ALA A HB3  10 
ATOM   1071 N N    . LEU A 1 6 ? 1.082   -0.196 -3.487 1.00 0.00 ? 6 LEU A N    10 
ATOM   1072 C CA   . LEU A 1 6 ? 1.961   0.952  -3.648 1.00 0.00 ? 6 LEU A CA   10 
ATOM   1073 C C    . LEU A 1 6 ? 2.576   1.343  -2.309 1.00 0.00 ? 6 LEU A C    10 
ATOM   1074 O O    . LEU A 1 6 ? 2.690   2.525  -1.985 1.00 0.00 ? 6 LEU A O    10 
ATOM   1075 C CB   . LEU A 1 6 ? 1.179   2.136  -4.220 1.00 0.00 ? 6 LEU A CB   10 
ATOM   1076 C CG   . LEU A 1 6 ? 0.684   1.790  -5.624 1.00 0.00 ? 6 LEU A CG   10 
ATOM   1077 C CD1  . LEU A 1 6 ? -0.728  1.209  -5.542 1.00 0.00 ? 6 LEU A CD1  10 
ATOM   1078 C CD2  . LEU A 1 6 ? 0.661   3.057  -6.481 1.00 0.00 ? 6 LEU A CD2  10 
ATOM   1079 H H    . LEU A 1 6 ? 0.453   -0.218 -2.734 1.00 0.00 ? 6 LEU A H    10 
ATOM   1080 H HA   . LEU A 1 6 ? 2.751   0.692  -4.333 1.00 0.00 ? 6 LEU A HA   10 
ATOM   1081 H HB2  . LEU A 1 6 ? 0.333   2.349  -3.581 1.00 0.00 ? 6 LEU A HB2  10 
ATOM   1082 H HB3  . LEU A 1 6 ? 1.820   3.002  -4.269 1.00 0.00 ? 6 LEU A HB3  10 
ATOM   1083 H HG   . LEU A 1 6 ? 1.347   1.062  -6.071 1.00 0.00 ? 6 LEU A HG   10 
ATOM   1084 H HD11 . LEU A 1 6 ? -0.838  0.422  -6.273 1.00 0.00 ? 6 LEU A HD11 10 
ATOM   1085 H HD12 . LEU A 1 6 ? -1.450  1.988  -5.739 1.00 0.00 ? 6 LEU A HD12 10 
ATOM   1086 H HD13 . LEU A 1 6 ? -0.895  0.807  -4.552 1.00 0.00 ? 6 LEU A HD13 10 
ATOM   1087 H HD21 . LEU A 1 6 ? 1.672   3.336  -6.740 1.00 0.00 ? 6 LEU A HD21 10 
ATOM   1088 H HD22 . LEU A 1 6 ? 0.199   3.859  -5.924 1.00 0.00 ? 6 LEU A HD22 10 
ATOM   1089 H HD23 . LEU A 1 6 ? 0.095   2.873  -7.382 1.00 0.00 ? 6 LEU A HD23 10 
ATOM   1090 N N    . CYS A 1 7 ? 2.969   0.337  -1.534 1.00 0.00 ? 7 CYS A N    10 
ATOM   1091 C CA   . CYS A 1 7 ? 3.568   0.576  -0.226 1.00 0.00 ? 7 CYS A CA   10 
ATOM   1092 C C    . CYS A 1 7 ? 4.318   -0.664 0.252  1.00 0.00 ? 7 CYS A C    10 
ATOM   1093 O O    . CYS A 1 7 ? 5.538   -0.641 0.414  1.00 0.00 ? 7 CYS A O    10 
ATOM   1094 C CB   . CYS A 1 7 ? 2.480   0.940  0.783  1.00 0.00 ? 7 CYS A CB   10 
ATOM   1095 S SG   . CYS A 1 7 ? 1.196   -0.337 0.766  1.00 0.00 ? 7 CYS A SG   10 
ATOM   1096 H H    . CYS A 1 7 ? 2.851   -0.585 -1.847 1.00 0.00 ? 7 CYS A H    10 
ATOM   1097 H HA   . CYS A 1 7 ? 4.263   1.399  -0.303 1.00 0.00 ? 7 CYS A HA   10 
ATOM   1098 H HB2  . CYS A 1 7 ? 2.913   1.004  1.772  1.00 0.00 ? 7 CYS A HB2  10 
ATOM   1099 H HB3  . CYS A 1 7 ? 2.048   1.891  0.516  1.00 0.00 ? 7 CYS A HB3  10 
ATOM   1100 N N    . ALA A 1 8 ? 3.579   -1.745 0.479  1.00 0.00 ? 8 ALA A N    10 
ATOM   1101 C CA   . ALA A 1 8 ? 4.180   -2.992 0.938  1.00 0.00 ? 8 ALA A CA   10 
ATOM   1102 C C    . ALA A 1 8 ? 4.832   -3.731 -0.225 1.00 0.00 ? 8 ALA A C    10 
ATOM   1103 O O    . ALA A 1 8 ? 4.921   -3.152 -1.295 1.00 0.00 ? 8 ALA A O    10 
ATOM   1104 C CB   . ALA A 1 8 ? 3.111   -3.880 1.576  1.00 0.00 ? 8 ALA A CB   10 
ATOM   1105 O OXT  . ALA A 1 8 ? 5.233   -4.867 -0.030 1.00 0.00 ? 8 ALA A OXT  10 
ATOM   1106 H H    . ALA A 1 8 ? 2.610   -1.706 0.334  1.00 0.00 ? 8 ALA A H    10 
ATOM   1107 H HA   . ALA A 1 8 ? 4.933   -2.766 1.678  1.00 0.00 ? 8 ALA A HA   10 
ATOM   1108 H HB1  . ALA A 1 8 ? 2.132   -3.489 1.338  1.00 0.00 ? 8 ALA A HB1  10 
ATOM   1109 H HB2  . ALA A 1 8 ? 3.244   -3.891 2.647  1.00 0.00 ? 8 ALA A HB2  10 
ATOM   1110 H HB3  . ALA A 1 8 ? 3.198   -4.885 1.190  1.00 0.00 ? 8 ALA A HB3  10 
ATOM   1111 N N    . PHE A 1 1 ? -7.051  -3.679 5.375  1.00 0.00 1 1 PHE A N    11 
ATOM   1112 C CA   . PHE A 1 1 ? -5.662  -4.202 5.248  1.00 0.00 ? 1 PHE A CA   11 
ATOM   1113 C C    . PHE A 1 1 ? -4.723  -3.062 4.864  1.00 0.00 ? 1 PHE A C    11 
ATOM   1114 O O    . PHE A 1 1 ? -4.921  -2.402 3.844  1.00 0.00 ? 1 PHE A O    11 
ATOM   1115 C CB   . PHE A 1 1 ? -5.625  -5.288 4.169  1.00 0.00 ? 1 PHE A CB   11 
ATOM   1116 C CG   . PHE A 1 1 ? -5.746  -4.645 2.808  1.00 0.00 ? 1 PHE A CG   11 
ATOM   1117 C CD1  . PHE A 1 1 ? -6.889  -3.906 2.481  1.00 0.00 ? 1 PHE A CD1  11 
ATOM   1118 C CD2  . PHE A 1 1 ? -4.713  -4.787 1.872  1.00 0.00 ? 1 PHE A CD2  11 
ATOM   1119 C CE1  . PHE A 1 1 ? -6.999  -3.309 1.219  1.00 0.00 ? 1 PHE A CE1  11 
ATOM   1120 C CE2  . PHE A 1 1 ? -4.823  -4.190 0.611  1.00 0.00 ? 1 PHE A CE2  11 
ATOM   1121 C CZ   . PHE A 1 1 ? -5.967  -3.450 0.284  1.00 0.00 ? 1 PHE A CZ   11 
ATOM   1122 H H1   . PHE A 1 1 ? -7.191  -3.288 6.327  1.00 0.00 ? 1 PHE A H1   11 
ATOM   1123 H H2   . PHE A 1 1 ? -7.729  -4.453 5.215  1.00 0.00 ? 1 PHE A H2   11 
ATOM   1124 H H3   . PHE A 1 1 ? -7.206  -2.931 4.670  1.00 0.00 ? 1 PHE A H3   11 
ATOM   1125 H HA   . PHE A 1 1 ? -5.350  -4.625 6.192  1.00 0.00 ? 1 PHE A HA   11 
ATOM   1126 H HB2  . PHE A 1 1 ? -4.691  -5.826 4.232  1.00 0.00 ? 1 PHE A HB2  11 
ATOM   1127 H HB3  . PHE A 1 1 ? -6.447  -5.972 4.319  1.00 0.00 ? 1 PHE A HB3  11 
ATOM   1128 H HD1  . PHE A 1 1 ? -7.686  -3.796 3.202  1.00 0.00 ? 1 PHE A HD1  11 
ATOM   1129 H HD2  . PHE A 1 1 ? -3.832  -5.358 2.124  1.00 0.00 ? 1 PHE A HD2  11 
ATOM   1130 H HE1  . PHE A 1 1 ? -7.881  -2.738 0.968  1.00 0.00 ? 1 PHE A HE1  11 
ATOM   1131 H HE2  . PHE A 1 1 ? -4.027  -4.300 -0.110 1.00 0.00 ? 1 PHE A HE2  11 
ATOM   1132 H HZ   . PHE A 1 1 ? -6.051  -2.989 -0.688 1.00 0.00 ? 1 PHE A HZ   11 
ATOM   1133 N N    . SER A 1 2 ? -3.698  -2.837 5.680  1.00 0.00 ? 2 SER A N    11 
ATOM   1134 C CA   . SER A 1 2 ? -2.739  -1.775 5.400  1.00 0.00 ? 2 SER A CA   11 
ATOM   1135 C C    . SER A 1 2 ? -2.058  -2.023 4.059  1.00 0.00 ? 2 SER A C    11 
ATOM   1136 O O    . SER A 1 2 ? -2.047  -3.148 3.559  1.00 0.00 ? 2 SER A O    11 
ATOM   1137 C CB   . SER A 1 2 ? -1.687  -1.710 6.508  1.00 0.00 ? 2 SER A CB   11 
ATOM   1138 O OG   . SER A 1 2 ? -0.730  -0.709 6.188  1.00 0.00 ? 2 SER A OG   11 
ATOM   1139 H H    . SER A 1 2 ? -3.582  -3.393 6.478  1.00 0.00 ? 2 SER A H    11 
ATOM   1140 H HA   . SER A 1 2 ? -3.262  -0.832 5.358  1.00 0.00 ? 2 SER A HA   11 
ATOM   1141 H HB2  . SER A 1 2 ? -2.160  -1.459 7.442  1.00 0.00 ? 2 SER A HB2  11 
ATOM   1142 H HB3  . SER A 1 2 ? -1.200  -2.671 6.598  1.00 0.00 ? 2 SER A HB3  11 
ATOM   1143 H HG   . SER A 1 2 ? -0.839  -0.478 5.263  1.00 0.00 ? 2 SER A HG   11 
HETATM 1144 N N    . DAL A 1 3 ? -1.497  -0.969 3.479  1.00 0.00 ? 3 DAL A N    11 
HETATM 1145 C CA   . DAL A 1 3 ? -0.825  -1.096 2.191  1.00 0.00 ? 3 DAL A CA   11 
HETATM 1146 C CB   . DAL A 1 3 ? -0.259  0.256  1.759  1.00 0.00 ? 3 DAL A CB   11 
HETATM 1147 C C    . DAL A 1 3 ? -1.799  -1.603 1.134  1.00 0.00 ? 3 DAL A C    11 
HETATM 1148 O O    . DAL A 1 3 ? -2.725  -2.352 1.442  1.00 0.00 ? 3 DAL A O    11 
HETATM 1149 H H    . DAL A 1 3 ? -1.538  -0.095 3.918  1.00 0.00 ? 3 DAL A H    11 
HETATM 1150 H HA   . DAL A 1 3 ? -0.011  -1.801 2.287  1.00 0.00 ? 3 DAL A HA   11 
HETATM 1151 H HB1  . DAL A 1 3 ? 0.048   0.815  2.630  1.00 0.00 ? 3 DAL A HB1  11 
HETATM 1152 H HB2  . DAL A 1 3 ? -1.017  0.811  1.224  1.00 0.00 ? 3 DAL A HB2  11 
ATOM   1153 N N    . LEU A 1 4 ? -1.588  -1.191 -0.112 1.00 0.00 ? 4 LEU A N    11 
ATOM   1154 C CA   . LEU A 1 4 ? -2.463  -1.616 -1.196 1.00 0.00 ? 4 LEU A CA   11 
ATOM   1155 C C    . LEU A 1 4 ? -1.692  -2.418 -2.235 1.00 0.00 ? 4 LEU A C    11 
ATOM   1156 O O    . LEU A 1 4 ? -1.885  -3.627 -2.360 1.00 0.00 ? 4 LEU A O    11 
ATOM   1157 C CB   . LEU A 1 4 ? -3.131  -0.396 -1.849 1.00 0.00 ? 4 LEU A CB   11 
ATOM   1158 C CG   . LEU A 1 4 ? -4.519  -0.193 -1.245 1.00 0.00 ? 4 LEU A CG   11 
ATOM   1159 C CD1  . LEU A 1 4 ? -4.415  -0.171 0.281  1.00 0.00 ? 4 LEU A CD1  11 
ATOM   1160 C CD2  . LEU A 1 4 ? -5.094  1.137  -1.734 1.00 0.00 ? 4 LEU A CD2  11 
ATOM   1161 H H    . LEU A 1 4 ? -0.834  -0.592 -0.302 1.00 0.00 ? 4 LEU A H    11 
ATOM   1162 H HA   . LEU A 1 4 ? -3.234  -2.249 -0.794 1.00 0.00 ? 4 LEU A HA   11 
ATOM   1163 H HB2  . LEU A 1 4 ? -2.532  0.484  -1.669 1.00 0.00 ? 4 LEU A HB2  11 
ATOM   1164 H HB3  . LEU A 1 4 ? -3.227  -0.561 -2.913 1.00 0.00 ? 4 LEU A HB3  11 
ATOM   1165 H HG   . LEU A 1 4 ? -5.166  -1.003 -1.549 1.00 0.00 ? 4 LEU A HG   11 
ATOM   1166 H HD11 . LEU A 1 4 ? -5.179  0.476  0.685  1.00 0.00 ? 4 LEU A HD11 11 
ATOM   1167 H HD12 . LEU A 1 4 ? -3.441  0.201  0.569  1.00 0.00 ? 4 LEU A HD12 11 
ATOM   1168 H HD13 . LEU A 1 4 ? -4.547  -1.171 0.667  1.00 0.00 ? 4 LEU A HD13 11 
ATOM   1169 H HD21 . LEU A 1 4 ? -4.287  1.809  -1.982 1.00 0.00 ? 4 LEU A HD21 11 
ATOM   1170 H HD22 . LEU A 1 4 ? -5.701  1.574  -0.954 1.00 0.00 ? 4 LEU A HD22 11 
ATOM   1171 H HD23 . LEU A 1 4 ? -5.703  0.965  -2.610 1.00 0.00 ? 4 LEU A HD23 11 
ATOM   1172 N N    . ALA A 1 5 ? -0.827  -1.749 -2.985 1.00 0.00 ? 5 ALA A N    11 
ATOM   1173 C CA   . ALA A 1 5 ? -0.052  -2.429 -4.003 1.00 0.00 ? 5 ALA A CA   11 
ATOM   1174 C C    . ALA A 1 5 ? 1.345   -1.827 -4.097 1.00 0.00 ? 5 ALA A C    11 
ATOM   1175 O O    . ALA A 1 5 ? 2.300   -2.500 -4.484 1.00 0.00 ? 5 ALA A O    11 
ATOM   1176 C CB   . ALA A 1 5 ? -0.777  -2.310 -5.338 1.00 0.00 ? 5 ALA A CB   11 
ATOM   1177 H H    . ALA A 1 5 ? -0.706  -0.788 -2.853 1.00 0.00 ? 5 ALA A H    11 
ATOM   1178 H HA   . ALA A 1 5 ? 0.033   -3.471 -3.742 1.00 0.00 ? 5 ALA A HA   11 
ATOM   1179 H HB1  . ALA A 1 5 ? -1.455  -3.143 -5.450 1.00 0.00 ? 5 ALA A HB1  11 
ATOM   1180 H HB2  . ALA A 1 5 ? -0.059  -2.317 -6.141 1.00 0.00 ? 5 ALA A HB2  11 
ATOM   1181 H HB3  . ALA A 1 5 ? -1.337  -1.386 -5.359 1.00 0.00 ? 5 ALA A HB3  11 
ATOM   1182 N N    . LEU A 1 6 ? 1.454   -0.551 -3.738 1.00 0.00 ? 6 LEU A N    11 
ATOM   1183 C CA   . LEU A 1 6 ? 2.737   0.138  -3.783 1.00 0.00 ? 6 LEU A CA   11 
ATOM   1184 C C    . LEU A 1 6 ? 2.789   1.243  -2.732 1.00 0.00 ? 6 LEU A C    11 
ATOM   1185 O O    . LEU A 1 6 ? 2.784   2.428  -3.065 1.00 0.00 ? 6 LEU A O    11 
ATOM   1186 C CB   . LEU A 1 6 ? 2.958   0.742  -5.170 1.00 0.00 ? 6 LEU A CB   11 
ATOM   1187 C CG   . LEU A 1 6 ? 1.710   1.523  -5.591 1.00 0.00 ? 6 LEU A CG   11 
ATOM   1188 C CD1  . LEU A 1 6 ? 2.046   2.418  -6.786 1.00 0.00 ? 6 LEU A CD1  11 
ATOM   1189 C CD2  . LEU A 1 6 ? 0.597   0.548  -5.986 1.00 0.00 ? 6 LEU A CD2  11 
ATOM   1190 H H    . LEU A 1 6 ? 0.657   -0.066 -3.437 1.00 0.00 ? 6 LEU A H    11 
ATOM   1191 H HA   . LEU A 1 6 ? 3.522   -0.575 -3.583 1.00 0.00 ? 6 LEU A HA   11 
ATOM   1192 H HB2  . LEU A 1 6 ? 3.807   1.408  -5.140 1.00 0.00 ? 6 LEU A HB2  11 
ATOM   1193 H HB3  . LEU A 1 6 ? 3.144   -0.048 -5.882 1.00 0.00 ? 6 LEU A HB3  11 
ATOM   1194 H HG   . LEU A 1 6 ? 1.376   2.138  -4.767 1.00 0.00 ? 6 LEU A HG   11 
ATOM   1195 H HD11 . LEU A 1 6 ? 1.302   3.196  -6.874 1.00 0.00 ? 6 LEU A HD11 11 
ATOM   1196 H HD12 . LEU A 1 6 ? 2.054   1.824  -7.689 1.00 0.00 ? 6 LEU A HD12 11 
ATOM   1197 H HD13 . LEU A 1 6 ? 3.018   2.864  -6.639 1.00 0.00 ? 6 LEU A HD13 11 
ATOM   1198 H HD21 . LEU A 1 6 ? -0.054  0.385  -5.140 1.00 0.00 ? 6 LEU A HD21 11 
ATOM   1199 H HD22 . LEU A 1 6 ? 1.031   -0.392 -6.292 1.00 0.00 ? 6 LEU A HD22 11 
ATOM   1200 H HD23 . LEU A 1 6 ? 0.027   0.964  -6.803 1.00 0.00 ? 6 LEU A HD23 11 
ATOM   1201 N N    . CYS A 1 7 ? 2.839   0.850  -1.463 1.00 0.00 ? 7 CYS A N    11 
ATOM   1202 C CA   . CYS A 1 7 ? 2.890   1.820  -0.375 1.00 0.00 ? 7 CYS A CA   11 
ATOM   1203 C C    . CYS A 1 7 ? 4.099   1.560  0.521  1.00 0.00 ? 7 CYS A C    11 
ATOM   1204 O O    . CYS A 1 7 ? 5.063   2.324  0.514  1.00 0.00 ? 7 CYS A O    11 
ATOM   1205 C CB   . CYS A 1 7 ? 1.613   1.729  0.458  1.00 0.00 ? 7 CYS A CB   11 
ATOM   1206 S SG   . CYS A 1 7 ? 1.167   -0.010 0.678  1.00 0.00 ? 7 CYS A SG   11 
ATOM   1207 H H    . CYS A 1 7 ? 2.839   -0.108 -1.254 1.00 0.00 ? 7 CYS A H    11 
ATOM   1208 H HA   . CYS A 1 7 ? 2.967   2.813  -0.791 1.00 0.00 ? 7 CYS A HA   11 
ATOM   1209 H HB2  . CYS A 1 7 ? 1.779   2.184  1.423  1.00 0.00 ? 7 CYS A HB2  11 
ATOM   1210 H HB3  . CYS A 1 7 ? 0.813   2.244  -0.051 1.00 0.00 ? 7 CYS A HB3  11 
ATOM   1211 N N    . ALA A 1 8 ? 4.037   0.478  1.289  1.00 0.00 ? 8 ALA A N    11 
ATOM   1212 C CA   . ALA A 1 8 ? 5.130   0.127  2.187  1.00 0.00 ? 8 ALA A CA   11 
ATOM   1213 C C    . ALA A 1 8 ? 6.369   -0.271 1.393  1.00 0.00 ? 8 ALA A C    11 
ATOM   1214 O O    . ALA A 1 8 ? 7.165   0.604  1.092  1.00 0.00 ? 8 ALA A O    11 
ATOM   1215 C CB   . ALA A 1 8 ? 4.708   -1.031 3.094  1.00 0.00 ? 8 ALA A CB   11 
ATOM   1216 O OXT  . ALA A 1 8 ? 6.506   -1.447 1.096  1.00 0.00 ? 8 ALA A OXT  11 
ATOM   1217 H H    . ALA A 1 8 ? 3.242   -0.094 1.252  1.00 0.00 ? 8 ALA A H    11 
ATOM   1218 H HA   . ALA A 1 8 ? 5.368   0.982  2.803  1.00 0.00 ? 8 ALA A HA   11 
ATOM   1219 H HB1  . ALA A 1 8 ? 5.479   -1.214 3.828  1.00 0.00 ? 8 ALA A HB1  11 
ATOM   1220 H HB2  . ALA A 1 8 ? 4.561   -1.919 2.497  1.00 0.00 ? 8 ALA A HB2  11 
ATOM   1221 H HB3  . ALA A 1 8 ? 3.785   -0.777 3.595  1.00 0.00 ? 8 ALA A HB3  11 
ATOM   1222 N N    . PHE A 1 1 ? -6.189  5.252  4.659  1.00 0.00 1 1 PHE A N    12 
ATOM   1223 C CA   . PHE A 1 1 ? -5.926  3.809  4.398  1.00 0.00 ? 1 PHE A CA   12 
ATOM   1224 C C    . PHE A 1 1 ? -4.766  3.675  3.416  1.00 0.00 ? 1 PHE A C    12 
ATOM   1225 O O    . PHE A 1 1 ? -4.702  4.389  2.414  1.00 0.00 ? 1 PHE A O    12 
ATOM   1226 C CB   . PHE A 1 1 ? -7.187  3.158  3.819  1.00 0.00 ? 1 PHE A CB   12 
ATOM   1227 C CG   . PHE A 1 1 ? -7.174  3.264  2.313  1.00 0.00 ? 1 PHE A CG   12 
ATOM   1228 C CD1  . PHE A 1 1 ? -6.821  2.152  1.539  1.00 0.00 ? 1 PHE A CD1  12 
ATOM   1229 C CD2  . PHE A 1 1 ? -7.515  4.470  1.691  1.00 0.00 ? 1 PHE A CD2  12 
ATOM   1230 C CE1  . PHE A 1 1 ? -6.809  2.246  0.142  1.00 0.00 ? 1 PHE A CE1  12 
ATOM   1231 C CE2  . PHE A 1 1 ? -7.503  4.564  0.294  1.00 0.00 ? 1 PHE A CE2  12 
ATOM   1232 C CZ   . PHE A 1 1 ? -7.149  3.452  -0.480 1.00 0.00 ? 1 PHE A CZ   12 
ATOM   1233 H H1   . PHE A 1 1 ? -6.683  5.667  3.845  1.00 0.00 ? 1 PHE A H1   12 
ATOM   1234 H H2   . PHE A 1 1 ? -5.284  5.746  4.806  1.00 0.00 ? 1 PHE A H2   12 
ATOM   1235 H H3   . PHE A 1 1 ? -6.779  5.348  5.508  1.00 0.00 ? 1 PHE A H3   12 
ATOM   1236 H HA   . PHE A 1 1 ? -5.666  3.323  5.325  1.00 0.00 ? 1 PHE A HA   12 
ATOM   1237 H HB2  . PHE A 1 1 ? -7.216  2.118  4.107  1.00 0.00 ? 1 PHE A HB2  12 
ATOM   1238 H HB3  . PHE A 1 1 ? -8.060  3.663  4.207  1.00 0.00 ? 1 PHE A HB3  12 
ATOM   1239 H HD1  . PHE A 1 1 ? -6.558  1.222  2.020  1.00 0.00 ? 1 PHE A HD1  12 
ATOM   1240 H HD2  . PHE A 1 1 ? -7.786  5.328  2.287  1.00 0.00 ? 1 PHE A HD2  12 
ATOM   1241 H HE1  . PHE A 1 1 ? -6.535  1.388  -0.454 1.00 0.00 ? 1 PHE A HE1  12 
ATOM   1242 H HE2  . PHE A 1 1 ? -7.766  5.495  -0.187 1.00 0.00 ? 1 PHE A HE2  12 
ATOM   1243 H HZ   . PHE A 1 1 ? -7.140  3.525  -1.559 1.00 0.00 ? 1 PHE A HZ   12 
ATOM   1244 N N    . SER A 1 2 ? -3.852  2.759  3.711  1.00 0.00 ? 2 SER A N    12 
ATOM   1245 C CA   . SER A 1 2 ? -2.698  2.538  2.849  1.00 0.00 ? 2 SER A CA   12 
ATOM   1246 C C    . SER A 1 2 ? -2.324  1.060  2.833  1.00 0.00 ? 2 SER A C    12 
ATOM   1247 O O    . SER A 1 2 ? -2.971  0.239  3.484  1.00 0.00 ? 2 SER A O    12 
ATOM   1248 C CB   . SER A 1 2 ? -1.509  3.361  3.346  1.00 0.00 ? 2 SER A CB   12 
ATOM   1249 O OG   . SER A 1 2 ? -1.461  4.593  2.639  1.00 0.00 ? 2 SER A OG   12 
ATOM   1250 H H    . SER A 1 2 ? -3.956  2.220  4.523  1.00 0.00 ? 2 SER A H    12 
ATOM   1251 H HA   . SER A 1 2 ? -2.945  2.850  1.847  1.00 0.00 ? 2 SER A HA   12 
ATOM   1252 H HB2  . SER A 1 2 ? -1.621  3.560  4.399  1.00 0.00 ? 2 SER A HB2  12 
ATOM   1253 H HB3  . SER A 1 2 ? -0.595  2.804  3.182  1.00 0.00 ? 2 SER A HB3  12 
ATOM   1254 H HG   . SER A 1 2 ? -2.042  4.521  1.877  1.00 0.00 ? 2 SER A HG   12 
HETATM 1255 N N    . DAL A 1 3 ? -1.278  0.727  2.086  1.00 0.00 ? 3 DAL A N    12 
HETATM 1256 C CA   . DAL A 1 3 ? -0.832  -0.657 1.997  1.00 0.00 ? 3 DAL A CA   12 
HETATM 1257 C CB   . DAL A 1 3 ? 0.608   -0.708 1.482  1.00 0.00 ? 3 DAL A CB   12 
HETATM 1258 C C    . DAL A 1 3 ? -1.738  -1.450 1.061  1.00 0.00 ? 3 DAL A C    12 
HETATM 1259 O O    . DAL A 1 3 ? -2.520  -2.292 1.502  1.00 0.00 ? 3 DAL A O    12 
HETATM 1260 H H    . DAL A 1 3 ? -0.798  1.421  1.587  1.00 0.00 ? 3 DAL A H    12 
HETATM 1261 H HA   . DAL A 1 3 ? -0.868  -1.101 2.980  1.00 0.00 ? 3 DAL A HA   12 
HETATM 1262 H HB1  . DAL A 1 3 ? 0.603   -0.820 0.409  1.00 0.00 ? 3 DAL A HB1  12 
HETATM 1263 H HB2  . DAL A 1 3 ? 1.120   -1.549 1.930  1.00 0.00 ? 3 DAL A HB2  12 
ATOM   1264 N N    . LEU A 1 4 ? -1.624  -1.177 -0.235 1.00 0.00 ? 4 LEU A N    12 
ATOM   1265 C CA   . LEU A 1 4 ? -2.435  -1.873 -1.225 1.00 0.00 ? 4 LEU A CA   12 
ATOM   1266 C C    . LEU A 1 4 ? -1.547  -2.629 -2.198 1.00 0.00 ? 4 LEU A C    12 
ATOM   1267 O O    . LEU A 1 4 ? -1.492  -3.857 -2.173 1.00 0.00 ? 4 LEU A O    12 
ATOM   1268 C CB   . LEU A 1 4 ? -3.326  -0.884 -1.985 1.00 0.00 ? 4 LEU A CB   12 
ATOM   1269 C CG   . LEU A 1 4 ? -2.649  0.488  -2.057 1.00 0.00 ? 4 LEU A CG   12 
ATOM   1270 C CD1  . LEU A 1 4 ? -3.176  1.249  -3.274 1.00 0.00 ? 4 LEU A CD1  12 
ATOM   1271 C CD2  . LEU A 1 4 ? -2.962  1.288  -0.789 1.00 0.00 ? 4 LEU A CD2  12 
ATOM   1272 H H    . LEU A 1 4 ? -0.981  -0.496 -0.527 1.00 0.00 ? 4 LEU A H    12 
ATOM   1273 H HA   . LEU A 1 4 ? -3.065  -2.586 -0.725 1.00 0.00 ? 4 LEU A HA   12 
ATOM   1274 H HB2  . LEU A 1 4 ? -3.497  -1.253 -2.985 1.00 0.00 ? 4 LEU A HB2  12 
ATOM   1275 H HB3  . LEU A 1 4 ? -4.272  -0.788 -1.474 1.00 0.00 ? 4 LEU A HB3  12 
ATOM   1276 H HG   . LEU A 1 4 ? -1.581  0.358  -2.148 1.00 0.00 ? 4 LEU A HG   12 
ATOM   1277 H HD11 . LEU A 1 4 ? -2.976  0.678  -4.171 1.00 0.00 ? 4 LEU A HD11 12 
ATOM   1278 H HD12 . LEU A 1 4 ? -2.684  2.207  -3.341 1.00 0.00 ? 4 LEU A HD12 12 
ATOM   1279 H HD13 . LEU A 1 4 ? -4.242  1.397  -3.173 1.00 0.00 ? 4 LEU A HD13 12 
ATOM   1280 H HD21 . LEU A 1 4 ? -2.341  0.940  0.022  1.00 0.00 ? 4 LEU A HD21 12 
ATOM   1281 H HD22 . LEU A 1 4 ? -4.001  1.160  -0.527 1.00 0.00 ? 4 LEU A HD22 12 
ATOM   1282 H HD23 . LEU A 1 4 ? -2.764  2.334  -0.969 1.00 0.00 ? 4 LEU A HD23 12 
ATOM   1283 N N    . ALA A 1 5 ? -0.857  -1.894 -3.054 1.00 0.00 ? 5 ALA A N    12 
ATOM   1284 C CA   . ALA A 1 5 ? 0.021   -2.515 -4.023 1.00 0.00 ? 5 ALA A CA   12 
ATOM   1285 C C    . ALA A 1 5 ? 1.270   -1.665 -4.233 1.00 0.00 ? 5 ALA A C    12 
ATOM   1286 O O    . ALA A 1 5 ? 2.206   -2.077 -4.915 1.00 0.00 ? 5 ALA A O    12 
ATOM   1287 C CB   . ALA A 1 5 ? -0.731  -2.695 -5.338 1.00 0.00 ? 5 ALA A CB   12 
ATOM   1288 H H    . ALA A 1 5 ? -0.939  -0.919 -3.034 1.00 0.00 ? 5 ALA A H    12 
ATOM   1289 H HA   . ALA A 1 5 ? 0.318   -3.486 -3.657 1.00 0.00 ? 5 ALA A HA   12 
ATOM   1290 H HB1  . ALA A 1 5 ? -1.480  -1.922 -5.429 1.00 0.00 ? 5 ALA A HB1  12 
ATOM   1291 H HB2  . ALA A 1 5 ? -1.211  -3.662 -5.343 1.00 0.00 ? 5 ALA A HB2  12 
ATOM   1292 H HB3  . ALA A 1 5 ? -0.041  -2.629 -6.162 1.00 0.00 ? 5 ALA A HB3  12 
ATOM   1293 N N    . LEU A 1 6 ? 1.273   -0.475 -3.635 1.00 0.00 ? 6 LEU A N    12 
ATOM   1294 C CA   . LEU A 1 6 ? 2.410   0.431  -3.758 1.00 0.00 ? 6 LEU A CA   12 
ATOM   1295 C C    . LEU A 1 6 ? 2.547   1.300  -2.509 1.00 0.00 ? 6 LEU A C    12 
ATOM   1296 O O    . LEU A 1 6 ? 2.284   2.501  -2.551 1.00 0.00 ? 6 LEU A O    12 
ATOM   1297 C CB   . LEU A 1 6 ? 2.228   1.334  -4.977 1.00 0.00 ? 6 LEU A CB   12 
ATOM   1298 C CG   . LEU A 1 6 ? 2.926   0.714  -6.187 1.00 0.00 ? 6 LEU A CG   12 
ATOM   1299 C CD1  . LEU A 1 6 ? 2.159   1.079  -7.459 1.00 0.00 ? 6 LEU A CD1  12 
ATOM   1300 C CD2  . LEU A 1 6 ? 4.357   1.251  -6.280 1.00 0.00 ? 6 LEU A CD2  12 
ATOM   1301 H H    . LEU A 1 6 ? 0.497   -0.203 -3.101 1.00 0.00 ? 6 LEU A H    12 
ATOM   1302 H HA   . LEU A 1 6 ? 3.309   -0.150 -3.883 1.00 0.00 ? 6 LEU A HA   12 
ATOM   1303 H HB2  . LEU A 1 6 ? 1.174   1.446  -5.186 1.00 0.00 ? 6 LEU A HB2  12 
ATOM   1304 H HB3  . LEU A 1 6 ? 2.659   2.303  -4.774 1.00 0.00 ? 6 LEU A HB3  12 
ATOM   1305 H HG   . LEU A 1 6 ? 2.950   -0.360 -6.078 1.00 0.00 ? 6 LEU A HG   12 
ATOM   1306 H HD11 . LEU A 1 6 ? 1.373   0.358  -7.624 1.00 0.00 ? 6 LEU A HD11 12 
ATOM   1307 H HD12 . LEU A 1 6 ? 2.836   1.075  -8.301 1.00 0.00 ? 6 LEU A HD12 12 
ATOM   1308 H HD13 . LEU A 1 6 ? 1.730   2.063  -7.349 1.00 0.00 ? 6 LEU A HD13 12 
ATOM   1309 H HD21 . LEU A 1 6 ? 4.693   1.554  -5.300 1.00 0.00 ? 6 LEU A HD21 12 
ATOM   1310 H HD22 . LEU A 1 6 ? 4.380   2.101  -6.947 1.00 0.00 ? 6 LEU A HD22 12 
ATOM   1311 H HD23 . LEU A 1 6 ? 5.007   0.479  -6.662 1.00 0.00 ? 6 LEU A HD23 12 
ATOM   1312 N N    . CYS A 1 7 ? 2.960   0.692  -1.401 1.00 0.00 ? 7 CYS A N    12 
ATOM   1313 C CA   . CYS A 1 7 ? 3.124   1.433  -0.156 1.00 0.00 ? 7 CYS A CA   12 
ATOM   1314 C C    . CYS A 1 7 ? 4.478   2.135  -0.123 1.00 0.00 ? 7 CYS A C    12 
ATOM   1315 O O    . CYS A 1 7 ? 4.840   2.758  0.875  1.00 0.00 ? 7 CYS A O    12 
ATOM   1316 C CB   . CYS A 1 7 ? 3.006   0.487  1.042  1.00 0.00 ? 7 CYS A CB   12 
ATOM   1317 S SG   . CYS A 1 7 ? 1.462   0.823  1.927  1.00 0.00 ? 7 CYS A SG   12 
ATOM   1318 H H    . CYS A 1 7 ? 3.156   -0.269 -1.421 1.00 0.00 ? 7 CYS A H    12 
ATOM   1319 H HA   . CYS A 1 7 ? 2.343   2.177  -0.090 1.00 0.00 ? 7 CYS A HA   12 
ATOM   1320 H HB2  . CYS A 1 7 ? 3.006   -0.534 0.695  1.00 0.00 ? 7 CYS A HB2  12 
ATOM   1321 H HB3  . CYS A 1 7 ? 3.842   0.643  1.708  1.00 0.00 ? 7 CYS A HB3  12 
ATOM   1322 N N    . ALA A 1 8 ? 5.221   2.030  -1.218 1.00 0.00 ? 8 ALA A N    12 
ATOM   1323 C CA   . ALA A 1 8 ? 6.533   2.660  -1.304 1.00 0.00 ? 8 ALA A CA   12 
ATOM   1324 C C    . ALA A 1 8 ? 6.399   4.179  -1.264 1.00 0.00 ? 8 ALA A C    12 
ATOM   1325 O O    . ALA A 1 8 ? 5.398   4.678  -1.749 1.00 0.00 ? 8 ALA A O    12 
ATOM   1326 C CB   . ALA A 1 8 ? 7.230   2.240  -2.598 1.00 0.00 ? 8 ALA A CB   12 
ATOM   1327 O OXT  . ALA A 1 8 ? 7.301   4.819  -0.748 1.00 0.00 ? 8 ALA A OXT  12 
ATOM   1328 H H    . ALA A 1 8 ? 4.880   1.521  -1.983 1.00 0.00 ? 8 ALA A H    12 
ATOM   1329 H HA   . ALA A 1 8 ? 7.131   2.339  -0.465 1.00 0.00 ? 8 ALA A HA   12 
ATOM   1330 H HB1  . ALA A 1 8 ? 7.506   1.198  -2.535 1.00 0.00 ? 8 ALA A HB1  12 
ATOM   1331 H HB2  . ALA A 1 8 ? 8.117   2.839  -2.741 1.00 0.00 ? 8 ALA A HB2  12 
ATOM   1332 H HB3  . ALA A 1 8 ? 6.559   2.386  -3.432 1.00 0.00 ? 8 ALA A HB3  12 
ATOM   1333 N N    . PHE A 1 1 ? -5.804  4.966  -1.889 1.00 0.00 1 1 PHE A N    13 
ATOM   1334 C CA   . PHE A 1 1 ? -5.313  3.558  -1.859 1.00 0.00 ? 1 PHE A CA   13 
ATOM   1335 C C    . PHE A 1 1 ? -4.096  3.469  -0.945 1.00 0.00 ? 1 PHE A C    13 
ATOM   1336 O O    . PHE A 1 1 ? -2.990  3.849  -1.329 1.00 0.00 ? 1 PHE A O    13 
ATOM   1337 C CB   . PHE A 1 1 ? -4.935  3.125  -3.277 1.00 0.00 ? 1 PHE A CB   13 
ATOM   1338 C CG   . PHE A 1 1 ? -6.117  2.450  -3.929 1.00 0.00 ? 1 PHE A CG   13 
ATOM   1339 C CD1  . PHE A 1 1 ? -5.914  1.394  -4.827 1.00 0.00 ? 1 PHE A CD1  13 
ATOM   1340 C CD2  . PHE A 1 1 ? -7.418  2.880  -3.639 1.00 0.00 ? 1 PHE A CD2  13 
ATOM   1341 C CE1  . PHE A 1 1 ? -7.010  0.770  -5.432 1.00 0.00 ? 1 PHE A CE1  13 
ATOM   1342 C CE2  . PHE A 1 1 ? -8.514  2.255  -4.244 1.00 0.00 ? 1 PHE A CE2  13 
ATOM   1343 C CZ   . PHE A 1 1 ? -8.311  1.199  -5.142 1.00 0.00 ? 1 PHE A CZ   13 
ATOM   1344 H H1   . PHE A 1 1 ? -5.059  5.586  -2.262 1.00 0.00 ? 1 PHE A H1   13 
ATOM   1345 H H2   . PHE A 1 1 ? -6.053  5.265  -0.923 1.00 0.00 ? 1 PHE A H2   13 
ATOM   1346 H H3   . PHE A 1 1 ? -6.643  5.029  -2.499 1.00 0.00 ? 1 PHE A H3   13 
ATOM   1347 H HA   . PHE A 1 1 ? -6.093  2.914  -1.483 1.00 0.00 ? 1 PHE A HA   13 
ATOM   1348 H HB2  . PHE A 1 1 ? -4.651  3.991  -3.856 1.00 0.00 ? 1 PHE A HB2  13 
ATOM   1349 H HB3  . PHE A 1 1 ? -4.107  2.432  -3.233 1.00 0.00 ? 1 PHE A HB3  13 
ATOM   1350 H HD1  . PHE A 1 1 ? -4.912  1.063  -5.052 1.00 0.00 ? 1 PHE A HD1  13 
ATOM   1351 H HD2  . PHE A 1 1 ? -7.576  3.694  -2.946 1.00 0.00 ? 1 PHE A HD2  13 
ATOM   1352 H HE1  . PHE A 1 1 ? -6.853  -0.045 -6.125 1.00 0.00 ? 1 PHE A HE1  13 
ATOM   1353 H HE2  . PHE A 1 1 ? -9.518  2.587  -4.021 1.00 0.00 ? 1 PHE A HE2  13 
ATOM   1354 H HZ   . PHE A 1 1 ? -9.157  0.718  -5.611 1.00 0.00 ? 1 PHE A HZ   13 
ATOM   1355 N N    . SER A 1 2 ? -4.308  2.968  0.268  1.00 0.00 ? 2 SER A N    13 
ATOM   1356 C CA   . SER A 1 2 ? -3.221  2.835  1.231  1.00 0.00 ? 2 SER A CA   13 
ATOM   1357 C C    . SER A 1 2 ? -2.854  1.367  1.431  1.00 0.00 ? 2 SER A C    13 
ATOM   1358 O O    . SER A 1 2 ? -3.714  0.488  1.376  1.00 0.00 ? 2 SER A O    13 
ATOM   1359 C CB   . SER A 1 2 ? -3.633  3.449  2.569  1.00 0.00 ? 2 SER A CB   13 
ATOM   1360 O OG   . SER A 1 2 ? -4.911  4.057  2.434  1.00 0.00 ? 2 SER A OG   13 
ATOM   1361 H H    . SER A 1 2 ? -5.212  2.682  0.519  1.00 0.00 ? 2 SER A H    13 
ATOM   1362 H HA   . SER A 1 2 ? -2.357  3.365  0.857  1.00 0.00 ? 2 SER A HA   13 
ATOM   1363 H HB2  . SER A 1 2 ? -3.687  2.678  3.321  1.00 0.00 ? 2 SER A HB2  13 
ATOM   1364 H HB3  . SER A 1 2 ? -2.900  4.188  2.867  1.00 0.00 ? 2 SER A HB3  13 
ATOM   1365 H HG   . SER A 1 2 ? -5.558  3.361  2.304  1.00 0.00 ? 2 SER A HG   13 
HETATM 1366 N N    . DAL A 1 3 ? -1.570  1.112  1.664  1.00 0.00 ? 3 DAL A N    13 
HETATM 1367 C CA   . DAL A 1 3 ? -1.097  -0.252 1.871  1.00 0.00 ? 3 DAL A CA   13 
HETATM 1368 C CB   . DAL A 1 3 ? 0.384   -0.352 1.489  1.00 0.00 ? 3 DAL A CB   13 
HETATM 1369 C C    . DAL A 1 3 ? -1.916  -1.237 1.039  1.00 0.00 ? 3 DAL A C    13 
HETATM 1370 O O    . DAL A 1 3 ? -2.819  -1.897 1.551  1.00 0.00 ? 3 DAL A O    13 
HETATM 1371 H H    . DAL A 1 3 ? -0.930  1.852  1.696  1.00 0.00 ? 3 DAL A H    13 
HETATM 1372 H HA   . DAL A 1 3 ? -1.204  -0.504 2.915  1.00 0.00 ? 3 DAL A HA   13 
HETATM 1373 H HB1  . DAL A 1 3 ? 0.528   -1.195 0.827  1.00 0.00 ? 3 DAL A HB1  13 
HETATM 1374 H HB2  . DAL A 1 3 ? 0.972   -0.493 2.382  1.00 0.00 ? 3 DAL A HB2  13 
ATOM   1375 N N    . LEU A 1 4 ? -1.592  -1.328 -0.246 1.00 0.00 ? 4 LEU A N    13 
ATOM   1376 C CA   . LEU A 1 4 ? -2.303  -2.235 -1.145 1.00 0.00 ? 4 LEU A CA   13 
ATOM   1377 C C    . LEU A 1 4 ? -1.350  -2.828 -2.172 1.00 0.00 ? 4 LEU A C    13 
ATOM   1378 O O    . LEU A 1 4 ? -1.059  -4.024 -2.138 1.00 0.00 ? 4 LEU A O    13 
ATOM   1379 C CB   . LEU A 1 4 ? -3.448  -1.492 -1.846 1.00 0.00 ? 4 LEU A CB   13 
ATOM   1380 C CG   . LEU A 1 4 ? -4.760  -1.774 -1.113 1.00 0.00 ? 4 LEU A CG   13 
ATOM   1381 C CD1  . LEU A 1 4 ? -5.768  -0.667 -1.425 1.00 0.00 ? 4 LEU A CD1  13 
ATOM   1382 C CD2  . LEU A 1 4 ? -5.322  -3.120 -1.577 1.00 0.00 ? 4 LEU A CD2  13 
ATOM   1383 H H    . LEU A 1 4 ? -0.861  -0.778 -0.595 1.00 0.00 ? 4 LEU A H    13 
ATOM   1384 H HA   . LEU A 1 4 ? -2.718  -3.041 -0.571 1.00 0.00 ? 4 LEU A HA   13 
ATOM   1385 H HB2  . LEU A 1 4 ? -3.252  -0.431 -1.834 1.00 0.00 ? 4 LEU A HB2  13 
ATOM   1386 H HB3  . LEU A 1 4 ? -3.532  -1.836 -2.868 1.00 0.00 ? 4 LEU A HB3  13 
ATOM   1387 H HG   . LEU A 1 4 ? -4.578  -1.805 -0.048 1.00 0.00 ? 4 LEU A HG   13 
ATOM   1388 H HD11 . LEU A 1 4 ? -5.965  -0.649 -2.487 1.00 0.00 ? 4 LEU A HD11 13 
ATOM   1389 H HD12 . LEU A 1 4 ? -5.362  0.285  -1.120 1.00 0.00 ? 4 LEU A HD12 13 
ATOM   1390 H HD13 . LEU A 1 4 ? -6.686  -0.856 -0.891 1.00 0.00 ? 4 LEU A HD13 13 
ATOM   1391 H HD21 . LEU A 1 4 ? -5.830  -3.600 -0.753 1.00 0.00 ? 4 LEU A HD21 13 
ATOM   1392 H HD22 . LEU A 1 4 ? -4.514  -3.749 -1.916 1.00 0.00 ? 4 LEU A HD22 13 
ATOM   1393 H HD23 . LEU A 1 4 ? -6.019  -2.960 -2.385 1.00 0.00 ? 4 LEU A HD23 13 
ATOM   1394 N N    . ALA A 1 5 ? -0.863  -1.997 -3.081 1.00 0.00 ? 5 ALA A N    13 
ATOM   1395 C CA   . ALA A 1 5 ? 0.052   -2.468 -4.098 1.00 0.00 ? 5 ALA A CA   13 
ATOM   1396 C C    . ALA A 1 5 ? 1.107   -1.406 -4.380 1.00 0.00 ? 5 ALA A C    13 
ATOM   1397 O O    . ALA A 1 5 ? 1.855   -1.494 -5.355 1.00 0.00 ? 5 ALA A O    13 
ATOM   1398 C CB   . ALA A 1 5 ? -0.732  -2.798 -5.361 1.00 0.00 ? 5 ALA A CB   13 
ATOM   1399 H H    . ALA A 1 5 ? -1.120  -1.053 -3.070 1.00 0.00 ? 5 ALA A H    13 
ATOM   1400 H HA   . ALA A 1 5 ? 0.541   -3.364 -3.745 1.00 0.00 ? 5 ALA A HA   13 
ATOM   1401 H HB1  . ALA A 1 5 ? -0.052  -3.098 -6.141 1.00 0.00 ? 5 ALA A HB1  13 
ATOM   1402 H HB2  . ALA A 1 5 ? -1.286  -1.925 -5.676 1.00 0.00 ? 5 ALA A HB2  13 
ATOM   1403 H HB3  . ALA A 1 5 ? -1.421  -3.603 -5.152 1.00 0.00 ? 5 ALA A HB3  13 
ATOM   1404 N N    . LEU A 1 6 ? 1.158   -0.401 -3.509 1.00 0.00 ? 6 LEU A N    13 
ATOM   1405 C CA   . LEU A 1 6 ? 2.123   0.681  -3.652 1.00 0.00 ? 6 LEU A CA   13 
ATOM   1406 C C    . LEU A 1 6 ? 3.118   0.656  -2.498 1.00 0.00 ? 6 LEU A C    13 
ATOM   1407 O O    . LEU A 1 6 ? 4.273   0.265  -2.668 1.00 0.00 ? 6 LEU A O    13 
ATOM   1408 C CB   . LEU A 1 6 ? 1.399   2.029  -3.680 1.00 0.00 ? 6 LEU A CB   13 
ATOM   1409 C CG   . LEU A 1 6 ? 1.323   2.543  -5.118 1.00 0.00 ? 6 LEU A CG   13 
ATOM   1410 C CD1  . LEU A 1 6 ? 2.739   2.765  -5.658 1.00 0.00 ? 6 LEU A CD1  13 
ATOM   1411 C CD2  . LEU A 1 6 ? 0.602   1.510  -5.988 1.00 0.00 ? 6 LEU A CD2  13 
ATOM   1412 H H    . LEU A 1 6 ? 0.537   -0.393 -2.751 1.00 0.00 ? 6 LEU A H    13 
ATOM   1413 H HA   . LEU A 1 6 ? 2.655   0.551  -4.578 1.00 0.00 ? 6 LEU A HA   13 
ATOM   1414 H HB2  . LEU A 1 6 ? 0.399   1.907  -3.286 1.00 0.00 ? 6 LEU A HB2  13 
ATOM   1415 H HB3  . LEU A 1 6 ? 1.940   2.741  -3.072 1.00 0.00 ? 6 LEU A HB3  13 
ATOM   1416 H HG   . LEU A 1 6 ? 0.780   3.475  -5.138 1.00 0.00 ? 6 LEU A HG   13 
ATOM   1417 H HD11 . LEU A 1 6 ? 2.832   3.782  -6.012 1.00 0.00 ? 6 LEU A HD11 13 
ATOM   1418 H HD12 . LEU A 1 6 ? 2.927   2.082  -6.473 1.00 0.00 ? 6 LEU A HD12 13 
ATOM   1419 H HD13 . LEU A 1 6 ? 3.458   2.593  -4.870 1.00 0.00 ? 6 LEU A HD13 13 
ATOM   1420 H HD21 . LEU A 1 6 ? -0.086  2.015  -6.651 1.00 0.00 ? 6 LEU A HD21 13 
ATOM   1421 H HD22 . LEU A 1 6 ? 0.055   0.825  -5.356 1.00 0.00 ? 6 LEU A HD22 13 
ATOM   1422 H HD23 . LEU A 1 6 ? 1.327   0.960  -6.571 1.00 0.00 ? 6 LEU A HD23 13 
ATOM   1423 N N    . CYS A 1 7 ? 2.661   1.073  -1.322 1.00 0.00 ? 7 CYS A N    13 
ATOM   1424 C CA   . CYS A 1 7 ? 3.513   1.092  -0.142 1.00 0.00 ? 7 CYS A CA   13 
ATOM   1425 C C    . CYS A 1 7 ? 4.382   -0.160 -0.091 1.00 0.00 ? 7 CYS A C    13 
ATOM   1426 O O    . CYS A 1 7 ? 5.571   -0.091 0.224  1.00 0.00 ? 7 CYS A O    13 
ATOM   1427 C CB   . CYS A 1 7 ? 2.648   1.164  1.120  1.00 0.00 ? 7 CYS A CB   13 
ATOM   1428 S SG   . CYS A 1 7 ? 0.894   1.173  0.651  1.00 0.00 ? 7 CYS A SG   13 
ATOM   1429 H H    . CYS A 1 7 ? 1.733   1.372  -1.249 1.00 0.00 ? 7 CYS A H    13 
ATOM   1430 H HA   . CYS A 1 7 ? 4.149   1.962  -0.180 1.00 0.00 ? 7 CYS A HA   13 
ATOM   1431 H HB2  . CYS A 1 7 ? 2.853   0.309  1.746  1.00 0.00 ? 7 CYS A HB2  13 
ATOM   1432 H HB3  . CYS A 1 7 ? 2.879   2.068  1.663  1.00 0.00 ? 7 CYS A HB3  13 
ATOM   1433 N N    . ALA A 1 8 ? 3.780   -1.305 -0.401 1.00 0.00 ? 8 ALA A N    13 
ATOM   1434 C CA   . ALA A 1 8 ? 4.509   -2.567 -0.387 1.00 0.00 ? 8 ALA A CA   13 
ATOM   1435 C C    . ALA A 1 8 ? 5.419   -2.674 -1.605 1.00 0.00 ? 8 ALA A C    13 
ATOM   1436 O O    . ALA A 1 8 ? 5.726   -1.644 -2.184 1.00 0.00 ? 8 ALA A O    13 
ATOM   1437 C CB   . ALA A 1 8 ? 3.524   -3.737 -0.378 1.00 0.00 ? 8 ALA A CB   13 
ATOM   1438 O OXT  . ALA A 1 8 ? 5.794   -3.784 -1.943 1.00 0.00 ? 8 ALA A OXT  13 
ATOM   1439 H H    . ALA A 1 8 ? 2.831   -1.298 -0.643 1.00 0.00 ? 8 ALA A H    13 
ATOM   1440 H HA   . ALA A 1 8 ? 5.112   -2.613 0.508  1.00 0.00 ? 8 ALA A HA   13 
ATOM   1441 H HB1  . ALA A 1 8 ? 2.538   -3.381 -0.646 1.00 0.00 ? 8 ALA A HB1  13 
ATOM   1442 H HB2  . ALA A 1 8 ? 3.491   -4.174 0.609  1.00 0.00 ? 8 ALA A HB2  13 
ATOM   1443 H HB3  . ALA A 1 8 ? 3.843   -4.482 -1.092 1.00 0.00 ? 8 ALA A HB3  13 
ATOM   1444 N N    . PHE A 1 1 ? -6.258  -1.879 7.283  1.00 0.00 1 1 PHE A N    14 
ATOM   1445 C CA   . PHE A 1 1 ? -5.272  -2.306 6.250  1.00 0.00 ? 1 PHE A CA   14 
ATOM   1446 C C    . PHE A 1 1 ? -4.226  -1.211 6.069  1.00 0.00 ? 1 PHE A C    14 
ATOM   1447 O O    . PHE A 1 1 ? -4.558  -0.028 5.989  1.00 0.00 ? 1 PHE A O    14 
ATOM   1448 C CB   . PHE A 1 1 ? -6.001  -2.564 4.929  1.00 0.00 ? 1 PHE A CB   14 
ATOM   1449 C CG   . PHE A 1 1 ? -6.087  -1.282 4.133  1.00 0.00 ? 1 PHE A CG   14 
ATOM   1450 C CD1  . PHE A 1 1 ? -7.294  -0.576 4.069  1.00 0.00 ? 1 PHE A CD1  14 
ATOM   1451 C CD2  . PHE A 1 1 ? -4.958  -0.802 3.458  1.00 0.00 ? 1 PHE A CD2  14 
ATOM   1452 C CE1  . PHE A 1 1 ? -7.372  0.611  3.331  1.00 0.00 ? 1 PHE A CE1  14 
ATOM   1453 C CE2  . PHE A 1 1 ? -5.036  0.386  2.722  1.00 0.00 ? 1 PHE A CE2  14 
ATOM   1454 C CZ   . PHE A 1 1 ? -6.243  1.091  2.655  1.00 0.00 ? 1 PHE A CZ   14 
ATOM   1455 H H1   . PHE A 1 1 ? -6.629  -0.940 7.042  1.00 0.00 ? 1 PHE A H1   14 
ATOM   1456 H H2   . PHE A 1 1 ? -5.791  -1.842 8.212  1.00 0.00 ? 1 PHE A H2   14 
ATOM   1457 H H3   . PHE A 1 1 ? -7.042  -2.561 7.315  1.00 0.00 ? 1 PHE A H3   14 
ATOM   1458 H HA   . PHE A 1 1 ? -4.786  -3.215 6.574  1.00 0.00 ? 1 PHE A HA   14 
ATOM   1459 H HB2  . PHE A 1 1 ? -5.459  -3.305 4.358  1.00 0.00 ? 1 PHE A HB2  14 
ATOM   1460 H HB3  . PHE A 1 1 ? -6.998  -2.926 5.132  1.00 0.00 ? 1 PHE A HB3  14 
ATOM   1461 H HD1  . PHE A 1 1 ? -8.165  -0.947 4.589  1.00 0.00 ? 1 PHE A HD1  14 
ATOM   1462 H HD2  . PHE A 1 1 ? -4.027  -1.346 3.509  1.00 0.00 ? 1 PHE A HD2  14 
ATOM   1463 H HE1  . PHE A 1 1 ? -8.303  1.156  3.281  1.00 0.00 ? 1 PHE A HE1  14 
ATOM   1464 H HE2  . PHE A 1 1 ? -4.164  0.756  2.201  1.00 0.00 ? 1 PHE A HE2  14 
ATOM   1465 H HZ   . PHE A 1 1 ? -6.303  2.007  2.087  1.00 0.00 ? 1 PHE A HZ   14 
ATOM   1466 N N    . SER A 1 2 ? -2.960  -1.613 6.006  1.00 0.00 ? 2 SER A N    14 
ATOM   1467 C CA   . SER A 1 2 ? -1.873  -0.655 5.835  1.00 0.00 ? 2 SER A CA   14 
ATOM   1468 C C    . SER A 1 2 ? -1.104  -0.946 4.551  1.00 0.00 ? 2 SER A C    14 
ATOM   1469 O O    . SER A 1 2 ? -0.062  -1.603 4.576  1.00 0.00 ? 2 SER A O    14 
ATOM   1470 C CB   . SER A 1 2 ? -0.922  -0.724 7.029  1.00 0.00 ? 2 SER A CB   14 
ATOM   1471 O OG   . SER A 1 2 ? -1.145  -1.937 7.736  1.00 0.00 ? 2 SER A OG   14 
ATOM   1472 H H    . SER A 1 2 ? -2.754  -2.567 6.076  1.00 0.00 ? 2 SER A H    14 
ATOM   1473 H HA   . SER A 1 2 ? -2.288  0.339  5.776  1.00 0.00 ? 2 SER A HA   14 
ATOM   1474 H HB2  . SER A 1 2 ? 0.097   -0.698 6.683  1.00 0.00 ? 2 SER A HB2  14 
ATOM   1475 H HB3  . SER A 1 2 ? -1.102  0.122  7.680  1.00 0.00 ? 2 SER A HB3  14 
ATOM   1476 H HG   . SER A 1 2 ? -0.373  -2.109 8.282  1.00 0.00 ? 2 SER A HG   14 
HETATM 1477 N N    . DAL A 1 3 ? -1.623  -0.454 3.433  1.00 0.00 ? 3 DAL A N    14 
HETATM 1478 C CA   . DAL A 1 3 ? -0.975  -0.669 2.144  1.00 0.00 ? 3 DAL A CA   14 
HETATM 1479 C CB   . DAL A 1 3 ? -0.404  0.649  1.620  1.00 0.00 ? 3 DAL A CB   14 
HETATM 1480 C C    . DAL A 1 3 ? -1.969  -1.235 1.136  1.00 0.00 ? 3 DAL A C    14 
HETATM 1481 O O    . DAL A 1 3 ? -3.120  -1.508 1.475  1.00 0.00 ? 3 DAL A O    14 
HETATM 1482 H H    . DAL A 1 3 ? -2.455  0.060  3.473  1.00 0.00 ? 3 DAL A H    14 
HETATM 1483 H HA   . DAL A 1 3 ? -0.167  -1.373 2.272  1.00 0.00 ? 3 DAL A HA   14 
HETATM 1484 H HB1  . DAL A 1 3 ? 0.167   1.127  2.400  1.00 0.00 ? 3 DAL A HB1  14 
HETATM 1485 H HB2  . DAL A 1 3 ? -1.213  1.297  1.315  1.00 0.00 ? 3 DAL A HB2  14 
ATOM   1486 N N    . LEU A 1 4 ? -1.518  -1.411 -0.102 1.00 0.00 ? 4 LEU A N    14 
ATOM   1487 C CA   . LEU A 1 4 ? -2.383  -1.949 -1.149 1.00 0.00 ? 4 LEU A CA   14 
ATOM   1488 C C    . LEU A 1 4 ? -1.564  -2.622 -2.240 1.00 0.00 ? 4 LEU A C    14 
ATOM   1489 O O    . LEU A 1 4 ? -1.619  -3.842 -2.398 1.00 0.00 ? 4 LEU A O    14 
ATOM   1490 C CB   . LEU A 1 4 ? -3.245  -0.833 -1.750 1.00 0.00 ? 4 LEU A CB   14 
ATOM   1491 C CG   . LEU A 1 4 ? -4.632  -0.857 -1.105 1.00 0.00 ? 4 LEU A CG   14 
ATOM   1492 C CD1  . LEU A 1 4 ? -5.470  0.299  -1.654 1.00 0.00 ? 4 LEU A CD1  14 
ATOM   1493 C CD2  . LEU A 1 4 ? -5.323  -2.187 -1.426 1.00 0.00 ? 4 LEU A CD2  14 
ATOM   1494 H H    . LEU A 1 4 ? -0.589  -1.179 -0.314 1.00 0.00 ? 4 LEU A H    14 
ATOM   1495 H HA   . LEU A 1 4 ? -3.033  -2.687 -0.718 1.00 0.00 ? 4 LEU A HA   14 
ATOM   1496 H HB2  . LEU A 1 4 ? -2.780  0.124  -1.562 1.00 0.00 ? 4 LEU A HB2  14 
ATOM   1497 H HB3  . LEU A 1 4 ? -3.347  -0.984 -2.813 1.00 0.00 ? 4 LEU A HB3  14 
ATOM   1498 H HG   . LEU A 1 4 ? -4.534  -0.751 -0.034 1.00 0.00 ? 4 LEU A HG   14 
ATOM   1499 H HD11 . LEU A 1 4 ? -4.821  1.124  -1.909 1.00 0.00 ? 4 LEU A HD11 14 
ATOM   1500 H HD12 . LEU A 1 4 ? -6.180  0.617  -0.905 1.00 0.00 ? 4 LEU A HD12 14 
ATOM   1501 H HD13 . LEU A 1 4 ? -5.999  -0.029 -2.536 1.00 0.00 ? 4 LEU A HD13 14 
ATOM   1502 H HD21 . LEU A 1 4 ? -6.299  -1.992 -1.845 1.00 0.00 ? 4 LEU A HD21 14 
ATOM   1503 H HD22 . LEU A 1 4 ? -5.429  -2.765 -0.521 1.00 0.00 ? 4 LEU A HD22 14 
ATOM   1504 H HD23 . LEU A 1 4 ? -4.729  -2.739 -2.138 1.00 0.00 ? 4 LEU A HD23 14 
ATOM   1505 N N    . ALA A 1 5 ? -0.816  -1.837 -3.001 1.00 0.00 ? 5 ALA A N    14 
ATOM   1506 C CA   . ALA A 1 5 ? -0.016  -2.400 -4.072 1.00 0.00 ? 5 ALA A CA   14 
ATOM   1507 C C    . ALA A 1 5 ? 1.311   -1.661 -4.209 1.00 0.00 ? 5 ALA A C    14 
ATOM   1508 O O    . ALA A 1 5 ? 2.292   -2.217 -4.705 1.00 0.00 ? 5 ALA A O    14 
ATOM   1509 C CB   . ALA A 1 5 ? -0.803  -2.320 -5.373 1.00 0.00 ? 5 ALA A CB   14 
ATOM   1510 H H    . ALA A 1 5 ? -0.805  -0.870 -2.847 1.00 0.00 ? 5 ALA A H    14 
ATOM   1511 H HA   . ALA A 1 5 ? 0.182   -3.438 -3.851 1.00 0.00 ? 5 ALA A HA   14 
ATOM   1512 H HB1  . ALA A 1 5 ? -0.347  -2.960 -6.111 1.00 0.00 ? 5 ALA A HB1  14 
ATOM   1513 H HB2  . ALA A 1 5 ? -0.807  -1.300 -5.727 1.00 0.00 ? 5 ALA A HB2  14 
ATOM   1514 H HB3  . ALA A 1 5 ? -1.821  -2.641 -5.195 1.00 0.00 ? 5 ALA A HB3  14 
ATOM   1515 N N    . LEU A 1 6 ? 1.336   -0.409 -3.768 1.00 0.00 ? 6 LEU A N    14 
ATOM   1516 C CA   . LEU A 1 6 ? 2.552   0.392  -3.851 1.00 0.00 ? 6 LEU A CA   14 
ATOM   1517 C C    . LEU A 1 6 ? 2.689   1.294  -2.625 1.00 0.00 ? 6 LEU A C    14 
ATOM   1518 O O    . LEU A 1 6 ? 2.551   2.514  -2.717 1.00 0.00 ? 6 LEU A O    14 
ATOM   1519 C CB   . LEU A 1 6 ? 2.526   1.242  -5.128 1.00 0.00 ? 6 LEU A CB   14 
ATOM   1520 C CG   . LEU A 1 6 ? 3.855   1.093  -5.869 1.00 0.00 ? 6 LEU A CG   14 
ATOM   1521 C CD1  . LEU A 1 6 ? 3.750   1.763  -7.241 1.00 0.00 ? 6 LEU A CD1  14 
ATOM   1522 C CD2  . LEU A 1 6 ? 4.971   1.761  -5.060 1.00 0.00 ? 6 LEU A CD2  14 
ATOM   1523 H H    . LEU A 1 6 ? 0.525   -0.016 -3.383 1.00 0.00 ? 6 LEU A H    14 
ATOM   1524 H HA   . LEU A 1 6 ? 3.402   -0.272 -3.893 1.00 0.00 ? 6 LEU A HA   14 
ATOM   1525 H HB2  . LEU A 1 6 ? 1.720   0.908  -5.764 1.00 0.00 ? 6 LEU A HB2  14 
ATOM   1526 H HB3  . LEU A 1 6 ? 2.374   2.279  -4.872 1.00 0.00 ? 6 LEU A HB3  14 
ATOM   1527 H HG   . LEU A 1 6 ? 4.080   0.044  -5.998 1.00 0.00 ? 6 LEU A HG   14 
ATOM   1528 H HD11 . LEU A 1 6 ? 3.040   2.576  -7.191 1.00 0.00 ? 6 LEU A HD11 14 
ATOM   1529 H HD12 . LEU A 1 6 ? 3.419   1.039  -7.970 1.00 0.00 ? 6 LEU A HD12 14 
ATOM   1530 H HD13 . LEU A 1 6 ? 4.718   2.146  -7.529 1.00 0.00 ? 6 LEU A HD13 14 
ATOM   1531 H HD21 . LEU A 1 6 ? 4.600   2.016  -4.078 1.00 0.00 ? 6 LEU A HD21 14 
ATOM   1532 H HD22 . LEU A 1 6 ? 5.296   2.658  -5.565 1.00 0.00 ? 6 LEU A HD22 14 
ATOM   1533 H HD23 . LEU A 1 6 ? 5.803   1.080  -4.965 1.00 0.00 ? 6 LEU A HD23 14 
ATOM   1534 N N    . CYS A 1 7 ? 2.960   0.686  -1.474 1.00 0.00 ? 7 CYS A N    14 
ATOM   1535 C CA   . CYS A 1 7 ? 3.110   1.445  -0.238 1.00 0.00 ? 7 CYS A CA   14 
ATOM   1536 C C    . CYS A 1 7 ? 3.914   0.648  0.785  1.00 0.00 ? 7 CYS A C    14 
ATOM   1537 O O    . CYS A 1 7 ? 5.037   1.018  1.131  1.00 0.00 ? 7 CYS A O    14 
ATOM   1538 C CB   . CYS A 1 7 ? 1.734   1.771  0.340  1.00 0.00 ? 7 CYS A CB   14 
ATOM   1539 S SG   . CYS A 1 7 ? 0.669   0.313  0.200  1.00 0.00 ? 7 CYS A SG   14 
ATOM   1540 H H    . CYS A 1 7 ? 3.057   -0.288 -1.454 1.00 0.00 ? 7 CYS A H    14 
ATOM   1541 H HA   . CYS A 1 7 ? 3.628   2.369  -0.453 1.00 0.00 ? 7 CYS A HA   14 
ATOM   1542 H HB2  . CYS A 1 7 ? 1.838   2.049  1.378  1.00 0.00 ? 7 CYS A HB2  14 
ATOM   1543 H HB3  . CYS A 1 7 ? 1.297   2.591  -0.211 1.00 0.00 ? 7 CYS A HB3  14 
ATOM   1544 N N    . ALA A 1 8 ? 3.331   -0.445 1.263  1.00 0.00 ? 8 ALA A N    14 
ATOM   1545 C CA   . ALA A 1 8 ? 3.999   -1.289 2.246  1.00 0.00 ? 8 ALA A CA   14 
ATOM   1546 C C    . ALA A 1 8 ? 5.321   -1.814 1.694  1.00 0.00 ? 8 ALA A C    14 
ATOM   1547 O O    . ALA A 1 8 ? 5.888   -2.701 2.313  1.00 0.00 ? 8 ALA A O    14 
ATOM   1548 C CB   . ALA A 1 8 ? 3.097   -2.467 2.620  1.00 0.00 ? 8 ALA A CB   14 
ATOM   1549 O OXT  . ALA A 1 8 ? 5.746   -1.320 0.663  1.00 0.00 ? 8 ALA A OXT  14 
ATOM   1550 H H    . ALA A 1 8 ? 2.434   -0.689 0.949  1.00 0.00 ? 8 ALA A H    14 
ATOM   1551 H HA   . ALA A 1 8 ? 4.195   -0.706 3.134  1.00 0.00 ? 8 ALA A HA   14 
ATOM   1552 H HB1  . ALA A 1 8 ? 2.134   -2.095 2.937  1.00 0.00 ? 8 ALA A HB1  14 
ATOM   1553 H HB2  . ALA A 1 8 ? 3.550   -3.026 3.424  1.00 0.00 ? 8 ALA A HB2  14 
ATOM   1554 H HB3  . ALA A 1 8 ? 2.969   -3.109 1.761  1.00 0.00 ? 8 ALA A HB3  14 
ATOM   1555 N N    . PHE A 1 1 ? -7.207  3.178  3.863  1.00 0.00 1 1 PHE A N    15 
ATOM   1556 C CA   . PHE A 1 1 ? -5.948  3.243  3.069  1.00 0.00 ? 1 PHE A CA   15 
ATOM   1557 C C    . PHE A 1 1 ? -4.784  2.750  3.921  1.00 0.00 ? 1 PHE A C    15 
ATOM   1558 O O    . PHE A 1 1 ? -4.254  3.488  4.752  1.00 0.00 ? 1 PHE A O    15 
ATOM   1559 C CB   . PHE A 1 1 ? -5.701  4.688  2.630  1.00 0.00 ? 1 PHE A CB   15 
ATOM   1560 C CG   . PHE A 1 1 ? -4.858  4.697  1.378  1.00 0.00 ? 1 PHE A CG   15 
ATOM   1561 C CD1  . PHE A 1 1 ? -3.476  4.488  1.462  1.00 0.00 ? 1 PHE A CD1  15 
ATOM   1562 C CD2  . PHE A 1 1 ? -5.457  4.918  0.132  1.00 0.00 ? 1 PHE A CD2  15 
ATOM   1563 C CE1  . PHE A 1 1 ? -2.694  4.497  0.301  1.00 0.00 ? 1 PHE A CE1  15 
ATOM   1564 C CE2  . PHE A 1 1 ? -4.675  4.927  -1.029 1.00 0.00 ? 1 PHE A CE2  15 
ATOM   1565 C CZ   . PHE A 1 1 ? -3.294  4.717  -0.945 1.00 0.00 ? 1 PHE A CZ   15 
ATOM   1566 H H1   . PHE A 1 1 ? -7.336  4.070  4.383  1.00 0.00 ? 1 PHE A H1   15 
ATOM   1567 H H2   . PHE A 1 1 ? -7.151  2.388  4.539  1.00 0.00 ? 1 PHE A H2   15 
ATOM   1568 H H3   . PHE A 1 1 ? -8.014  3.033  3.224  1.00 0.00 ? 1 PHE A H3   15 
ATOM   1569 H HA   . PHE A 1 1 ? -6.044  2.616  2.195  1.00 0.00 ? 1 PHE A HA   15 
ATOM   1570 H HB2  . PHE A 1 1 ? -6.647  5.171  2.431  1.00 0.00 ? 1 PHE A HB2  15 
ATOM   1571 H HB3  . PHE A 1 1 ? -5.185  5.219  3.415  1.00 0.00 ? 1 PHE A HB3  15 
ATOM   1572 H HD1  . PHE A 1 1 ? -3.014  4.318  2.423  1.00 0.00 ? 1 PHE A HD1  15 
ATOM   1573 H HD2  . PHE A 1 1 ? -6.523  5.081  0.067  1.00 0.00 ? 1 PHE A HD2  15 
ATOM   1574 H HE1  . PHE A 1 1 ? -1.628  4.335  0.366  1.00 0.00 ? 1 PHE A HE1  15 
ATOM   1575 H HE2  . PHE A 1 1 ? -5.138  5.097  -1.991 1.00 0.00 ? 1 PHE A HE2  15 
ATOM   1576 H HZ   . PHE A 1 1 ? -2.690  4.724  -1.841 1.00 0.00 ? 1 PHE A HZ   15 
ATOM   1577 N N    . SER A 1 2 ? -4.390  1.499  3.709  1.00 0.00 ? 2 SER A N    15 
ATOM   1578 C CA   . SER A 1 2 ? -3.286  0.916  4.463  1.00 0.00 ? 2 SER A CA   15 
ATOM   1579 C C    . SER A 1 2 ? -2.565  -0.136 3.627  1.00 0.00 ? 2 SER A C    15 
ATOM   1580 O O    . SER A 1 2 ? -2.954  -1.304 3.610  1.00 0.00 ? 2 SER A O    15 
ATOM   1581 C CB   . SER A 1 2 ? -3.812  0.277  5.747  1.00 0.00 ? 2 SER A CB   15 
ATOM   1582 O OG   . SER A 1 2 ? -4.925  -0.550 5.440  1.00 0.00 ? 2 SER A OG   15 
ATOM   1583 H H    . SER A 1 2 ? -4.850  0.957  3.034  1.00 0.00 ? 2 SER A H    15 
ATOM   1584 H HA   . SER A 1 2 ? -2.587  1.697  4.723  1.00 0.00 ? 2 SER A HA   15 
ATOM   1585 H HB2  . SER A 1 2 ? -3.038  -0.324 6.196  1.00 0.00 ? 2 SER A HB2  15 
ATOM   1586 H HB3  . SER A 1 2 ? -4.107  1.054  6.440  1.00 0.00 ? 2 SER A HB3  15 
ATOM   1587 H HG   . SER A 1 2 ? -5.302  -0.862 6.265  1.00 0.00 ? 2 SER A HG   15 
HETATM 1588 N N    . DAL A 1 3 ? -1.513  0.283  2.933  1.00 0.00 ? 3 DAL A N    15 
HETATM 1589 C CA   . DAL A 1 3 ? -0.748  -0.633 2.098  1.00 0.00 ? 3 DAL A CA   15 
HETATM 1590 C CB   . DAL A 1 3 ? 0.335   0.143  1.343  1.00 0.00 ? 3 DAL A CB   15 
HETATM 1591 C C    . DAL A 1 3 ? -1.676  -1.360 1.121  1.00 0.00 ? 3 DAL A C    15 
HETATM 1592 O O    . DAL A 1 3 ? -2.549  -2.119 1.542  1.00 0.00 ? 3 DAL A O    15 
HETATM 1593 H H    . DAL A 1 3 ? -1.247  1.225  2.983  1.00 0.00 ? 3 DAL A H    15 
HETATM 1594 H HA   . DAL A 1 3 ? -0.270  -1.366 2.733  1.00 0.00 ? 3 DAL A HA   15 
HETATM 1595 H HB1  . DAL A 1 3 ? 0.717   0.928  1.978  1.00 0.00 ? 3 DAL A HB1  15 
HETATM 1596 H HB2  . DAL A 1 3 ? -0.082  0.579  0.450  1.00 0.00 ? 3 DAL A HB2  15 
ATOM   1597 N N    . LEU A 1 4 ? -1.492  -1.131 -0.178 1.00 0.00 ? 4 LEU A N    15 
ATOM   1598 C CA   . LEU A 1 4 ? -2.337  -1.778 -1.180 1.00 0.00 ? 4 LEU A CA   15 
ATOM   1599 C C    . LEU A 1 4 ? -1.496  -2.541 -2.197 1.00 0.00 ? 4 LEU A C    15 
ATOM   1600 O O    . LEU A 1 4 ? -1.517  -3.770 -2.227 1.00 0.00 ? 4 LEU A O    15 
ATOM   1601 C CB   . LEU A 1 4 ? -3.211  -0.737 -1.890 1.00 0.00 ? 4 LEU A CB   15 
ATOM   1602 C CG   . LEU A 1 4 ? -4.597  -0.707 -1.240 1.00 0.00 ? 4 LEU A CG   15 
ATOM   1603 C CD1  . LEU A 1 4 ? -4.497  -0.073 0.149  1.00 0.00 ? 4 LEU A CD1  15 
ATOM   1604 C CD2  . LEU A 1 4 ? -5.549  0.121  -2.107 1.00 0.00 ? 4 LEU A CD2  15 
ATOM   1605 H H    . LEU A 1 4 ? -0.785  -0.520 -0.467 1.00 0.00 ? 4 LEU A H    15 
ATOM   1606 H HA   . LEU A 1 4 ? -2.979  -2.485 -0.689 1.00 0.00 ? 4 LEU A HA   15 
ATOM   1607 H HB2  . LEU A 1 4 ? -2.755  0.238  -1.805 1.00 0.00 ? 4 LEU A HB2  15 
ATOM   1608 H HB3  . LEU A 1 4 ? -3.315  -0.999 -2.932 1.00 0.00 ? 4 LEU A HB3  15 
ATOM   1609 H HG   . LEU A 1 4 ? -4.976  -1.715 -1.148 1.00 0.00 ? 4 LEU A HG   15 
ATOM   1610 H HD11 . LEU A 1 4 ? -3.767  0.722  0.130  1.00 0.00 ? 4 LEU A HD11 15 
ATOM   1611 H HD12 . LEU A 1 4 ? -4.196  -0.821 0.865  1.00 0.00 ? 4 LEU A HD12 15 
ATOM   1612 H HD13 . LEU A 1 4 ? -5.459  0.328  0.430  1.00 0.00 ? 4 LEU A HD13 15 
ATOM   1613 H HD21 . LEU A 1 4 ? -6.539  -0.308 -2.065 1.00 0.00 ? 4 LEU A HD21 15 
ATOM   1614 H HD22 . LEU A 1 4 ? -5.199  0.121  -3.128 1.00 0.00 ? 4 LEU A HD22 15 
ATOM   1615 H HD23 . LEU A 1 4 ? -5.581  1.136  -1.737 1.00 0.00 ? 4 LEU A HD23 15 
ATOM   1616 N N    . ALA A 1 5 ? -0.763  -1.817 -3.030 1.00 0.00 ? 5 ALA A N    15 
ATOM   1617 C CA   . ALA A 1 5 ? 0.061   -2.457 -4.034 1.00 0.00 ? 5 ALA A CA   15 
ATOM   1618 C C    . ALA A 1 5 ? 1.364   -1.688 -4.208 1.00 0.00 ? 5 ALA A C    15 
ATOM   1619 O O    . ALA A 1 5 ? 2.352   -2.220 -4.713 1.00 0.00 ? 5 ALA A O    15 
ATOM   1620 C CB   . ALA A 1 5 ? -0.709  -2.513 -5.348 1.00 0.00 ? 5 ALA A CB   15 
ATOM   1621 H H    . ALA A 1 5 ? -0.778  -0.841 -2.974 1.00 0.00 ? 5 ALA A H    15 
ATOM   1622 H HA   . ALA A 1 5 ? 0.288   -3.464 -3.716 1.00 0.00 ? 5 ALA A HA   15 
ATOM   1623 H HB1  . ALA A 1 5 ? -1.701  -2.901 -5.160 1.00 0.00 ? 5 ALA A HB1  15 
ATOM   1624 H HB2  . ALA A 1 5 ? -0.194  -3.159 -6.040 1.00 0.00 ? 5 ALA A HB2  15 
ATOM   1625 H HB3  . ALA A 1 5 ? -0.784  -1.520 -5.762 1.00 0.00 ? 5 ALA A HB3  15 
ATOM   1626 N N    . LEU A 1 6 ? 1.353   -0.431 -3.775 1.00 0.00 ? 6 LEU A N    15 
ATOM   1627 C CA   . LEU A 1 6 ? 2.537   0.412  -3.870 1.00 0.00 ? 6 LEU A CA   15 
ATOM   1628 C C    . LEU A 1 6 ? 2.683   1.255  -2.608 1.00 0.00 ? 6 LEU A C    15 
ATOM   1629 O O    . LEU A 1 6 ? 2.822   2.476  -2.673 1.00 0.00 ? 6 LEU A O    15 
ATOM   1630 C CB   . LEU A 1 6 ? 2.438   1.326  -5.094 1.00 0.00 ? 6 LEU A CB   15 
ATOM   1631 C CG   . LEU A 1 6 ? 2.316   0.477  -6.362 1.00 0.00 ? 6 LEU A CG   15 
ATOM   1632 C CD1  . LEU A 1 6 ? 1.967   1.379  -7.546 1.00 0.00 ? 6 LEU A CD1  15 
ATOM   1633 C CD2  . LEU A 1 6 ? 3.648   -0.226 -6.635 1.00 0.00 ? 6 LEU A CD2  15 
ATOM   1634 H H    . LEU A 1 6 ? 0.537   -0.068 -3.375 1.00 0.00 ? 6 LEU A H    15 
ATOM   1635 H HA   . LEU A 1 6 ? 3.405   -0.217 -3.970 1.00 0.00 ? 6 LEU A HA   15 
ATOM   1636 H HB2  . LEU A 1 6 ? 1.570   1.961  -5.000 1.00 0.00 ? 6 LEU A HB2  15 
ATOM   1637 H HB3  . LEU A 1 6 ? 3.325   1.938  -5.159 1.00 0.00 ? 6 LEU A HB3  15 
ATOM   1638 H HG   . LEU A 1 6 ? 1.537   -0.260 -6.228 1.00 0.00 ? 6 LEU A HG   15 
ATOM   1639 H HD11 . LEU A 1 6 ? 1.767   0.770  -8.416 1.00 0.00 ? 6 LEU A HD11 15 
ATOM   1640 H HD12 . LEU A 1 6 ? 2.796   2.039  -7.752 1.00 0.00 ? 6 LEU A HD12 15 
ATOM   1641 H HD13 . LEU A 1 6 ? 1.091   1.964  -7.308 1.00 0.00 ? 6 LEU A HD13 15 
ATOM   1642 H HD21 . LEU A 1 6 ? 3.664   -0.578 -7.656 1.00 0.00 ? 6 LEU A HD21 15 
ATOM   1643 H HD22 . LEU A 1 6 ? 3.757   -1.065 -5.965 1.00 0.00 ? 6 LEU A HD22 15 
ATOM   1644 H HD23 . LEU A 1 6 ? 4.459   0.468  -6.481 1.00 0.00 ? 6 LEU A HD23 15 
ATOM   1645 N N    . CYS A 1 7 ? 2.648   0.589  -1.459 1.00 0.00 ? 7 CYS A N    15 
ATOM   1646 C CA   . CYS A 1 7 ? 2.774   1.275  -0.180 1.00 0.00 ? 7 CYS A CA   15 
ATOM   1647 C C    . CYS A 1 7 ? 3.923   2.275  -0.214 1.00 0.00 ? 7 CYS A C    15 
ATOM   1648 O O    . CYS A 1 7 ? 4.043   3.128  0.665  1.00 0.00 ? 7 CYS A O    15 
ATOM   1649 C CB   . CYS A 1 7 ? 3.011   0.253  0.933  1.00 0.00 ? 7 CYS A CB   15 
ATOM   1650 S SG   . CYS A 1 7 ? 1.685   -0.979 0.902  1.00 0.00 ? 7 CYS A SG   15 
ATOM   1651 H H    . CYS A 1 7 ? 2.534   -0.384 -1.473 1.00 0.00 ? 7 CYS A H    15 
ATOM   1652 H HA   . CYS A 1 7 ? 1.855   1.804  0.025  1.00 0.00 ? 7 CYS A HA   15 
ATOM   1653 H HB2  . CYS A 1 7 ? 3.961   -0.236 0.777  1.00 0.00 ? 7 CYS A HB2  15 
ATOM   1654 H HB3  . CYS A 1 7 ? 3.015   0.755  1.889  1.00 0.00 ? 7 CYS A HB3  15 
ATOM   1655 N N    . ALA A 1 8 ? 4.763   2.167  -1.238 1.00 0.00 ? 8 ALA A N    15 
ATOM   1656 C CA   . ALA A 1 8 ? 5.899   3.069  -1.378 1.00 0.00 ? 8 ALA A CA   15 
ATOM   1657 C C    . ALA A 1 8 ? 5.447   4.414  -1.937 1.00 0.00 ? 8 ALA A C    15 
ATOM   1658 O O    . ALA A 1 8 ? 6.242   5.340  -1.913 1.00 0.00 ? 8 ALA A O    15 
ATOM   1659 C CB   . ALA A 1 8 ? 6.944   2.450  -2.308 1.00 0.00 ? 8 ALA A CB   15 
ATOM   1660 O OXT  . ALA A 1 8 ? 4.313   4.500  -2.378 1.00 0.00 ? 8 ALA A OXT  15 
ATOM   1661 H H    . ALA A 1 8 ? 4.616   1.469  -1.909 1.00 0.00 ? 8 ALA A H    15 
ATOM   1662 H HA   . ALA A 1 8 ? 6.345   3.224  -0.407 1.00 0.00 ? 8 ALA A HA   15 
ATOM   1663 H HB1  . ALA A 1 8 ? 7.439   3.232  -2.866 1.00 0.00 ? 8 ALA A HB1  15 
ATOM   1664 H HB2  . ALA A 1 8 ? 6.459   1.771  -2.993 1.00 0.00 ? 8 ALA A HB2  15 
ATOM   1665 H HB3  . ALA A 1 8 ? 7.673   1.909  -1.722 1.00 0.00 ? 8 ALA A HB3  15 
# 
